data_9CZA
#
_entry.id   9CZA
#
_cell.length_a   96.255
_cell.length_b   132.058
_cell.length_c   168.607
_cell.angle_alpha   90.00
_cell.angle_beta   90.00
_cell.angle_gamma   90.00
#
_symmetry.space_group_name_H-M   'P 21 21 21'
#
loop_
_entity.id
_entity.type
_entity.pdbx_description
1 polymer 'Integrin alpha-V heavy chain'
2 polymer 'Integrin beta-6'
3 polymer '17E6 Fab light chain'
4 polymer '17E6 Fab heavy chain'
5 branched beta-D-mannopyranose-(1-4)-2-acetamido-2-deoxy-beta-D-glucopyranose-(1-4)-2-acetamido-2-deoxy-beta-D-glucopyranose
6 branched alpha-D-mannopyranose-(1-3)-[alpha-D-mannopyranose-(1-6)]alpha-D-mannopyranose-(1-6)-beta-D-mannopyranose-(1-4)-2-acetamido-2-deoxy-beta-D-glucopyranose-(1-4)-2-acetamido-2-deoxy-beta-D-glucopyranose
7 branched alpha-D-mannopyranose-(1-3)-[alpha-D-mannopyranose-(1-6)]beta-D-mannopyranose-(1-4)-2-acetamido-2-deoxy-beta-D-glucopyranose-(1-4)-2-acetamido-2-deoxy-beta-D-glucopyranose
8 branched 2-acetamido-2-deoxy-beta-D-glucopyranose-(1-4)-2-acetamido-2-deoxy-beta-D-glucopyranose
9 non-polymer 'CALCIUM ION'
10 non-polymer alpha-D-mannopyranose
11 non-polymer GLYCEROL
12 non-polymer 'MAGNESIUM ION'
13 non-polymer '(2S)-(2-cyclopropylphenyl){(3R)-3-[4-(5,6,7,8-tetrahydro-1,8-naphthyridin-2-yl)butoxy]pyrrolidin-1-yl}acetic acid'
14 non-polymer 2-acetamido-2-deoxy-beta-D-glucopyranose
15 non-polymer 'ACETATE ION'
16 water water
#
loop_
_entity_poly.entity_id
_entity_poly.type
_entity_poly.pdbx_seq_one_letter_code
_entity_poly.pdbx_strand_id
1 'polypeptide(L)'
;FNLDVDSPAEYSGPEGSYFGFAVDFFVPSASSRMFLLVGAPKANTTQPGIVEGGQVLKCDWSSTRRCQPIEFDATGNRDY
AKDDPLEFKSHQWFGASVRSKQDKILACAPLYHWRTEMKQEREPVGTCFLQDGTKTVEYAPCRSQDIDADGQGFCQGGFS
IDFTKADRVLLGGPGSFYWQGQLISDQVAEIVSKYDPNVYSIKYNNQLATRTAQAIFDDSYLGYSVAVGDFNGDGIDDFV
SGVPRAARTLGMVYIYDGKNMSSLYNFTGEQMAAYFGFSVAATDINGDDYADVFIGAPLFMDRGSDGKLQEVGQVSVSLQ
RASGDFQTTKLNGFEVFARFGSAIAPLGDLDQDGFNDIAIAAPYGGEDKKGIVYIFNGRSTGLNAVPSQILEGQWAARSC
PPSFGYSMKGATDIDKNGYPDLIVGAFGVDRAILYRARPVITVNAGLEVYPSILNQDNKTCSLPGTALKVSCFNVRFCLK
ADGKGVLPRKLNFQVELLLDKLKQKGAIRRALFLYSRSPSHSKNMTISRGGLMQCEELIAYLRDESEFRDKLTPITIFME
YRLDYRTAADTTGLQPILNQFTPANISRQAHILLDGGSLEVLFQG
;
A
2 'polypeptide(L)'
;GCALGGAETCEDCLLIGPQCAWCAQENFTHPSGVGERCDTPANLLAKGCQLNFIENPVSQVEILKNKPLSVGRQKNSSDI
VQIAPQSLILKLRPGGAQTLQVHVRQTEDYPVDLYYLMDLSASMDDDLNTIKELGSRLSKEMSKLTSNFRLGFGSFVEKP
VSPFVKTTPEEIANPCSSIPYFCLPTFGFKHILPLTNDAERFNEIVKNQKISANIDTPEGGFDAIMQAAVCKEKIGWRND
SLHLLVFVSDADSHFGMDSKLAGIVCPNDGLCHLDSKNEYSMSTVLEYPTIGQLIDKLVQNNVLLIFAVTQEQVHLYENY
AKLIPGATVGLLQKDSGNILQLIISAYEELRSEVELEVLGDTEGLNLSFTAICNNGTLFQHQKKCSHMKVGDTASFSVTV
NIPHCERRSRHIIIKPVGLGDALELLVSPECNCDCQKEVEVNSSKCHHGNGSFQCGVCACHPGHMGPRCESGHSLEVLFQ
G
;
B
3 'polypeptide(L)'
;DIQMTQTTSSLSASLGDRVIISCRASQDISNYLSWYQQKPDGTVKLLIFYTSKLHSGVPSRFSGSGSGTDYSLTISNLDQ
EDIATYFCQQGNTFPYTFGGGTKVEMRRADAAPTVSIFPPSSEQLTSGGASVVCFLNNFYPKDINVKWKIDGSERQNGVL
NSWTDQDSKDSTYSFSSTLTLTKDEYERHNSYTCEATHKTSTSPIVKSFNRNEC
;
C
4 'polypeptide(L)'
;QVQLQQSGAELAEPGASVKMSCKASGYTFSSFWMHWVKQRPGQGLEWIGYINPNSGYTECNEIFRDKATMTADTSSSTAY
MQLSGLTSEDSAVYYCASFLGRGAMDYWGQGTSVTVSSAKTTAPSVYPLAPVCGDTTGSSVTLGCLVKGYFPEPVTLTWN
SGSLSAGVHTFPAVLQSSLYTLSSSVTVVASTWPSQSITCNVAHPASSTKVDKKIEPR
;
D
#
# COMPACT_ATOMS: atom_id res chain seq x y z
N PHE A 1 9.95 -29.09 2.09
CA PHE A 1 10.48 -30.20 1.24
C PHE A 1 9.42 -31.15 0.66
N ASN A 2 8.20 -31.11 1.19
CA ASN A 2 7.21 -32.15 0.89
C ASN A 2 6.21 -31.75 -0.19
N LEU A 3 6.39 -30.60 -0.83
CA LEU A 3 5.51 -30.25 -1.94
C LEU A 3 5.75 -31.17 -3.13
N ASP A 4 4.66 -31.64 -3.73
CA ASP A 4 4.75 -32.50 -4.91
C ASP A 4 5.02 -31.63 -6.13
N VAL A 5 6.19 -31.80 -6.74
CA VAL A 5 6.56 -31.05 -7.94
C VAL A 5 6.47 -31.89 -9.21
N ASP A 6 6.27 -33.20 -9.10
CA ASP A 6 6.28 -34.06 -10.27
C ASP A 6 4.98 -33.95 -11.07
N SER A 7 3.85 -33.76 -10.40
CA SER A 7 2.55 -33.70 -11.07
C SER A 7 1.67 -32.68 -10.34
N PRO A 8 2.00 -31.40 -10.47
CA PRO A 8 1.10 -30.35 -9.95
C PRO A 8 -0.09 -30.14 -10.88
N ALA A 9 -1.05 -29.35 -10.38
CA ALA A 9 -2.26 -29.02 -11.12
C ALA A 9 -2.03 -27.68 -11.83
N GLU A 10 -2.17 -27.69 -13.15
CA GLU A 10 -1.81 -26.56 -13.99
C GLU A 10 -3.08 -25.93 -14.57
N TYR A 11 -3.21 -24.61 -14.41
CA TYR A 11 -4.37 -23.86 -14.85
C TYR A 11 -3.93 -22.72 -15.75
N SER A 12 -4.66 -22.50 -16.84
CA SER A 12 -4.33 -21.46 -17.81
C SER A 12 -5.53 -20.57 -18.04
N GLY A 13 -5.24 -19.34 -18.47
CA GLY A 13 -6.26 -18.39 -18.84
C GLY A 13 -6.01 -17.84 -20.23
N PRO A 14 -6.84 -16.89 -20.66
CA PRO A 14 -6.66 -16.32 -22.00
C PRO A 14 -5.31 -15.65 -22.15
N GLU A 15 -4.71 -15.81 -23.33
CA GLU A 15 -3.39 -15.22 -23.58
C GLU A 15 -3.43 -13.72 -23.42
N GLY A 16 -2.47 -13.18 -22.67
CA GLY A 16 -2.36 -11.76 -22.45
C GLY A 16 -3.25 -11.20 -21.35
N SER A 17 -4.02 -12.05 -20.67
CA SER A 17 -4.93 -11.58 -19.64
C SER A 17 -4.26 -11.40 -18.29
N TYR A 18 -2.98 -11.78 -18.16
CA TYR A 18 -2.29 -11.76 -16.87
C TYR A 18 -2.98 -12.69 -15.87
N PHE A 19 -3.61 -13.74 -16.39
CA PHE A 19 -4.12 -14.82 -15.56
C PHE A 19 -3.03 -15.33 -14.62
N GLY A 20 -3.26 -15.22 -13.32
CA GLY A 20 -2.28 -15.56 -12.32
C GLY A 20 -1.62 -14.39 -11.64
N PHE A 21 -2.02 -13.15 -11.98
CA PHE A 21 -1.47 -11.98 -11.31
C PHE A 21 -1.83 -11.98 -9.83
N ALA A 22 -2.93 -12.63 -9.47
CA ALA A 22 -3.37 -12.74 -8.09
C ALA A 22 -4.07 -14.08 -7.92
N VAL A 23 -3.81 -14.74 -6.79
CA VAL A 23 -4.37 -16.06 -6.53
C VAL A 23 -4.84 -16.14 -5.09
N ASP A 24 -5.87 -16.95 -4.86
CA ASP A 24 -6.36 -17.22 -3.52
C ASP A 24 -7.10 -18.54 -3.53
N PHE A 25 -7.44 -19.01 -2.34
CA PHE A 25 -8.30 -20.17 -2.16
C PHE A 25 -9.73 -19.72 -1.89
N PHE A 26 -10.69 -20.57 -2.25
CA PHE A 26 -12.09 -20.34 -1.94
C PHE A 26 -12.60 -21.54 -1.14
N VAL A 27 -13.01 -21.29 0.10
CA VAL A 27 -13.59 -22.32 0.96
C VAL A 27 -14.99 -21.88 1.36
N PRO A 28 -16.01 -22.17 0.55
CA PRO A 28 -17.38 -21.78 0.92
C PRO A 28 -17.78 -22.33 2.27
N SER A 29 -18.73 -21.64 2.91
CA SER A 29 -19.18 -22.01 4.25
C SER A 29 -20.33 -23.01 4.18
N ALA A 30 -20.03 -24.16 3.56
CA ALA A 30 -20.94 -25.30 3.58
C ALA A 30 -20.15 -26.61 3.61
N SER A 31 -18.88 -26.58 3.97
CA SER A 31 -17.99 -27.73 3.84
C SER A 31 -18.10 -28.33 2.45
N SER A 32 -18.34 -27.48 1.46
CA SER A 32 -18.53 -27.92 0.09
C SER A 32 -17.18 -28.17 -0.56
N ARG A 33 -17.20 -28.37 -1.88
CA ARG A 33 -15.96 -28.43 -2.63
C ARG A 33 -15.17 -27.15 -2.41
N MET A 34 -13.87 -27.23 -2.68
CA MET A 34 -12.99 -26.06 -2.61
C MET A 34 -12.52 -25.72 -4.02
N PHE A 35 -12.22 -24.43 -4.22
CA PHE A 35 -11.85 -23.92 -5.53
C PHE A 35 -10.61 -23.04 -5.41
N LEU A 36 -10.07 -22.68 -6.57
CA LEU A 36 -9.02 -21.68 -6.67
C LEU A 36 -9.61 -20.40 -7.24
N LEU A 37 -9.21 -19.27 -6.67
CA LEU A 37 -9.53 -17.96 -7.22
C LEU A 37 -8.28 -17.42 -7.89
N VAL A 38 -8.40 -17.06 -9.17
CA VAL A 38 -7.28 -16.57 -9.95
C VAL A 38 -7.69 -15.26 -10.63
N GLY A 39 -6.95 -14.20 -10.34
CA GLY A 39 -7.20 -12.91 -10.97
C GLY A 39 -6.55 -12.83 -12.33
N ALA A 40 -7.32 -12.36 -13.33
CA ALA A 40 -6.82 -12.13 -14.68
C ALA A 40 -7.15 -10.69 -15.04
N PRO A 41 -6.33 -9.73 -14.60
CA PRO A 41 -6.75 -8.32 -14.63
C PRO A 41 -6.76 -7.67 -16.01
N LYS A 42 -6.22 -8.32 -17.04
CA LYS A 42 -6.26 -7.78 -18.39
C LYS A 42 -7.19 -8.57 -19.30
N ALA A 43 -8.03 -9.44 -18.74
CA ALA A 43 -8.89 -10.28 -19.54
C ALA A 43 -10.06 -9.48 -20.11
N ASN A 44 -10.42 -9.77 -21.34
CA ASN A 44 -11.58 -9.16 -21.97
C ASN A 44 -12.84 -9.80 -21.41
N THR A 45 -13.89 -8.98 -21.28
CA THR A 45 -15.14 -9.41 -20.69
C THR A 45 -16.29 -9.06 -21.64
N THR A 46 -17.48 -9.54 -21.29
CA THR A 46 -18.69 -9.26 -22.04
C THR A 46 -19.36 -7.96 -21.61
N GLN A 47 -18.72 -7.17 -20.77
CA GLN A 47 -19.28 -5.90 -20.34
C GLN A 47 -19.40 -4.97 -21.55
N PRO A 48 -20.60 -4.51 -21.92
CA PRO A 48 -20.73 -3.67 -23.10
C PRO A 48 -19.74 -2.50 -23.11
N GLY A 49 -19.03 -2.36 -24.22
CA GLY A 49 -18.14 -1.24 -24.43
C GLY A 49 -16.82 -1.28 -23.69
N ILE A 50 -16.60 -2.28 -22.84
CA ILE A 50 -15.43 -2.32 -21.97
C ILE A 50 -14.35 -3.19 -22.61
N VAL A 51 -13.12 -2.70 -22.56
CA VAL A 51 -11.96 -3.39 -23.11
C VAL A 51 -11.01 -3.71 -21.95
N GLU A 52 -10.60 -4.96 -21.86
CA GLU A 52 -9.67 -5.42 -20.82
C GLU A 52 -10.11 -4.93 -19.45
N GLY A 53 -11.38 -5.19 -19.11
CA GLY A 53 -11.88 -4.88 -17.79
C GLY A 53 -11.34 -5.78 -16.71
N GLY A 54 -10.89 -6.98 -17.06
CA GLY A 54 -10.38 -7.93 -16.10
C GLY A 54 -11.48 -8.80 -15.51
N GLN A 55 -11.07 -9.94 -14.97
CA GLN A 55 -12.03 -10.84 -14.34
C GLN A 55 -11.34 -11.70 -13.30
N VAL A 56 -12.15 -12.31 -12.44
CA VAL A 56 -11.71 -13.25 -11.41
C VAL A 56 -12.35 -14.59 -11.70
N LEU A 57 -11.52 -15.63 -11.81
CA LEU A 57 -11.99 -16.94 -12.23
C LEU A 57 -12.02 -17.89 -11.04
N LYS A 58 -13.10 -18.67 -10.95
CA LYS A 58 -13.22 -19.76 -9.99
C LYS A 58 -12.84 -21.05 -10.70
N CYS A 59 -11.84 -21.76 -10.16
CA CYS A 59 -11.28 -22.93 -10.81
C CYS A 59 -11.59 -24.17 -9.97
N ASP A 60 -12.21 -25.17 -10.60
CA ASP A 60 -12.51 -26.40 -9.89
C ASP A 60 -11.22 -27.17 -9.62
N TRP A 61 -11.30 -28.11 -8.67
CA TRP A 61 -10.18 -28.95 -8.33
C TRP A 61 -10.51 -30.41 -8.64
N SER A 62 -9.63 -31.05 -9.41
CA SER A 62 -9.74 -32.46 -9.77
C SER A 62 -10.97 -32.74 -10.63
N SER A 63 -11.44 -31.74 -11.37
CA SER A 63 -12.51 -31.91 -12.35
C SER A 63 -12.09 -31.26 -13.67
N THR A 64 -11.02 -31.81 -14.25
CA THR A 64 -10.44 -31.36 -15.52
C THR A 64 -9.88 -29.94 -15.44
N ARG A 65 -9.62 -29.44 -14.23
CA ARG A 65 -8.92 -28.18 -14.04
C ARG A 65 -9.60 -27.03 -14.79
N ARG A 66 -10.92 -26.93 -14.65
CA ARG A 66 -11.68 -25.94 -15.39
C ARG A 66 -11.91 -24.68 -14.55
N CYS A 67 -11.77 -23.54 -15.20
CA CYS A 67 -12.04 -22.23 -14.59
C CYS A 67 -13.18 -21.55 -15.33
N GLN A 68 -14.07 -20.93 -14.58
CA GLN A 68 -15.11 -20.07 -15.13
C GLN A 68 -15.08 -18.72 -14.43
N PRO A 69 -15.39 -17.64 -15.15
CA PRO A 69 -15.37 -16.32 -14.50
C PRO A 69 -16.47 -16.18 -13.47
N ILE A 70 -16.18 -15.43 -12.41
CA ILE A 70 -17.17 -15.06 -11.42
C ILE A 70 -17.81 -13.76 -11.88
N GLU A 71 -19.14 -13.75 -12.02
CA GLU A 71 -19.88 -12.57 -12.45
C GLU A 71 -20.03 -11.63 -11.26
N PHE A 72 -19.08 -10.71 -11.13
CA PHE A 72 -19.21 -9.62 -10.15
C PHE A 72 -20.02 -8.47 -10.70
N ASP A 73 -19.86 -8.17 -11.99
CA ASP A 73 -20.48 -7.00 -12.60
C ASP A 73 -20.56 -7.26 -14.10
N ALA A 74 -21.77 -7.45 -14.62
CA ALA A 74 -21.98 -7.66 -16.04
C ALA A 74 -22.08 -6.38 -16.84
N THR A 75 -22.20 -5.23 -16.17
CA THR A 75 -22.55 -3.98 -16.85
C THR A 75 -21.29 -3.25 -17.33
N GLY A 76 -21.51 -2.37 -18.29
CA GLY A 76 -20.48 -1.46 -18.74
C GLY A 76 -20.45 -0.18 -17.93
N ASN A 77 -20.17 0.94 -18.57
CA ASN A 77 -20.02 2.21 -17.88
C ASN A 77 -21.37 2.90 -17.70
N ARG A 78 -21.66 3.32 -16.48
CA ARG A 78 -22.80 4.18 -16.23
C ARG A 78 -22.55 5.56 -16.84
N ASP A 79 -23.62 6.22 -17.24
CA ASP A 79 -23.55 7.56 -17.79
C ASP A 79 -23.93 8.59 -16.74
N TYR A 80 -23.15 9.67 -16.66
CA TYR A 80 -23.63 10.86 -15.98
C TYR A 80 -24.63 11.61 -16.85
N ALA A 81 -24.47 11.51 -18.17
CA ALA A 81 -25.35 12.16 -19.14
C ALA A 81 -25.04 11.52 -20.49
N LYS A 82 -25.88 11.81 -21.47
CA LYS A 82 -25.68 11.26 -22.81
C LYS A 82 -24.27 11.55 -23.30
N ASP A 83 -23.54 10.51 -23.67
CA ASP A 83 -22.16 10.62 -24.15
C ASP A 83 -21.24 11.20 -23.10
N ASP A 84 -21.61 11.10 -21.82
CA ASP A 84 -20.82 11.62 -20.71
C ASP A 84 -20.72 10.52 -19.65
N PRO A 85 -19.78 9.59 -19.81
CA PRO A 85 -19.73 8.45 -18.88
C PRO A 85 -19.41 8.90 -17.47
N LEU A 86 -20.11 8.29 -16.51
CA LEU A 86 -19.83 8.54 -15.11
C LEU A 86 -18.56 7.83 -14.66
N GLU A 87 -18.23 6.69 -15.28
CA GLU A 87 -17.10 5.86 -14.88
C GLU A 87 -16.47 5.28 -16.14
N PHE A 88 -15.26 4.74 -15.98
CA PHE A 88 -14.51 4.15 -17.08
C PHE A 88 -13.94 2.82 -16.61
N LYS A 89 -14.49 1.71 -17.09
CA LYS A 89 -14.13 0.39 -16.63
C LYS A 89 -13.06 -0.27 -17.48
N SER A 90 -12.77 0.24 -18.68
CA SER A 90 -11.74 -0.36 -19.52
C SER A 90 -10.37 -0.21 -18.85
N HIS A 91 -9.57 -1.27 -18.96
CA HIS A 91 -8.22 -1.30 -18.39
C HIS A 91 -8.23 -0.94 -16.91
N GLN A 92 -9.34 -1.26 -16.22
CA GLN A 92 -9.45 -0.99 -14.80
C GLN A 92 -8.69 -1.99 -13.95
N TRP A 93 -8.23 -3.11 -14.54
CA TRP A 93 -7.44 -4.12 -13.85
C TRP A 93 -8.26 -4.82 -12.76
N PHE A 94 -9.53 -5.09 -13.04
CA PHE A 94 -10.33 -5.85 -12.09
C PHE A 94 -9.73 -7.24 -11.95
N GLY A 95 -9.48 -7.64 -10.70
CA GLY A 95 -8.78 -8.88 -10.43
C GLY A 95 -7.31 -8.71 -10.12
N ALA A 96 -6.82 -7.48 -10.00
CA ALA A 96 -5.44 -7.27 -9.57
C ALA A 96 -5.22 -7.78 -8.16
N SER A 97 -6.26 -7.74 -7.32
CA SER A 97 -6.21 -8.31 -5.98
C SER A 97 -7.51 -9.05 -5.73
N VAL A 98 -7.39 -10.29 -5.23
CA VAL A 98 -8.53 -11.11 -4.89
C VAL A 98 -8.27 -11.74 -3.54
N ARG A 99 -9.19 -11.55 -2.59
CA ARG A 99 -9.08 -12.17 -1.28
C ARG A 99 -10.44 -12.75 -0.90
N SER A 100 -10.40 -13.87 -0.20
CA SER A 100 -11.60 -14.61 0.15
C SER A 100 -11.53 -15.03 1.61
N LYS A 101 -12.64 -14.86 2.32
CA LYS A 101 -12.80 -15.34 3.68
C LYS A 101 -14.14 -16.04 3.78
N GLN A 102 -14.10 -17.37 3.93
CA GLN A 102 -15.32 -18.17 4.01
C GLN A 102 -16.19 -17.89 2.79
N ASP A 103 -17.44 -17.47 2.96
CA ASP A 103 -18.30 -17.25 1.80
C ASP A 103 -17.89 -16.03 0.99
N LYS A 104 -17.24 -15.05 1.62
CA LYS A 104 -17.03 -13.76 0.99
C LYS A 104 -15.82 -13.78 0.06
N ILE A 105 -15.94 -13.10 -1.08
CA ILE A 105 -14.85 -12.87 -2.01
C ILE A 105 -14.76 -11.37 -2.26
N LEU A 106 -13.56 -10.81 -2.15
CA LEU A 106 -13.30 -9.41 -2.41
C LEU A 106 -12.30 -9.29 -3.54
N ALA A 107 -12.67 -8.56 -4.60
CA ALA A 107 -11.81 -8.33 -5.75
C ALA A 107 -11.91 -6.87 -6.15
N CYS A 108 -10.78 -6.28 -6.56
CA CYS A 108 -10.70 -4.85 -6.78
C CYS A 108 -10.13 -4.53 -8.16
N ALA A 109 -10.44 -3.33 -8.63
CA ALA A 109 -9.92 -2.77 -9.89
C ALA A 109 -9.18 -1.49 -9.54
N PRO A 110 -7.88 -1.56 -9.29
CA PRO A 110 -7.15 -0.36 -8.82
C PRO A 110 -7.01 0.73 -9.87
N LEU A 111 -7.36 0.49 -11.13
CA LEU A 111 -7.26 1.50 -12.17
C LEU A 111 -8.63 1.90 -12.73
N TYR A 112 -9.70 1.58 -12.01
CA TYR A 112 -11.01 2.11 -12.31
C TYR A 112 -11.01 3.63 -12.16
N HIS A 113 -11.46 4.34 -13.20
CA HIS A 113 -11.54 5.79 -13.17
C HIS A 113 -12.99 6.22 -13.06
N TRP A 114 -13.20 7.37 -12.41
CA TRP A 114 -14.53 7.89 -12.16
C TRP A 114 -14.55 9.38 -12.49
N ARG A 115 -15.65 9.83 -13.07
CA ARG A 115 -15.72 11.16 -13.65
C ARG A 115 -15.94 12.22 -12.59
N THR A 116 -16.69 11.89 -11.53
CA THR A 116 -17.18 12.87 -10.55
C THR A 116 -18.40 13.57 -11.13
N GLU A 117 -19.22 14.16 -10.25
CA GLU A 117 -20.46 14.78 -10.67
C GLU A 117 -20.33 16.27 -10.94
N MET A 118 -19.30 16.94 -10.39
CA MET A 118 -19.15 18.36 -10.61
C MET A 118 -18.51 18.67 -11.96
N LYS A 119 -17.45 17.94 -12.31
CA LYS A 119 -16.65 18.25 -13.48
C LYS A 119 -16.35 16.96 -14.23
N GLN A 120 -15.95 17.12 -15.50
CA GLN A 120 -15.52 15.98 -16.30
C GLN A 120 -14.07 15.65 -15.95
N GLU A 121 -13.87 14.56 -15.22
CA GLU A 121 -12.55 14.11 -14.82
C GLU A 121 -12.42 12.62 -15.16
N ARG A 122 -11.23 12.06 -14.88
CA ARG A 122 -10.96 10.63 -15.00
C ARG A 122 -10.03 10.30 -13.84
N GLU A 123 -10.60 10.13 -12.65
CA GLU A 123 -9.82 10.04 -11.44
C GLU A 123 -9.71 8.58 -11.02
N PRO A 124 -8.51 7.99 -11.02
CA PRO A 124 -8.37 6.58 -10.67
C PRO A 124 -8.55 6.33 -9.18
N VAL A 125 -9.80 6.43 -8.70
CA VAL A 125 -10.07 6.17 -7.30
C VAL A 125 -10.06 4.68 -6.98
N GLY A 126 -10.22 3.82 -7.98
CA GLY A 126 -10.30 2.39 -7.74
C GLY A 126 -11.65 1.98 -7.21
N THR A 127 -12.04 0.73 -7.46
CA THR A 127 -13.29 0.20 -6.93
C THR A 127 -13.09 -1.28 -6.64
N CYS A 128 -13.92 -1.80 -5.73
CA CYS A 128 -13.94 -3.21 -5.41
C CYS A 128 -15.38 -3.72 -5.49
N PHE A 129 -15.51 -5.03 -5.65
CA PHE A 129 -16.80 -5.71 -5.55
C PHE A 129 -16.67 -6.80 -4.49
N LEU A 130 -17.67 -6.87 -3.63
CA LEU A 130 -17.71 -7.84 -2.53
C LEU A 130 -18.89 -8.78 -2.77
N GLN A 131 -18.58 -10.05 -2.97
CA GLN A 131 -19.58 -11.09 -3.17
C GLN A 131 -19.65 -11.92 -1.90
N ASP A 132 -20.73 -11.74 -1.13
CA ASP A 132 -20.91 -12.46 0.12
C ASP A 132 -21.63 -13.79 -0.06
N GLY A 133 -22.33 -13.97 -1.17
CA GLY A 133 -23.08 -15.18 -1.44
C GLY A 133 -23.98 -14.95 -2.63
N THR A 134 -25.29 -14.94 -2.40
CA THR A 134 -26.20 -14.47 -3.44
C THR A 134 -25.96 -13.00 -3.75
N LYS A 135 -25.56 -12.23 -2.75
CA LYS A 135 -25.50 -10.77 -2.88
C LYS A 135 -24.10 -10.31 -3.28
N THR A 136 -24.05 -9.31 -4.15
CA THR A 136 -22.82 -8.66 -4.56
C THR A 136 -23.02 -7.15 -4.44
N VAL A 137 -22.06 -6.47 -3.83
CA VAL A 137 -22.13 -5.02 -3.66
C VAL A 137 -20.80 -4.42 -4.13
N GLU A 138 -20.87 -3.18 -4.59
CA GLU A 138 -19.67 -2.42 -4.88
C GLU A 138 -19.11 -1.84 -3.58
N TYR A 139 -17.79 -1.67 -3.55
CA TYR A 139 -17.11 -1.11 -2.38
C TYR A 139 -15.95 -0.26 -2.90
N ALA A 140 -16.17 1.04 -2.99
CA ALA A 140 -15.19 2.00 -3.50
C ALA A 140 -14.97 3.08 -2.44
N PRO A 141 -14.29 2.74 -1.35
CA PRO A 141 -14.17 3.69 -0.24
C PRO A 141 -13.42 4.96 -0.59
N CYS A 142 -12.64 4.96 -1.67
CA CYS A 142 -11.94 6.16 -2.11
C CYS A 142 -12.73 6.96 -3.14
N ARG A 143 -13.85 6.43 -3.64
CA ARG A 143 -14.75 7.20 -4.49
C ARG A 143 -15.61 8.10 -3.60
N SER A 144 -14.95 9.09 -3.02
CA SER A 144 -15.57 10.02 -2.08
C SER A 144 -15.75 11.37 -2.74
N GLN A 145 -16.14 12.36 -1.94
CA GLN A 145 -16.23 13.74 -2.39
C GLN A 145 -14.93 14.50 -2.16
N ASP A 146 -13.85 13.78 -1.81
CA ASP A 146 -12.53 14.37 -1.58
C ASP A 146 -11.72 14.22 -2.87
N ILE A 147 -11.96 15.13 -3.80
CA ILE A 147 -11.54 14.95 -5.18
C ILE A 147 -10.06 15.27 -5.35
N ASP A 148 -9.51 14.80 -6.48
CA ASP A 148 -8.19 15.18 -6.98
C ASP A 148 -7.04 14.56 -6.20
N ALA A 149 -5.82 14.74 -6.71
CA ALA A 149 -4.63 14.15 -6.10
C ALA A 149 -4.50 14.51 -4.63
N ASP A 150 -4.76 15.76 -4.26
CA ASP A 150 -4.65 16.14 -2.86
C ASP A 150 -5.69 15.43 -2.00
N GLY A 151 -6.78 14.98 -2.60
CA GLY A 151 -7.77 14.18 -1.88
C GLY A 151 -7.59 12.71 -2.11
N GLN A 152 -8.66 12.02 -2.50
CA GLN A 152 -8.61 10.58 -2.78
C GLN A 152 -8.89 10.28 -4.26
N GLY A 153 -8.74 11.28 -5.13
CA GLY A 153 -9.08 11.07 -6.53
C GLY A 153 -8.16 10.09 -7.24
N PHE A 154 -6.90 10.01 -6.80
CA PHE A 154 -5.92 9.11 -7.40
C PHE A 154 -5.50 8.02 -6.43
N CYS A 155 -6.41 7.69 -5.50
CA CYS A 155 -6.12 6.75 -4.44
C CYS A 155 -5.84 5.34 -4.94
N GLN A 156 -6.49 4.93 -6.03
CA GLN A 156 -6.40 3.57 -6.53
C GLN A 156 -6.75 2.58 -5.42
N GLY A 157 -7.89 2.82 -4.76
CA GLY A 157 -8.34 1.97 -3.68
C GLY A 157 -8.53 0.53 -4.11
N GLY A 158 -7.98 -0.40 -3.31
CA GLY A 158 -7.97 -1.80 -3.67
C GLY A 158 -6.64 -2.29 -4.23
N PHE A 159 -5.67 -1.40 -4.39
CA PHE A 159 -4.33 -1.80 -4.82
C PHE A 159 -3.85 -3.01 -4.02
N SER A 160 -4.17 -3.07 -2.73
CA SER A 160 -3.94 -4.25 -1.91
C SER A 160 -5.09 -4.37 -0.91
N ILE A 161 -5.43 -5.61 -0.56
CA ILE A 161 -6.57 -5.90 0.31
C ILE A 161 -6.24 -7.07 1.23
N ASP A 162 -7.05 -7.20 2.27
CA ASP A 162 -7.01 -8.38 3.14
C ASP A 162 -8.24 -8.36 4.05
N PHE A 163 -8.50 -9.50 4.68
CA PHE A 163 -9.56 -9.64 5.66
C PHE A 163 -8.96 -9.80 7.05
N THR A 164 -9.61 -9.21 8.05
CA THR A 164 -9.29 -9.52 9.43
C THR A 164 -10.10 -10.73 9.88
N LYS A 165 -9.69 -11.33 10.99
CA LYS A 165 -10.41 -12.51 11.48
C LYS A 165 -11.80 -12.17 11.97
N ALA A 166 -12.05 -10.91 12.33
CA ALA A 166 -13.38 -10.45 12.75
C ALA A 166 -14.17 -9.83 11.61
N ASP A 167 -13.87 -10.21 10.37
CA ASP A 167 -14.62 -9.78 9.20
C ASP A 167 -14.61 -8.26 9.04
N ARG A 168 -13.43 -7.67 9.20
CA ARG A 168 -13.16 -6.34 8.68
C ARG A 168 -12.36 -6.48 7.39
N VAL A 169 -12.48 -5.49 6.53
CA VAL A 169 -11.66 -5.39 5.32
C VAL A 169 -10.50 -4.46 5.63
N LEU A 170 -9.32 -4.79 5.09
CA LEU A 170 -8.19 -3.87 5.07
C LEU A 170 -7.90 -3.57 3.61
N LEU A 171 -7.94 -2.29 3.26
CA LEU A 171 -7.76 -1.83 1.89
C LEU A 171 -6.63 -0.83 1.83
N GLY A 172 -5.75 -0.99 0.84
CA GLY A 172 -4.64 -0.10 0.62
C GLY A 172 -4.88 0.76 -0.61
N GLY A 173 -4.67 2.07 -0.44
CA GLY A 173 -4.78 3.01 -1.52
C GLY A 173 -3.53 3.87 -1.61
N PRO A 174 -2.57 3.47 -2.46
CA PRO A 174 -1.26 4.14 -2.42
C PRO A 174 -1.25 5.57 -2.95
N GLY A 175 -2.33 6.04 -3.57
CA GLY A 175 -2.31 7.33 -4.22
C GLY A 175 -2.88 8.49 -3.44
N SER A 176 -3.58 8.20 -2.34
CA SER A 176 -4.28 9.26 -1.60
C SER A 176 -3.31 10.35 -1.15
N PHE A 177 -3.79 11.59 -1.19
CA PHE A 177 -3.11 12.72 -0.56
C PHE A 177 -1.72 12.94 -1.16
N TYR A 178 -1.71 13.20 -2.46
CA TYR A 178 -0.46 13.34 -3.23
C TYR A 178 0.47 12.16 -2.96
N TRP A 179 -0.09 10.97 -3.07
CA TRP A 179 0.63 9.71 -3.01
C TRP A 179 1.29 9.46 -1.67
N GLN A 180 0.79 10.11 -0.62
CA GLN A 180 1.11 9.64 0.72
C GLN A 180 0.62 8.22 0.93
N GLY A 181 -0.48 7.85 0.26
CA GLY A 181 -1.10 6.56 0.46
C GLY A 181 -2.06 6.57 1.65
N GLN A 182 -2.79 5.48 1.79
CA GLN A 182 -3.87 5.44 2.76
C GLN A 182 -4.30 4.00 3.01
N LEU A 183 -4.61 3.70 4.26
CA LEU A 183 -5.28 2.46 4.64
C LEU A 183 -6.70 2.78 5.06
N ILE A 184 -7.64 1.94 4.65
CA ILE A 184 -9.04 2.07 5.01
C ILE A 184 -9.55 0.72 5.45
N SER A 185 -10.36 0.70 6.51
CA SER A 185 -10.92 -0.54 7.02
C SER A 185 -12.40 -0.35 7.33
N ASP A 186 -13.22 -1.23 6.77
CA ASP A 186 -14.67 -1.20 6.96
C ASP A 186 -15.16 -2.59 7.34
N GLN A 187 -16.15 -2.62 8.22
CA GLN A 187 -16.82 -3.86 8.56
C GLN A 187 -17.59 -4.36 7.34
N VAL A 188 -17.47 -5.66 7.03
CA VAL A 188 -18.21 -6.18 5.87
C VAL A 188 -19.70 -5.98 6.07
N ALA A 189 -20.18 -6.08 7.32
CA ALA A 189 -21.58 -5.81 7.58
C ALA A 189 -21.98 -4.42 7.08
N GLU A 190 -21.15 -3.42 7.37
CA GLU A 190 -21.40 -2.07 6.86
C GLU A 190 -21.37 -2.06 5.34
N ILE A 191 -20.42 -2.77 4.73
CA ILE A 191 -20.22 -2.67 3.28
C ILE A 191 -21.46 -3.15 2.54
N VAL A 192 -22.13 -4.19 3.05
CA VAL A 192 -23.30 -4.71 2.38
C VAL A 192 -24.57 -4.00 2.83
N SER A 193 -24.67 -3.63 4.10
CA SER A 193 -25.92 -3.05 4.61
C SER A 193 -26.08 -1.60 4.18
N LYS A 194 -25.00 -0.83 4.15
CA LYS A 194 -25.06 0.56 3.71
C LYS A 194 -25.05 0.69 2.20
N TYR A 195 -24.90 -0.41 1.46
CA TYR A 195 -24.79 -0.31 0.01
C TYR A 195 -26.10 0.20 -0.58
N ASP A 196 -26.01 1.29 -1.32
CA ASP A 196 -27.12 1.83 -2.11
C ASP A 196 -26.58 2.18 -3.48
N PRO A 197 -27.00 1.50 -4.55
CA PRO A 197 -26.42 1.79 -5.88
C PRO A 197 -26.70 3.20 -6.36
N ASN A 198 -27.71 3.87 -5.81
CA ASN A 198 -28.00 5.26 -6.19
C ASN A 198 -27.02 6.26 -5.58
N VAL A 199 -26.17 5.83 -4.66
CA VAL A 199 -25.26 6.73 -3.96
C VAL A 199 -23.83 6.27 -4.25
N TYR A 200 -23.05 7.16 -4.88
CA TYR A 200 -21.71 6.79 -5.32
C TYR A 200 -20.68 6.89 -4.20
N SER A 201 -20.92 7.74 -3.20
CA SER A 201 -20.03 7.89 -2.04
C SER A 201 -20.84 7.51 -0.81
N ILE A 202 -20.58 6.33 -0.27
CA ILE A 202 -21.39 5.74 0.79
C ILE A 202 -20.78 6.07 2.14
N LYS A 203 -21.63 6.45 3.09
CA LYS A 203 -21.21 6.79 4.45
C LYS A 203 -21.23 5.53 5.30
N TYR A 204 -20.08 4.90 5.46
CA TYR A 204 -19.95 3.74 6.33
C TYR A 204 -19.62 4.23 7.73
N ASN A 205 -20.51 3.93 8.69
CA ASN A 205 -20.16 4.15 10.09
C ASN A 205 -19.07 3.16 10.49
N ASN A 206 -18.27 3.55 11.49
CA ASN A 206 -17.19 2.74 12.02
C ASN A 206 -16.07 2.52 11.01
N GLN A 207 -15.94 3.39 10.01
CA GLN A 207 -14.81 3.28 9.10
C GLN A 207 -13.54 3.77 9.79
N LEU A 208 -12.45 3.04 9.58
CA LEU A 208 -11.13 3.43 10.05
C LEU A 208 -10.30 3.83 8.84
N ALA A 209 -9.67 5.00 8.91
CA ALA A 209 -8.86 5.47 7.80
C ALA A 209 -7.70 6.31 8.32
N THR A 210 -6.54 6.15 7.70
CA THR A 210 -5.44 7.08 7.94
C THR A 210 -5.79 8.45 7.40
N ARG A 211 -5.12 9.47 7.93
CA ARG A 211 -5.45 10.86 7.64
C ARG A 211 -4.34 11.53 6.85
N THR A 212 -4.72 12.59 6.13
CA THR A 212 -3.76 13.41 5.42
C THR A 212 -2.71 13.95 6.37
N ALA A 213 -1.45 13.92 5.93
CA ALA A 213 -0.33 14.39 6.74
C ALA A 213 0.42 15.49 6.00
N GLN A 214 1.47 15.99 6.64
CA GLN A 214 2.26 17.08 6.07
C GLN A 214 2.81 16.67 4.72
N ALA A 215 3.09 17.68 3.89
CA ALA A 215 3.54 17.42 2.53
C ALA A 215 4.84 16.64 2.47
N ILE A 216 5.63 16.65 3.55
CA ILE A 216 6.91 15.95 3.53
C ILE A 216 6.71 14.46 3.32
N PHE A 217 5.54 13.93 3.63
CA PHE A 217 5.23 12.51 3.46
C PHE A 217 4.66 12.18 2.08
N ASP A 218 4.59 13.15 1.18
CA ASP A 218 4.07 12.89 -0.16
C ASP A 218 4.88 11.78 -0.85
N ASP A 219 4.21 11.06 -1.75
CA ASP A 219 4.87 10.08 -2.61
C ASP A 219 5.55 9.00 -1.79
N SER A 220 4.81 8.48 -0.79
CA SER A 220 5.29 7.41 0.07
C SER A 220 4.70 6.04 -0.29
N TYR A 221 3.47 6.03 -0.83
CA TYR A 221 2.81 4.79 -1.26
C TYR A 221 2.39 3.92 -0.09
N LEU A 222 1.83 4.55 0.95
CA LEU A 222 1.18 3.76 2.00
C LEU A 222 0.04 2.95 1.39
N GLY A 223 -0.02 1.67 1.74
CA GLY A 223 -1.01 0.78 1.16
C GLY A 223 -0.56 0.07 -0.10
N TYR A 224 0.70 0.21 -0.48
CA TYR A 224 1.25 -0.58 -1.58
C TYR A 224 1.03 -2.07 -1.33
N SER A 225 1.20 -2.49 -0.08
CA SER A 225 0.91 -3.87 0.33
C SER A 225 0.37 -3.83 1.75
N VAL A 226 -0.41 -4.84 2.10
CA VAL A 226 -0.99 -4.93 3.44
C VAL A 226 -0.96 -6.37 3.93
N ALA A 227 -0.93 -6.52 5.25
CA ALA A 227 -1.17 -7.78 5.93
C ALA A 227 -1.88 -7.46 7.24
N VAL A 228 -2.37 -8.50 7.91
CA VAL A 228 -3.07 -8.32 9.18
C VAL A 228 -2.52 -9.30 10.21
N GLY A 229 -2.57 -8.87 11.47
CA GLY A 229 -2.09 -9.66 12.58
C GLY A 229 -2.15 -8.86 13.87
N ASP A 230 -2.27 -9.54 15.00
CA ASP A 230 -2.33 -8.84 16.28
C ASP A 230 -0.92 -8.53 16.76
N PHE A 231 -0.70 -7.29 17.19
CA PHE A 231 0.62 -6.86 17.64
C PHE A 231 0.57 -6.06 18.93
N ASN A 232 -0.58 -5.99 19.59
CA ASN A 232 -0.66 -5.51 20.97
C ASN A 232 -1.51 -6.46 21.81
N GLY A 233 -1.58 -7.73 21.40
CA GLY A 233 -2.10 -8.79 22.24
C GLY A 233 -3.53 -8.63 22.70
N ASP A 234 -4.34 -7.83 22.02
CA ASP A 234 -5.72 -7.60 22.43
C ASP A 234 -6.72 -8.42 21.62
N GLY A 235 -6.25 -9.38 20.82
CA GLY A 235 -7.12 -10.23 20.04
C GLY A 235 -7.65 -9.62 18.76
N ILE A 236 -7.49 -8.32 18.55
CA ILE A 236 -7.97 -7.63 17.36
C ILE A 236 -6.82 -7.52 16.38
N ASP A 237 -7.02 -8.05 15.17
CA ASP A 237 -5.99 -7.96 14.14
C ASP A 237 -5.63 -6.50 13.87
N ASP A 238 -4.34 -6.24 13.75
CA ASP A 238 -3.82 -4.92 13.45
C ASP A 238 -3.34 -4.89 12.00
N PHE A 239 -3.12 -3.67 11.50
CA PHE A 239 -2.89 -3.44 10.08
C PHE A 239 -1.41 -3.22 9.81
N VAL A 240 -0.82 -4.10 9.00
CA VAL A 240 0.57 -3.96 8.54
C VAL A 240 0.53 -3.51 7.08
N SER A 241 1.37 -2.53 6.73
CA SER A 241 1.34 -2.01 5.37
C SER A 241 2.73 -1.55 4.95
N GLY A 242 3.10 -1.91 3.71
CA GLY A 242 4.37 -1.47 3.16
C GLY A 242 4.27 -0.06 2.60
N VAL A 243 5.31 0.73 2.87
CA VAL A 243 5.37 2.12 2.44
C VAL A 243 6.70 2.31 1.72
N PRO A 244 6.82 1.84 0.48
CA PRO A 244 8.17 1.61 -0.09
C PRO A 244 8.91 2.86 -0.55
N ARG A 245 8.25 4.00 -0.72
CA ARG A 245 8.95 5.23 -1.07
C ARG A 245 9.22 6.12 0.15
N ALA A 246 8.74 5.71 1.33
CA ALA A 246 8.91 6.51 2.52
C ALA A 246 10.38 6.63 2.93
N ALA A 247 10.65 7.56 3.83
CA ALA A 247 12.00 7.81 4.35
C ALA A 247 12.99 8.01 3.21
N ARG A 248 12.60 8.86 2.26
CA ARG A 248 13.40 9.19 1.09
C ARG A 248 13.96 7.93 0.43
N THR A 249 13.03 7.03 0.09
CA THR A 249 13.24 5.82 -0.69
C THR A 249 13.95 4.72 0.08
N LEU A 250 14.23 4.90 1.37
CA LEU A 250 14.66 3.75 2.17
C LEU A 250 13.53 2.75 2.32
N GLY A 251 12.30 3.21 2.29
CA GLY A 251 11.16 2.34 2.51
C GLY A 251 10.84 2.18 3.98
N MET A 252 9.56 2.00 4.26
CA MET A 252 9.11 1.78 5.63
C MET A 252 7.92 0.84 5.60
N VAL A 253 7.60 0.28 6.78
CA VAL A 253 6.41 -0.50 7.00
C VAL A 253 5.75 0.03 8.26
N TYR A 254 4.50 0.48 8.13
CA TYR A 254 3.73 0.99 9.24
C TYR A 254 2.81 -0.11 9.77
N ILE A 255 2.63 -0.14 11.09
CA ILE A 255 1.63 -0.98 11.73
C ILE A 255 0.69 -0.07 12.51
N TYR A 256 -0.60 -0.18 12.22
CA TYR A 256 -1.63 0.60 12.90
C TYR A 256 -2.51 -0.31 13.73
N ASP A 257 -3.09 0.26 14.78
CA ASP A 257 -4.01 -0.49 15.64
C ASP A 257 -5.30 -0.78 14.90
N GLY A 258 -5.69 -2.05 14.89
CA GLY A 258 -6.90 -2.46 14.18
C GLY A 258 -8.20 -2.04 14.85
N LYS A 259 -8.13 -1.28 15.93
CA LYS A 259 -9.30 -0.79 16.63
C LYS A 259 -9.56 0.69 16.40
N ASN A 260 -8.52 1.50 16.29
CA ASN A 260 -8.68 2.94 16.11
C ASN A 260 -7.72 3.53 15.07
N MET A 261 -6.95 2.71 14.36
CA MET A 261 -5.99 3.19 13.36
C MET A 261 -4.89 4.04 13.98
N SER A 262 -4.66 3.90 15.28
CA SER A 262 -3.53 4.55 15.92
C SER A 262 -2.24 3.86 15.52
N SER A 263 -1.16 4.63 15.44
CA SER A 263 0.12 4.10 15.00
C SER A 263 0.78 3.32 16.13
N LEU A 264 1.21 2.09 15.83
CA LEU A 264 1.78 1.20 16.83
C LEU A 264 3.28 1.00 16.67
N TYR A 265 3.76 0.62 15.49
N TYR A 265 3.74 0.58 15.50
CA TYR A 265 5.18 0.35 15.32
CA TYR A 265 5.13 0.24 15.27
C TYR A 265 5.57 0.56 13.87
C TYR A 265 5.54 0.71 13.87
N ASN A 266 6.85 0.88 13.68
CA ASN A 266 7.40 1.24 12.38
C ASN A 266 8.65 0.42 12.11
N PHE A 267 8.82 0.04 10.84
CA PHE A 267 10.07 -0.52 10.34
C PHE A 267 10.59 0.39 9.25
N THR A 268 11.92 0.42 9.11
CA THR A 268 12.57 1.26 8.11
C THR A 268 13.65 0.46 7.39
N GLY A 269 13.73 0.62 6.08
CA GLY A 269 14.74 -0.04 5.30
C GLY A 269 16.14 0.51 5.57
N GLU A 270 17.13 -0.17 5.00
CA GLU A 270 18.53 0.18 5.20
C GLU A 270 19.19 0.76 3.95
N GLN A 271 18.61 0.59 2.77
CA GLN A 271 19.28 0.93 1.53
C GLN A 271 18.37 1.74 0.62
N MET A 272 18.96 2.74 -0.04
CA MET A 272 18.25 3.54 -1.03
C MET A 272 17.58 2.67 -2.08
N ALA A 273 16.27 2.86 -2.25
CA ALA A 273 15.53 2.34 -3.38
C ALA A 273 15.56 0.82 -3.48
N ALA A 274 15.73 0.13 -2.35
CA ALA A 274 15.59 -1.33 -2.36
C ALA A 274 14.14 -1.77 -2.47
N TYR A 275 13.20 -0.83 -2.53
CA TYR A 275 11.77 -1.12 -2.51
C TYR A 275 11.39 -1.95 -1.28
N PHE A 276 11.92 -1.51 -0.13
CA PHE A 276 11.53 -2.06 1.17
C PHE A 276 10.05 -1.82 1.40
N GLY A 277 9.27 -2.90 1.50
CA GLY A 277 7.84 -2.81 1.67
C GLY A 277 7.03 -3.20 0.46
N PHE A 278 7.68 -3.62 -0.63
CA PHE A 278 6.95 -4.11 -1.79
C PHE A 278 6.00 -5.23 -1.41
N SER A 279 6.35 -6.01 -0.39
CA SER A 279 5.51 -7.08 0.11
C SER A 279 5.64 -7.15 1.63
N VAL A 280 4.54 -7.52 2.28
CA VAL A 280 4.55 -7.77 3.71
C VAL A 280 3.70 -9.00 4.01
N ALA A 281 4.02 -9.68 5.11
CA ALA A 281 3.25 -10.82 5.55
C ALA A 281 3.39 -10.93 7.07
N ALA A 282 2.34 -11.45 7.71
CA ALA A 282 2.33 -11.65 9.15
C ALA A 282 1.90 -13.08 9.45
N THR A 283 2.75 -13.83 10.15
CA THR A 283 2.43 -15.20 10.54
C THR A 283 3.39 -15.62 11.65
N ASP A 284 2.88 -16.37 12.63
CA ASP A 284 3.72 -16.88 13.70
C ASP A 284 4.59 -18.00 13.14
N ILE A 285 5.88 -17.72 12.95
CA ILE A 285 6.78 -18.66 12.29
C ILE A 285 7.52 -19.56 13.28
N ASN A 286 7.52 -19.23 14.57
CA ASN A 286 8.29 -19.96 15.57
C ASN A 286 7.41 -20.56 16.66
N GLY A 287 6.09 -20.57 16.49
CA GLY A 287 5.22 -21.34 17.36
C GLY A 287 5.01 -20.79 18.76
N ASP A 288 5.03 -19.47 18.93
CA ASP A 288 4.76 -18.85 20.23
C ASP A 288 3.47 -18.04 20.23
N ASP A 289 2.61 -18.24 19.23
CA ASP A 289 1.32 -17.55 19.13
C ASP A 289 1.47 -16.03 19.09
N TYR A 290 2.65 -15.52 18.75
CA TYR A 290 2.87 -14.11 18.49
C TYR A 290 3.19 -13.96 17.00
N ALA A 291 2.36 -13.17 16.30
CA ALA A 291 2.55 -13.02 14.87
C ALA A 291 3.87 -12.32 14.58
N ASP A 292 4.55 -12.78 13.53
CA ASP A 292 5.86 -12.27 13.13
C ASP A 292 5.75 -11.60 11.78
N VAL A 293 6.52 -10.54 11.59
CA VAL A 293 6.40 -9.67 10.42
C VAL A 293 7.49 -10.02 9.41
N PHE A 294 7.10 -10.12 8.14
CA PHE A 294 8.01 -10.37 7.03
C PHE A 294 7.89 -9.22 6.04
N ILE A 295 9.03 -8.66 5.63
CA ILE A 295 9.08 -7.49 4.76
C ILE A 295 10.04 -7.77 3.62
N GLY A 296 9.55 -7.65 2.39
CA GLY A 296 10.37 -7.90 1.21
C GLY A 296 10.92 -6.61 0.64
N ALA A 297 12.22 -6.63 0.32
CA ALA A 297 12.92 -5.54 -0.35
C ALA A 297 13.56 -6.12 -1.61
N PRO A 298 12.78 -6.28 -2.69
CA PRO A 298 13.26 -7.09 -3.83
C PRO A 298 14.48 -6.50 -4.53
N LEU A 299 14.71 -5.19 -4.46
CA LEU A 299 15.81 -4.56 -5.18
C LEU A 299 17.04 -4.34 -4.30
N PHE A 300 17.05 -4.92 -3.09
CA PHE A 300 18.17 -4.72 -2.18
C PHE A 300 19.45 -5.26 -2.78
N MET A 301 20.51 -4.46 -2.71
CA MET A 301 21.80 -4.82 -3.28
C MET A 301 22.73 -5.32 -2.19
N ASP A 302 23.39 -6.44 -2.45
CA ASP A 302 24.34 -7.07 -1.55
C ASP A 302 25.74 -6.81 -2.05
N ARG A 303 26.70 -6.90 -1.14
CA ARG A 303 28.11 -6.79 -1.51
C ARG A 303 28.64 -8.18 -1.80
N GLY A 304 29.24 -8.35 -2.99
CA GLY A 304 29.72 -9.64 -3.41
C GLY A 304 31.12 -9.92 -2.93
N SER A 305 31.58 -11.15 -3.21
CA SER A 305 32.92 -11.55 -2.81
C SER A 305 33.97 -10.61 -3.37
N ASP A 306 33.71 -10.02 -4.54
CA ASP A 306 34.63 -9.09 -5.19
C ASP A 306 34.42 -7.65 -4.76
N GLY A 307 33.52 -7.40 -3.81
CA GLY A 307 33.22 -6.05 -3.39
C GLY A 307 32.29 -5.29 -4.30
N LYS A 308 31.80 -5.91 -5.37
CA LYS A 308 30.83 -5.27 -6.24
C LYS A 308 29.42 -5.43 -5.67
N LEU A 309 28.65 -4.34 -5.70
CA LEU A 309 27.24 -4.43 -5.38
C LEU A 309 26.55 -5.35 -6.38
N GLN A 310 25.62 -6.16 -5.88
CA GLN A 310 24.84 -7.08 -6.72
C GLN A 310 23.41 -7.09 -6.20
N GLU A 311 22.46 -6.76 -7.07
CA GLU A 311 21.05 -6.73 -6.70
C GLU A 311 20.54 -8.15 -6.59
N VAL A 312 20.23 -8.59 -5.37
CA VAL A 312 19.69 -9.93 -5.15
C VAL A 312 18.39 -9.94 -4.37
N GLY A 313 18.00 -8.85 -3.71
CA GLY A 313 16.80 -8.83 -2.90
C GLY A 313 17.07 -9.31 -1.48
N GLN A 314 16.17 -8.91 -0.59
CA GLN A 314 16.33 -9.22 0.83
C GLN A 314 14.97 -9.21 1.51
N VAL A 315 14.76 -10.20 2.38
CA VAL A 315 13.57 -10.29 3.22
C VAL A 315 14.01 -10.22 4.67
N SER A 316 13.30 -9.43 5.47
CA SER A 316 13.57 -9.30 6.89
C SER A 316 12.49 -10.03 7.68
N VAL A 317 12.90 -10.68 8.77
CA VAL A 317 12.02 -11.47 9.62
C VAL A 317 12.05 -10.85 11.01
N SER A 318 10.90 -10.37 11.48
CA SER A 318 10.78 -9.69 12.76
C SER A 318 9.90 -10.51 13.69
N LEU A 319 10.53 -11.20 14.64
CA LEU A 319 9.80 -12.02 15.60
C LEU A 319 9.20 -11.12 16.69
N GLN A 320 7.87 -11.12 16.78
CA GLN A 320 7.21 -10.35 17.82
C GLN A 320 7.48 -10.97 19.18
N ARG A 321 7.68 -10.11 20.18
CA ARG A 321 7.91 -10.53 21.55
C ARG A 321 6.90 -9.86 22.46
N ALA A 322 6.56 -10.54 23.56
CA ALA A 322 5.56 -10.02 24.48
C ALA A 322 5.91 -8.61 24.95
N SER A 323 7.20 -8.29 25.03
CA SER A 323 7.65 -6.99 25.48
C SER A 323 7.40 -5.88 24.47
N GLY A 324 6.73 -6.16 23.35
CA GLY A 324 6.44 -5.18 22.34
C GLY A 324 7.54 -4.96 21.32
N ASP A 325 8.77 -5.36 21.64
CA ASP A 325 9.87 -5.20 20.71
C ASP A 325 9.74 -6.21 19.56
N PHE A 326 10.68 -6.13 18.63
CA PHE A 326 10.82 -7.14 17.59
C PHE A 326 12.27 -7.59 17.53
N GLN A 327 12.45 -8.84 17.11
CA GLN A 327 13.76 -9.47 17.00
C GLN A 327 13.98 -9.76 15.51
N THR A 328 14.73 -8.90 14.84
CA THR A 328 14.79 -8.87 13.39
C THR A 328 16.00 -9.64 12.86
N THR A 329 15.80 -10.27 11.71
CA THR A 329 16.84 -11.00 11.00
C THR A 329 16.64 -10.77 9.51
N LYS A 330 17.74 -10.80 8.77
CA LYS A 330 17.70 -10.56 7.34
C LYS A 330 17.95 -11.85 6.57
N LEU A 331 17.35 -11.94 5.39
CA LEU A 331 17.46 -13.10 4.52
C LEU A 331 17.72 -12.58 3.11
N ASN A 332 18.80 -13.05 2.49
CA ASN A 332 19.26 -12.51 1.22
C ASN A 332 18.90 -13.42 0.06
N GLY A 333 18.62 -12.81 -1.08
CA GLY A 333 18.40 -13.55 -2.31
C GLY A 333 19.65 -14.25 -2.78
N PHE A 334 19.48 -15.04 -3.84
CA PHE A 334 20.55 -15.90 -4.35
C PHE A 334 21.00 -15.56 -5.76
N GLU A 335 20.12 -15.06 -6.61
CA GLU A 335 20.45 -14.72 -7.99
C GLU A 335 20.36 -13.21 -8.19
N VAL A 336 21.24 -12.71 -9.05
CA VAL A 336 21.25 -11.29 -9.36
C VAL A 336 20.01 -10.95 -10.19
N PHE A 337 19.39 -9.81 -9.88
CA PHE A 337 18.23 -9.29 -10.59
C PHE A 337 17.02 -10.22 -10.54
N ALA A 338 17.06 -11.25 -9.70
CA ALA A 338 15.91 -12.15 -9.57
C ALA A 338 14.79 -11.56 -8.72
N ARG A 339 15.08 -10.53 -7.93
CA ARG A 339 14.07 -9.86 -7.10
C ARG A 339 13.48 -10.81 -6.07
N PHE A 340 14.35 -11.56 -5.41
CA PHE A 340 13.98 -12.31 -4.22
C PHE A 340 13.22 -11.41 -3.24
N GLY A 341 12.02 -11.84 -2.87
CA GLY A 341 11.19 -11.09 -1.97
C GLY A 341 10.05 -10.32 -2.59
N SER A 342 9.82 -10.48 -3.90
CA SER A 342 8.67 -9.82 -4.52
C SER A 342 7.35 -10.29 -3.93
N ALA A 343 7.30 -11.53 -3.45
CA ALA A 343 6.09 -12.09 -2.86
C ALA A 343 6.45 -12.98 -1.68
N ILE A 344 5.65 -12.89 -0.63
CA ILE A 344 5.88 -13.64 0.61
C ILE A 344 4.55 -14.25 1.02
N ALA A 345 4.48 -15.58 1.03
CA ALA A 345 3.22 -16.29 1.26
C ALA A 345 3.30 -17.17 2.49
N PRO A 346 2.61 -16.83 3.58
CA PRO A 346 2.46 -17.80 4.66
C PRO A 346 1.89 -19.11 4.16
N LEU A 347 2.48 -20.22 4.60
CA LEU A 347 2.10 -21.54 4.14
C LEU A 347 1.29 -22.32 5.16
N GLY A 348 1.13 -21.81 6.37
CA GLY A 348 0.71 -22.69 7.44
C GLY A 348 1.89 -23.57 7.81
N ASP A 349 1.57 -24.72 8.39
CA ASP A 349 2.58 -25.72 8.74
C ASP A 349 2.66 -26.72 7.59
N LEU A 350 3.54 -26.43 6.63
CA LEU A 350 3.61 -27.21 5.41
C LEU A 350 3.92 -28.68 5.69
N ASP A 351 4.89 -28.94 6.57
CA ASP A 351 5.31 -30.30 6.87
C ASP A 351 4.73 -30.83 8.18
N GLN A 352 3.85 -30.07 8.84
CA GLN A 352 3.15 -30.54 10.03
C GLN A 352 4.13 -30.97 11.12
N ASP A 353 5.14 -30.13 11.36
CA ASP A 353 6.14 -30.41 12.39
C ASP A 353 5.92 -29.60 13.66
N GLY A 354 4.97 -28.66 13.66
CA GLY A 354 4.67 -27.83 14.81
C GLY A 354 4.94 -26.36 14.61
N PHE A 355 5.67 -25.99 13.56
CA PHE A 355 6.01 -24.59 13.29
C PHE A 355 5.52 -24.23 11.89
N ASN A 356 4.93 -23.05 11.78
CA ASN A 356 4.49 -22.58 10.46
C ASN A 356 5.69 -22.31 9.58
N ASP A 357 5.42 -22.21 8.28
CA ASP A 357 6.45 -22.09 7.26
C ASP A 357 6.05 -20.98 6.29
N ILE A 358 6.94 -20.65 5.38
CA ILE A 358 6.73 -19.50 4.50
C ILE A 358 7.43 -19.76 3.18
N ALA A 359 6.79 -19.31 2.09
CA ALA A 359 7.38 -19.33 0.77
C ALA A 359 7.76 -17.91 0.38
N ILE A 360 8.96 -17.75 -0.18
CA ILE A 360 9.45 -16.47 -0.68
C ILE A 360 9.79 -16.66 -2.15
N ALA A 361 9.26 -15.78 -3.00
CA ALA A 361 9.39 -15.91 -4.43
C ALA A 361 10.50 -15.02 -4.97
N ALA A 362 11.21 -15.52 -5.98
CA ALA A 362 12.16 -14.76 -6.79
C ALA A 362 11.64 -14.84 -8.23
N PRO A 363 10.71 -13.97 -8.62
CA PRO A 363 9.93 -14.24 -9.84
C PRO A 363 10.73 -14.15 -11.13
N TYR A 364 11.95 -13.62 -11.10
CA TYR A 364 12.75 -13.46 -12.31
C TYR A 364 14.05 -14.26 -12.26
N GLY A 365 14.19 -15.17 -11.31
CA GLY A 365 15.32 -16.08 -11.26
C GLY A 365 15.12 -17.24 -12.23
N GLY A 366 15.92 -18.29 -12.01
CA GLY A 366 15.83 -19.47 -12.84
C GLY A 366 16.44 -19.29 -14.21
N GLU A 367 16.27 -20.33 -15.03
CA GLU A 367 16.76 -20.32 -16.39
C GLU A 367 15.82 -19.51 -17.29
N ASP A 368 16.38 -18.54 -18.01
CA ASP A 368 15.62 -17.69 -18.91
C ASP A 368 14.46 -17.03 -18.18
N LYS A 369 14.75 -16.51 -16.99
CA LYS A 369 13.79 -15.77 -16.18
C LYS A 369 12.49 -16.56 -16.00
N LYS A 370 12.62 -17.87 -15.75
CA LYS A 370 11.44 -18.70 -15.56
C LYS A 370 10.79 -18.46 -14.21
N GLY A 371 11.55 -18.02 -13.23
CA GLY A 371 11.02 -17.75 -11.91
C GLY A 371 11.28 -18.90 -10.95
N ILE A 372 11.41 -18.55 -9.67
CA ILE A 372 11.78 -19.50 -8.64
C ILE A 372 11.05 -19.13 -7.34
N VAL A 373 10.62 -20.15 -6.61
CA VAL A 373 9.98 -19.97 -5.31
C VAL A 373 10.76 -20.79 -4.28
N TYR A 374 11.12 -20.16 -3.17
CA TYR A 374 11.87 -20.81 -2.11
C TYR A 374 10.96 -21.09 -0.93
N ILE A 375 11.04 -22.31 -0.39
CA ILE A 375 10.28 -22.71 0.79
C ILE A 375 11.21 -22.64 2.00
N PHE A 376 10.77 -21.94 3.04
CA PHE A 376 11.51 -21.84 4.29
C PHE A 376 10.66 -22.41 5.42
N ASN A 377 11.21 -23.37 6.14
CA ASN A 377 10.52 -23.97 7.27
C ASN A 377 10.84 -23.20 8.55
N GLY A 378 9.86 -23.12 9.43
CA GLY A 378 10.03 -22.45 10.69
C GLY A 378 10.57 -23.36 11.77
N ARG A 379 10.97 -22.75 12.87
CA ARG A 379 11.45 -23.48 14.04
C ARG A 379 11.44 -22.51 15.22
N SER A 380 11.56 -23.07 16.42
CA SER A 380 11.31 -22.29 17.63
C SER A 380 12.21 -21.05 17.71
N THR A 381 13.37 -21.07 17.05
CA THR A 381 14.27 -19.92 17.09
C THR A 381 13.90 -18.85 16.09
N GLY A 382 13.08 -19.17 15.10
CA GLY A 382 12.71 -18.24 14.06
C GLY A 382 12.48 -18.98 12.76
N LEU A 383 13.02 -18.45 11.67
CA LEU A 383 12.94 -19.07 10.36
C LEU A 383 14.25 -19.79 10.07
N ASN A 384 14.14 -20.97 9.46
CA ASN A 384 15.33 -21.71 9.04
C ASN A 384 15.91 -21.03 7.80
N ALA A 385 17.13 -20.52 7.93
CA ALA A 385 17.70 -19.63 6.91
C ALA A 385 18.03 -20.33 5.60
N VAL A 386 18.02 -21.66 5.56
CA VAL A 386 18.33 -22.42 4.35
C VAL A 386 17.02 -22.99 3.82
N PRO A 387 16.66 -22.71 2.57
CA PRO A 387 15.38 -23.22 2.05
C PRO A 387 15.42 -24.74 1.88
N SER A 388 14.36 -25.40 2.35
CA SER A 388 14.26 -26.85 2.25
C SER A 388 13.67 -27.31 0.91
N GLN A 389 13.27 -26.38 0.05
CA GLN A 389 12.77 -26.75 -1.26
C GLN A 389 12.87 -25.55 -2.19
N ILE A 390 12.92 -25.85 -3.49
CA ILE A 390 13.10 -24.84 -4.54
C ILE A 390 12.16 -25.20 -5.68
N LEU A 391 11.11 -24.43 -5.85
CA LEU A 391 10.17 -24.61 -6.95
C LEU A 391 10.61 -23.77 -8.14
N GLU A 392 10.52 -24.36 -9.34
CA GLU A 392 11.01 -23.74 -10.56
C GLU A 392 9.91 -23.71 -11.60
N GLY A 393 9.64 -22.52 -12.14
CA GLY A 393 8.70 -22.41 -13.25
C GLY A 393 9.16 -23.20 -14.45
N GLN A 394 8.21 -23.48 -15.35
CA GLN A 394 8.46 -24.34 -16.48
C GLN A 394 8.14 -23.74 -17.84
N TRP A 395 7.74 -22.47 -17.90
CA TRP A 395 7.31 -21.86 -19.15
C TRP A 395 8.08 -20.59 -19.44
N ALA A 396 8.24 -20.32 -20.74
CA ALA A 396 8.84 -19.09 -21.24
C ALA A 396 7.78 -18.29 -21.98
N ALA A 397 8.03 -16.99 -22.13
CA ALA A 397 7.12 -16.09 -22.81
C ALA A 397 7.89 -15.28 -23.84
N ARG A 398 7.15 -14.73 -24.80
CA ARG A 398 7.75 -13.94 -25.88
C ARG A 398 7.44 -12.45 -25.76
N SER A 399 6.82 -12.01 -24.66
CA SER A 399 6.46 -10.61 -24.49
C SER A 399 6.94 -10.05 -23.15
N CYS A 400 6.34 -10.52 -22.05
CA CYS A 400 6.71 -10.14 -20.70
C CYS A 400 7.19 -11.36 -19.93
N PRO A 401 8.07 -11.18 -18.94
CA PRO A 401 8.64 -12.34 -18.26
C PRO A 401 7.56 -13.17 -17.60
N PRO A 402 7.76 -14.50 -17.53
CA PRO A 402 6.71 -15.36 -16.93
C PRO A 402 6.31 -14.97 -15.52
N SER A 403 7.25 -14.54 -14.69
CA SER A 403 6.95 -14.04 -13.36
C SER A 403 6.35 -15.12 -12.46
N PHE A 404 6.72 -16.38 -12.69
CA PHE A 404 6.36 -17.45 -11.78
C PHE A 404 6.74 -17.08 -10.35
N GLY A 405 5.74 -17.05 -9.47
CA GLY A 405 5.94 -16.65 -8.09
C GLY A 405 5.53 -15.23 -7.77
N TYR A 406 5.20 -14.42 -8.78
CA TYR A 406 4.80 -13.04 -8.53
C TYR A 406 3.65 -12.98 -7.53
N SER A 407 2.78 -13.99 -7.52
CA SER A 407 1.72 -14.09 -6.54
C SER A 407 1.64 -15.53 -6.04
N MET A 408 1.30 -15.69 -4.77
CA MET A 408 1.26 -17.01 -4.14
C MET A 408 0.23 -16.98 -3.02
N LYS A 409 -0.34 -18.15 -2.74
CA LYS A 409 -1.24 -18.30 -1.61
C LYS A 409 -1.15 -19.72 -1.09
N GLY A 410 -0.92 -19.85 0.22
CA GLY A 410 -0.88 -21.16 0.86
C GLY A 410 -1.84 -21.25 2.04
N ALA A 411 -1.59 -22.21 2.93
CA ALA A 411 -2.30 -22.38 4.19
C ALA A 411 -3.70 -22.96 4.03
N THR A 412 -4.00 -23.61 2.90
CA THR A 412 -5.29 -24.24 2.69
C THR A 412 -5.07 -25.68 2.24
N ASP A 413 -5.62 -26.62 3.00
CA ASP A 413 -5.50 -28.05 2.68
C ASP A 413 -6.62 -28.42 1.71
N ILE A 414 -6.38 -28.13 0.42
CA ILE A 414 -7.44 -28.24 -0.56
C ILE A 414 -7.86 -29.70 -0.75
N ASP A 415 -6.90 -30.62 -0.70
CA ASP A 415 -7.18 -32.04 -0.94
C ASP A 415 -7.43 -32.81 0.35
N LYS A 416 -7.50 -32.12 1.49
CA LYS A 416 -7.89 -32.74 2.76
C LYS A 416 -6.96 -33.88 3.16
N ASN A 417 -5.70 -33.83 2.72
CA ASN A 417 -4.74 -34.88 3.04
C ASN A 417 -3.99 -34.62 4.34
N GLY A 418 -4.31 -33.53 5.03
CA GLY A 418 -3.70 -33.21 6.31
C GLY A 418 -2.60 -32.17 6.26
N TYR A 419 -2.20 -31.72 5.06
CA TYR A 419 -1.11 -30.77 4.92
C TYR A 419 -1.55 -29.62 4.03
N PRO A 420 -1.20 -28.38 4.37
CA PRO A 420 -1.61 -27.24 3.54
C PRO A 420 -0.89 -27.24 2.21
N ASP A 421 -1.51 -26.62 1.21
CA ASP A 421 -1.04 -26.64 -0.17
C ASP A 421 -0.85 -25.22 -0.68
N LEU A 422 -0.19 -25.11 -1.83
CA LEU A 422 0.32 -23.84 -2.32
C LEU A 422 -0.15 -23.58 -3.74
N ILE A 423 -0.67 -22.37 -3.98
CA ILE A 423 -0.96 -21.87 -5.33
C ILE A 423 0.15 -20.91 -5.72
N VAL A 424 0.62 -21.00 -6.96
CA VAL A 424 1.62 -20.09 -7.50
C VAL A 424 1.12 -19.58 -8.84
N GLY A 425 0.99 -18.27 -8.96
CA GLY A 425 0.64 -17.65 -10.22
C GLY A 425 1.86 -17.28 -11.05
N ALA A 426 1.69 -17.27 -12.36
CA ALA A 426 2.73 -16.88 -13.32
C ALA A 426 2.05 -16.08 -14.42
N PHE A 427 1.76 -14.81 -14.14
CA PHE A 427 0.90 -14.03 -15.02
C PHE A 427 1.53 -13.75 -16.37
N GLY A 428 2.86 -13.78 -16.46
CA GLY A 428 3.52 -13.57 -17.75
C GLY A 428 3.31 -14.69 -18.75
N VAL A 429 2.79 -15.84 -18.29
CA VAL A 429 2.48 -16.96 -19.18
C VAL A 429 1.04 -17.37 -18.94
N ASP A 430 0.27 -16.50 -18.27
CA ASP A 430 -1.17 -16.71 -18.11
C ASP A 430 -1.46 -18.06 -17.47
N ARG A 431 -0.75 -18.36 -16.39
CA ARG A 431 -0.74 -19.67 -15.79
C ARG A 431 -0.80 -19.55 -14.27
N ALA A 432 -1.40 -20.56 -13.64
CA ALA A 432 -1.38 -20.70 -12.20
C ALA A 432 -1.24 -22.18 -11.87
N ILE A 433 -0.47 -22.48 -10.83
CA ILE A 433 -0.07 -23.86 -10.52
C ILE A 433 -0.37 -24.12 -9.04
N LEU A 434 -1.08 -25.22 -8.78
CA LEU A 434 -1.31 -25.68 -7.41
C LEU A 434 -0.35 -26.82 -7.11
N TYR A 435 0.39 -26.68 -6.02
CA TYR A 435 1.29 -27.71 -5.54
C TYR A 435 0.69 -28.34 -4.29
N ARG A 436 0.45 -29.64 -4.33
CA ARG A 436 -0.10 -30.35 -3.18
C ARG A 436 1.06 -30.81 -2.30
N ALA A 437 0.91 -30.66 -1.00
CA ALA A 437 1.94 -31.08 -0.06
C ALA A 437 1.82 -32.57 0.21
N ARG A 438 2.90 -33.31 -0.04
CA ARG A 438 2.92 -34.72 0.28
C ARG A 438 3.06 -34.90 1.79
N PRO A 439 2.62 -36.04 2.31
CA PRO A 439 2.79 -36.30 3.74
C PRO A 439 4.22 -36.64 4.09
N VAL A 440 4.54 -36.49 5.38
CA VAL A 440 5.90 -36.64 5.89
C VAL A 440 5.97 -37.84 6.82
N ILE A 441 6.92 -38.73 6.56
CA ILE A 441 7.19 -39.88 7.41
C ILE A 441 8.45 -39.57 8.23
N THR A 442 8.33 -39.66 9.55
CA THR A 442 9.46 -39.51 10.46
C THR A 442 9.98 -40.88 10.85
N VAL A 443 11.28 -41.09 10.73
CA VAL A 443 11.90 -42.39 10.95
C VAL A 443 12.89 -42.27 12.09
N ASN A 444 12.79 -43.18 13.05
CA ASN A 444 13.76 -43.32 14.14
C ASN A 444 14.61 -44.54 13.85
N ALA A 445 15.92 -44.33 13.68
CA ALA A 445 16.85 -45.40 13.35
C ALA A 445 17.90 -45.54 14.44
N GLY A 446 18.21 -46.76 14.80
CA GLY A 446 19.26 -47.05 15.76
C GLY A 446 20.23 -48.07 15.21
N LEU A 447 21.51 -47.83 15.46
CA LEU A 447 22.58 -48.70 15.00
C LEU A 447 23.48 -49.02 16.20
N GLU A 448 23.66 -50.31 16.47
CA GLU A 448 24.46 -50.76 17.60
C GLU A 448 25.54 -51.72 17.11
N VAL A 449 26.78 -51.48 17.52
CA VAL A 449 27.91 -52.34 17.20
C VAL A 449 28.46 -52.87 18.51
N TYR A 450 28.36 -54.20 18.71
CA TYR A 450 28.84 -54.83 19.93
C TYR A 450 29.59 -56.12 19.59
N PRO A 451 30.80 -56.32 20.15
CA PRO A 451 31.61 -55.43 21.00
C PRO A 451 32.15 -54.21 20.26
N SER A 452 32.23 -53.08 20.96
CA SER A 452 32.76 -51.87 20.34
C SER A 452 34.25 -51.99 20.06
N ILE A 453 35.00 -52.57 20.99
CA ILE A 453 36.44 -52.74 20.86
C ILE A 453 36.73 -54.14 20.33
N LEU A 454 37.61 -54.23 19.34
CA LEU A 454 37.90 -55.49 18.65
C LEU A 454 39.35 -55.88 18.88
N ASN A 455 39.57 -57.12 19.31
CA ASN A 455 40.91 -57.66 19.51
C ASN A 455 41.21 -58.63 18.37
N GLN A 456 42.22 -58.29 17.57
CA GLN A 456 42.61 -59.16 16.46
C GLN A 456 42.96 -60.55 16.96
N ASP A 457 43.68 -60.64 18.07
CA ASP A 457 44.11 -61.94 18.58
C ASP A 457 42.93 -62.82 19.00
N ASN A 458 41.81 -62.21 19.37
CA ASN A 458 40.66 -62.96 19.87
C ASN A 458 39.79 -63.39 18.69
N LYS A 459 39.72 -64.69 18.45
CA LYS A 459 38.95 -65.27 17.35
C LYS A 459 37.98 -66.30 17.91
N THR A 460 36.67 -66.04 17.75
CA THR A 460 35.65 -66.97 18.21
C THR A 460 34.66 -67.36 17.10
N CYS A 461 34.83 -66.85 15.89
CA CYS A 461 33.91 -67.11 14.79
C CYS A 461 34.60 -67.89 13.68
N SER A 462 33.82 -68.67 12.94
CA SER A 462 34.29 -69.44 11.81
C SER A 462 33.74 -68.86 10.52
N LEU A 463 34.56 -68.87 9.46
CA LEU A 463 34.19 -68.28 8.19
C LEU A 463 33.24 -69.20 7.43
N PRO A 464 32.58 -68.68 6.39
CA PRO A 464 31.66 -69.51 5.60
C PRO A 464 32.38 -70.72 5.01
N GLY A 465 31.62 -71.78 4.79
CA GLY A 465 32.22 -73.00 4.25
C GLY A 465 33.16 -73.62 5.26
N THR A 466 34.35 -73.99 4.79
CA THR A 466 35.34 -74.69 5.61
C THR A 466 36.55 -73.77 5.81
N ALA A 467 36.39 -72.80 6.70
CA ALA A 467 37.47 -71.93 7.14
C ALA A 467 37.23 -71.60 8.62
N LEU A 468 38.29 -71.19 9.32
CA LEU A 468 38.20 -71.05 10.76
C LEU A 468 38.96 -69.82 11.25
N LYS A 469 38.60 -69.38 12.46
CA LYS A 469 39.33 -68.41 13.26
C LYS A 469 39.38 -67.03 12.61
N VAL A 470 38.33 -66.24 12.80
CA VAL A 470 38.31 -64.81 12.47
C VAL A 470 37.76 -64.04 13.65
N SER A 471 38.38 -62.89 13.95
CA SER A 471 37.88 -62.01 14.99
C SER A 471 36.61 -61.33 14.51
N CYS A 472 35.53 -61.46 15.28
CA CYS A 472 34.21 -61.05 14.84
C CYS A 472 33.57 -60.06 15.82
N PHE A 473 32.48 -59.46 15.35
CA PHE A 473 31.65 -58.57 16.16
C PHE A 473 30.27 -58.51 15.52
N ASN A 474 29.31 -57.99 16.29
CA ASN A 474 27.91 -57.96 15.87
C ASN A 474 27.51 -56.54 15.49
N VAL A 475 26.78 -56.41 14.38
CA VAL A 475 26.23 -55.14 13.94
C VAL A 475 24.71 -55.29 13.89
N ARG A 476 24.01 -54.45 14.65
CA ARG A 476 22.56 -54.47 14.73
C ARG A 476 22.02 -53.12 14.28
N PHE A 477 21.15 -53.13 13.28
CA PHE A 477 20.53 -51.93 12.74
C PHE A 477 19.02 -52.02 12.94
N CYS A 478 18.42 -50.94 13.42
CA CYS A 478 17.00 -50.91 13.77
C CYS A 478 16.32 -49.73 13.09
N LEU A 479 15.03 -49.89 12.83
CA LEU A 479 14.26 -48.89 12.07
C LEU A 479 12.84 -48.82 12.60
N LYS A 480 12.34 -47.59 12.79
CA LYS A 480 10.97 -47.35 13.22
C LYS A 480 10.47 -46.07 12.56
N ALA A 481 9.19 -46.04 12.21
CA ALA A 481 8.63 -44.91 11.48
C ALA A 481 7.17 -44.68 11.84
N ASP A 482 6.72 -43.45 11.62
CA ASP A 482 5.33 -43.06 11.85
C ASP A 482 5.04 -41.84 10.99
N GLY A 483 3.76 -41.53 10.81
CA GLY A 483 3.37 -40.40 9.98
C GLY A 483 2.00 -39.88 10.35
N LYS A 484 1.71 -38.67 9.85
CA LYS A 484 0.44 -38.01 10.07
C LYS A 484 -0.28 -37.81 8.75
N GLY A 485 -1.61 -37.86 8.80
CA GLY A 485 -2.42 -37.72 7.61
C GLY A 485 -2.62 -39.05 6.89
N VAL A 486 -3.37 -38.99 5.80
CA VAL A 486 -3.67 -40.20 5.03
C VAL A 486 -2.36 -40.82 4.57
N LEU A 487 -2.13 -42.07 4.95
CA LEU A 487 -0.88 -42.75 4.64
C LEU A 487 -1.11 -44.24 4.51
N PRO A 488 -0.29 -44.94 3.73
CA PRO A 488 -0.40 -46.40 3.68
C PRO A 488 0.08 -47.04 4.97
N ARG A 489 -0.52 -48.18 5.30
CA ARG A 489 -0.19 -48.84 6.56
C ARG A 489 1.21 -49.45 6.51
N LYS A 490 1.61 -50.00 5.37
CA LYS A 490 2.91 -50.65 5.22
C LYS A 490 3.84 -49.80 4.36
N LEU A 491 5.10 -49.68 4.80
CA LEU A 491 6.12 -48.90 4.11
C LEU A 491 7.28 -49.81 3.74
N ASN A 492 7.76 -49.69 2.50
CA ASN A 492 8.86 -50.52 1.99
C ASN A 492 10.16 -49.72 2.05
N PHE A 493 11.01 -50.04 3.02
CA PHE A 493 12.30 -49.40 3.18
C PHE A 493 13.41 -50.26 2.55
N GLN A 494 14.44 -49.57 2.06
CA GLN A 494 15.64 -50.22 1.53
C GLN A 494 16.84 -49.72 2.32
N VAL A 495 17.54 -50.62 3.00
CA VAL A 495 18.62 -50.29 3.89
C VAL A 495 19.93 -50.86 3.35
N GLU A 496 21.02 -50.11 3.55
CA GLU A 496 22.35 -50.55 3.17
C GLU A 496 23.33 -50.24 4.29
N LEU A 497 24.28 -51.16 4.52
CA LEU A 497 25.33 -51.00 5.52
C LEU A 497 26.69 -51.10 4.84
N LEU A 498 27.65 -50.30 5.32
CA LEU A 498 29.01 -50.33 4.79
C LEU A 498 29.99 -50.33 5.95
N LEU A 499 30.85 -51.34 6.00
CA LEU A 499 31.85 -51.46 7.05
C LEU A 499 33.11 -50.71 6.68
N ASP A 500 33.61 -49.89 7.61
CA ASP A 500 34.81 -49.10 7.40
C ASP A 500 34.62 -48.11 6.24
N LYS A 501 33.54 -47.33 6.31
CA LYS A 501 33.25 -46.38 5.25
C LYS A 501 34.32 -45.30 5.13
N LEU A 502 35.11 -45.08 6.20
CA LEU A 502 36.14 -44.05 6.16
C LEU A 502 37.07 -44.25 4.96
N LYS A 503 37.50 -45.50 4.73
CA LYS A 503 38.47 -45.79 3.69
C LYS A 503 37.85 -45.59 2.32
N GLN A 504 38.38 -44.63 1.54
CA GLN A 504 37.81 -44.25 0.26
C GLN A 504 38.51 -45.03 -0.86
N LYS A 505 38.38 -44.54 -2.10
CA LYS A 505 38.95 -45.22 -3.26
C LYS A 505 40.40 -45.61 -3.03
N GLY A 506 40.72 -46.87 -3.32
CA GLY A 506 42.09 -47.33 -3.30
C GLY A 506 42.67 -47.62 -1.93
N ALA A 507 41.83 -47.74 -0.90
CA ALA A 507 42.29 -47.97 0.47
C ALA A 507 41.63 -49.22 1.03
N ILE A 508 42.41 -49.97 1.81
CA ILE A 508 41.95 -51.27 2.30
C ILE A 508 40.85 -51.06 3.34
N ARG A 509 39.82 -51.90 3.27
CA ARG A 509 38.73 -51.91 4.25
C ARG A 509 38.89 -53.12 5.15
N ARG A 510 39.07 -52.86 6.45
CA ARG A 510 39.50 -53.89 7.39
C ARG A 510 38.37 -54.81 7.80
N ALA A 511 37.13 -54.33 7.80
CA ALA A 511 35.99 -55.12 8.26
C ALA A 511 35.19 -55.65 7.07
N LEU A 512 34.74 -56.90 7.19
CA LEU A 512 33.93 -57.55 6.17
C LEU A 512 32.80 -58.29 6.85
N PHE A 513 31.71 -58.50 6.12
CA PHE A 513 30.57 -59.23 6.64
C PHE A 513 30.81 -60.73 6.52
N LEU A 514 30.32 -61.47 7.52
CA LEU A 514 30.66 -62.89 7.63
C LEU A 514 30.26 -63.66 6.39
N TYR A 515 28.95 -63.70 6.09
CA TYR A 515 28.47 -64.47 4.95
C TYR A 515 29.01 -63.91 3.65
N SER A 516 28.81 -62.62 3.41
CA SER A 516 29.12 -62.03 2.11
C SER A 516 30.62 -61.92 1.85
N ARG A 517 31.45 -61.91 2.90
CA ARG A 517 32.88 -61.61 2.76
C ARG A 517 33.11 -60.30 2.00
N SER A 518 32.12 -59.42 2.00
CA SER A 518 32.22 -58.08 1.43
C SER A 518 31.88 -57.05 2.50
N PRO A 519 32.32 -55.81 2.34
CA PRO A 519 32.05 -54.78 3.35
C PRO A 519 30.68 -54.11 3.21
N SER A 520 29.91 -54.46 2.18
CA SER A 520 28.58 -53.92 1.98
C SER A 520 27.53 -55.00 2.21
N HIS A 521 26.38 -54.60 2.74
CA HIS A 521 25.24 -55.50 2.91
C HIS A 521 23.96 -54.71 2.70
N SER A 522 23.21 -55.06 1.67
CA SER A 522 21.92 -54.45 1.39
C SER A 522 20.81 -55.23 2.08
N LYS A 523 19.65 -54.57 2.23
CA LYS A 523 18.52 -55.24 2.87
C LYS A 523 17.24 -54.47 2.57
N ASN A 524 16.32 -55.10 1.86
CA ASN A 524 14.96 -54.59 1.79
C ASN A 524 14.25 -54.84 3.12
N MET A 525 13.28 -53.97 3.43
CA MET A 525 12.53 -54.10 4.68
C MET A 525 11.10 -53.64 4.47
N THR A 526 10.29 -53.83 5.50
CA THR A 526 8.88 -53.45 5.46
C THR A 526 8.41 -53.17 6.88
N ILE A 527 7.98 -51.94 7.13
CA ILE A 527 7.53 -51.50 8.45
C ILE A 527 6.21 -50.75 8.28
N SER A 528 5.35 -50.86 9.29
CA SER A 528 4.05 -50.21 9.29
C SER A 528 4.05 -49.04 10.25
N ARG A 529 3.25 -48.02 9.90
CA ARG A 529 3.20 -46.79 10.69
C ARG A 529 2.94 -47.09 12.16
N GLY A 530 3.57 -46.29 13.03
CA GLY A 530 3.36 -46.41 14.46
C GLY A 530 3.69 -47.77 15.00
N GLY A 531 4.38 -48.60 14.22
CA GLY A 531 4.74 -49.93 14.65
C GLY A 531 5.95 -49.92 15.56
N LEU A 532 6.49 -51.12 15.77
CA LEU A 532 7.59 -51.31 16.70
C LEU A 532 8.93 -51.22 15.97
N MET A 533 10.01 -51.25 16.75
CA MET A 533 11.37 -51.07 16.24
C MET A 533 11.83 -52.39 15.61
N GLN A 534 11.44 -52.59 14.36
CA GLN A 534 11.81 -53.79 13.61
C GLN A 534 13.31 -53.78 13.32
N CYS A 535 14.04 -54.70 13.93
CA CYS A 535 15.49 -54.75 13.86
C CYS A 535 15.96 -55.92 13.00
N GLU A 536 17.28 -56.01 12.82
CA GLU A 536 17.91 -57.15 12.16
C GLU A 536 19.39 -57.15 12.47
N GLU A 537 19.92 -58.30 12.87
CA GLU A 537 21.32 -58.47 13.23
C GLU A 537 22.07 -59.22 12.15
N LEU A 538 23.33 -58.86 11.94
CA LEU A 538 24.25 -59.66 11.14
C LEU A 538 25.64 -59.50 11.74
N ILE A 539 26.55 -60.37 11.31
CA ILE A 539 27.86 -60.53 11.94
C ILE A 539 28.95 -60.15 10.95
N ALA A 540 29.92 -59.39 11.44
CA ALA A 540 31.09 -58.97 10.67
C ALA A 540 32.37 -59.40 11.39
N TYR A 541 33.48 -59.34 10.66
CA TYR A 541 34.77 -59.77 11.21
C TYR A 541 35.88 -58.87 10.66
N LEU A 542 37.11 -59.16 11.06
CA LEU A 542 38.28 -58.41 10.66
C LEU A 542 39.19 -59.23 9.76
N ARG A 543 39.89 -58.53 8.87
CA ARG A 543 40.91 -59.17 8.04
C ARG A 543 42.08 -59.61 8.91
N ASP A 544 42.89 -60.51 8.36
CA ASP A 544 44.14 -60.88 9.01
C ASP A 544 45.03 -59.65 9.18
N GLU A 545 45.69 -59.56 10.33
CA GLU A 545 46.60 -58.44 10.57
C GLU A 545 47.58 -58.26 9.42
N SER A 546 47.93 -59.36 8.74
CA SER A 546 48.90 -59.30 7.67
C SER A 546 48.43 -58.43 6.49
N GLU A 547 47.13 -58.22 6.34
CA GLU A 547 46.60 -57.55 5.17
C GLU A 547 46.47 -56.04 5.34
N PHE A 548 46.43 -55.54 6.57
CA PHE A 548 46.34 -54.10 6.82
C PHE A 548 47.24 -53.75 7.99
N ARG A 549 48.01 -52.66 7.84
CA ARG A 549 48.86 -52.16 8.91
C ARG A 549 48.32 -50.88 9.53
N ASP A 550 47.10 -50.48 9.18
CA ASP A 550 46.40 -49.38 9.85
C ASP A 550 45.51 -49.97 10.93
N LYS A 551 45.97 -49.91 12.18
CA LYS A 551 45.17 -50.32 13.33
C LYS A 551 44.74 -49.14 14.18
N LEU A 552 44.96 -47.91 13.70
CA LEU A 552 44.75 -46.70 14.49
C LEU A 552 43.43 -46.00 14.17
N THR A 553 43.14 -45.76 12.91
CA THR A 553 41.88 -45.09 12.57
C THR A 553 40.72 -45.98 13.01
N PRO A 554 39.67 -45.42 13.59
CA PRO A 554 38.50 -46.23 13.92
C PRO A 554 37.84 -46.81 12.68
N ILE A 555 37.09 -47.90 12.90
CA ILE A 555 36.34 -48.56 11.86
C ILE A 555 34.89 -48.11 11.99
N THR A 556 34.44 -47.24 11.08
CA THR A 556 33.08 -46.72 11.14
C THR A 556 32.13 -47.68 10.44
N ILE A 557 31.00 -47.97 11.08
CA ILE A 557 29.95 -48.79 10.51
C ILE A 557 28.83 -47.84 10.07
N PHE A 558 28.69 -47.67 8.76
CA PHE A 558 27.78 -46.69 8.18
C PHE A 558 26.47 -47.37 7.79
N MET A 559 25.36 -46.73 8.12
CA MET A 559 24.04 -47.21 7.75
C MET A 559 23.29 -46.13 6.97
N GLU A 560 22.65 -46.55 5.89
CA GLU A 560 21.78 -45.69 5.09
C GLU A 560 20.43 -46.37 4.93
N TYR A 561 19.37 -45.56 4.92
CA TYR A 561 18.04 -46.07 4.63
C TYR A 561 17.30 -45.06 3.79
N ARG A 562 16.66 -45.54 2.72
CA ARG A 562 15.87 -44.71 1.83
C ARG A 562 14.54 -45.41 1.59
N LEU A 563 13.68 -44.75 0.83
CA LEU A 563 12.33 -45.23 0.54
C LEU A 563 12.10 -45.19 -0.96
N ASP A 564 11.39 -46.18 -1.48
CA ASP A 564 10.94 -46.16 -2.87
C ASP A 564 9.54 -45.54 -2.88
N TYR A 565 9.41 -44.37 -3.52
CA TYR A 565 8.22 -43.56 -3.32
C TYR A 565 7.03 -44.05 -4.14
N ARG A 566 7.25 -44.77 -5.24
CA ARG A 566 6.12 -45.19 -6.07
C ARG A 566 5.16 -46.10 -5.30
N THR A 567 5.70 -46.96 -4.43
CA THR A 567 4.88 -47.99 -3.80
C THR A 567 3.92 -47.44 -2.75
N ALA A 568 4.15 -46.21 -2.27
CA ALA A 568 3.39 -45.67 -1.15
C ALA A 568 2.29 -44.70 -1.60
N ALA A 569 1.89 -44.75 -2.86
CA ALA A 569 0.94 -43.78 -3.39
C ALA A 569 -0.40 -43.84 -2.68
N ASP A 570 -1.28 -42.92 -3.04
CA ASP A 570 -2.63 -42.81 -2.48
C ASP A 570 -3.63 -42.68 -3.63
N THR A 571 -4.91 -42.59 -3.28
CA THR A 571 -5.93 -42.32 -4.29
C THR A 571 -5.65 -41.01 -5.02
N THR A 572 -5.13 -40.01 -4.29
CA THR A 572 -4.72 -38.76 -4.92
C THR A 572 -3.54 -38.96 -5.87
N GLY A 573 -2.78 -40.04 -5.71
CA GLY A 573 -1.53 -40.20 -6.43
C GLY A 573 -0.36 -39.57 -5.73
N LEU A 574 -0.43 -39.38 -4.42
CA LEU A 574 0.50 -38.54 -3.68
C LEU A 574 1.41 -39.43 -2.84
N GLN A 575 2.62 -39.66 -3.33
CA GLN A 575 3.58 -40.46 -2.60
C GLN A 575 4.07 -39.69 -1.37
N PRO A 576 4.18 -40.35 -0.22
CA PRO A 576 4.78 -39.67 0.95
C PRO A 576 6.29 -39.54 0.79
N ILE A 577 6.89 -38.74 1.67
CA ILE A 577 8.30 -38.44 1.63
C ILE A 577 8.88 -38.57 3.02
N LEU A 578 10.18 -38.82 3.08
CA LEU A 578 10.88 -38.92 4.35
C LEU A 578 11.15 -37.52 4.91
N ASN A 579 11.07 -37.40 6.24
CA ASN A 579 11.39 -36.15 6.90
C ASN A 579 12.81 -35.73 6.57
N GLN A 580 12.96 -34.62 5.83
CA GLN A 580 14.30 -34.20 5.39
C GLN A 580 15.17 -33.69 6.53
N PHE A 581 14.57 -33.29 7.65
CA PHE A 581 15.35 -32.71 8.74
C PHE A 581 15.93 -33.77 9.67
N THR A 582 15.42 -34.99 9.64
CA THR A 582 16.08 -36.11 10.31
C THR A 582 17.02 -36.78 9.32
N PRO A 583 18.32 -36.88 9.61
CA PRO A 583 19.24 -37.49 8.64
C PRO A 583 18.93 -38.96 8.42
N ALA A 584 18.98 -39.37 7.15
CA ALA A 584 18.72 -40.76 6.76
C ALA A 584 19.99 -41.61 6.76
N ASN A 585 21.04 -41.18 7.44
CA ASN A 585 22.23 -41.98 7.64
C ASN A 585 22.65 -41.89 9.10
N ILE A 586 23.16 -42.99 9.64
CA ILE A 586 23.70 -43.03 10.99
C ILE A 586 24.95 -43.90 10.98
N SER A 587 25.87 -43.58 11.88
CA SER A 587 27.15 -44.26 11.92
C SER A 587 27.62 -44.43 13.35
N ARG A 588 28.10 -45.64 13.65
CA ARG A 588 28.86 -45.94 14.85
C ARG A 588 30.26 -46.34 14.41
N GLN A 589 31.19 -46.39 15.36
CA GLN A 589 32.55 -46.78 15.01
C GLN A 589 33.14 -47.70 16.06
N ALA A 590 33.82 -48.74 15.57
CA ALA A 590 34.55 -49.69 16.39
C ALA A 590 36.04 -49.34 16.37
N HIS A 591 36.77 -49.89 17.33
CA HIS A 591 38.19 -49.58 17.50
C HIS A 591 38.98 -50.85 17.67
N ILE A 592 40.18 -50.88 17.06
CA ILE A 592 41.07 -52.02 17.16
C ILE A 592 41.84 -51.93 18.46
N LEU A 593 41.84 -53.00 19.23
CA LEU A 593 42.53 -53.04 20.52
C LEU A 593 44.03 -53.07 20.29
N LEU A 594 44.76 -52.24 21.04
CA LEU A 594 46.20 -52.09 20.89
C LEU A 594 46.92 -52.63 22.11
N ASP A 595 48.07 -53.27 21.87
CA ASP A 595 48.89 -53.83 22.94
C ASP A 595 50.36 -53.51 22.71
N GLY B 1 51.69 -28.77 9.52
CA GLY B 1 51.21 -27.55 8.88
C GLY B 1 50.22 -27.83 7.78
N CYS B 2 50.71 -27.90 6.54
CA CYS B 2 49.81 -28.17 5.43
C CYS B 2 49.29 -29.60 5.45
N ALA B 3 50.10 -30.55 5.95
CA ALA B 3 49.66 -31.92 6.05
C ALA B 3 48.38 -32.01 6.87
N LEU B 4 47.35 -32.63 6.30
CA LEU B 4 46.04 -32.71 6.92
C LEU B 4 45.32 -33.94 6.39
N GLY B 5 44.11 -34.17 6.88
CA GLY B 5 43.29 -35.29 6.46
C GLY B 5 43.16 -35.38 4.95
N GLY B 6 43.04 -36.60 4.42
CA GLY B 6 43.03 -36.74 2.98
C GLY B 6 44.40 -36.40 2.43
N ALA B 7 44.43 -35.55 1.40
CA ALA B 7 45.67 -35.09 0.80
C ALA B 7 46.58 -36.28 0.45
N GLU B 8 46.00 -37.24 -0.27
CA GLU B 8 46.73 -38.40 -0.74
C GLU B 8 47.06 -38.33 -2.23
N THR B 9 46.75 -37.21 -2.87
CA THR B 9 47.05 -36.99 -4.28
C THR B 9 47.71 -35.63 -4.43
N CYS B 10 48.54 -35.49 -5.47
CA CYS B 10 49.17 -34.20 -5.72
C CYS B 10 48.12 -33.11 -5.89
N GLU B 11 47.17 -33.33 -6.80
CA GLU B 11 46.08 -32.38 -7.00
C GLU B 11 45.36 -32.09 -5.69
N ASP B 12 45.08 -33.14 -4.90
CA ASP B 12 44.41 -32.94 -3.62
C ASP B 12 45.30 -32.19 -2.64
N CYS B 13 46.63 -32.38 -2.73
CA CYS B 13 47.54 -31.65 -1.86
C CYS B 13 47.53 -30.16 -2.19
N LEU B 14 47.53 -29.81 -3.48
CA LEU B 14 47.54 -28.41 -3.86
C LEU B 14 46.32 -27.68 -3.33
N LEU B 15 45.17 -28.36 -3.27
CA LEU B 15 43.94 -27.68 -2.90
C LEU B 15 43.93 -27.21 -1.46
N ILE B 16 44.62 -27.93 -0.57
CA ILE B 16 44.52 -27.58 0.85
C ILE B 16 45.33 -26.33 1.20
N GLY B 17 46.35 -26.00 0.41
CA GLY B 17 47.11 -24.79 0.64
C GLY B 17 47.94 -24.33 -0.54
N PRO B 18 48.18 -23.02 -0.63
CA PRO B 18 49.05 -22.50 -1.71
C PRO B 18 50.53 -22.73 -1.49
N GLN B 19 50.96 -22.99 -0.25
CA GLN B 19 52.37 -23.09 0.09
C GLN B 19 52.82 -24.53 0.29
N CYS B 20 52.04 -25.50 -0.18
CA CYS B 20 52.32 -26.90 0.06
C CYS B 20 53.06 -27.53 -1.12
N ALA B 21 53.48 -28.77 -0.93
CA ALA B 21 54.40 -29.42 -1.85
C ALA B 21 54.09 -30.91 -1.91
N TRP B 22 54.86 -31.63 -2.71
CA TRP B 22 54.61 -33.03 -3.04
C TRP B 22 55.95 -33.75 -3.18
N CYS B 23 55.93 -35.07 -3.04
CA CYS B 23 57.15 -35.87 -3.11
C CYS B 23 56.95 -37.05 -4.05
N ALA B 24 58.05 -37.74 -4.40
CA ALA B 24 57.96 -38.86 -5.33
C ALA B 24 59.08 -39.87 -5.12
N GLN B 25 58.70 -41.15 -5.11
CA GLN B 25 59.55 -42.33 -5.15
C GLN B 25 60.41 -42.58 -3.91
N GLU B 26 61.23 -41.60 -3.48
CA GLU B 26 62.14 -41.89 -2.37
C GLU B 26 61.39 -42.21 -1.09
N ASN B 27 60.22 -41.61 -0.88
CA ASN B 27 59.45 -41.81 0.35
C ASN B 27 60.29 -41.48 1.57
N GLY B 35 51.85 -42.23 4.54
CA GLY B 35 51.37 -41.68 3.28
C GLY B 35 51.15 -40.18 3.35
N GLU B 36 52.14 -39.45 3.86
CA GLU B 36 52.09 -38.00 4.00
C GLU B 36 53.26 -37.41 3.23
N ARG B 37 53.08 -37.33 1.91
CA ARG B 37 54.04 -36.71 1.02
C ARG B 37 53.69 -35.25 0.75
N CYS B 38 52.60 -34.78 1.34
CA CYS B 38 52.12 -33.41 1.19
C CYS B 38 52.49 -32.62 2.44
N ASP B 39 53.33 -31.60 2.29
CA ASP B 39 53.75 -30.80 3.42
C ASP B 39 54.47 -29.57 2.91
N THR B 40 54.77 -28.65 3.83
CA THR B 40 55.58 -27.49 3.49
C THR B 40 56.88 -27.97 2.83
N PRO B 41 57.37 -27.26 1.80
CA PRO B 41 58.61 -27.69 1.15
C PRO B 41 59.76 -27.87 2.13
N ALA B 42 59.90 -26.96 3.11
CA ALA B 42 60.93 -27.15 4.13
C ALA B 42 60.77 -28.50 4.82
N ASN B 43 59.54 -28.88 5.16
CA ASN B 43 59.31 -30.17 5.80
C ASN B 43 59.69 -31.32 4.87
N LEU B 44 59.38 -31.19 3.58
CA LEU B 44 59.77 -32.23 2.63
C LEU B 44 61.29 -32.31 2.52
N LEU B 45 61.97 -31.17 2.53
CA LEU B 45 63.43 -31.18 2.51
C LEU B 45 63.97 -31.73 3.82
N ALA B 46 63.31 -31.45 4.94
CA ALA B 46 63.79 -31.90 6.24
C ALA B 46 63.77 -33.42 6.33
N LYS B 47 62.73 -34.05 5.79
CA LYS B 47 62.61 -35.50 5.84
C LYS B 47 63.21 -36.19 4.62
N GLY B 48 63.83 -35.44 3.72
CA GLY B 48 64.70 -36.01 2.70
C GLY B 48 64.18 -35.94 1.28
N CYS B 49 63.03 -35.31 1.02
CA CYS B 49 62.50 -35.27 -0.33
C CYS B 49 63.44 -34.47 -1.23
N GLN B 50 63.94 -35.09 -2.28
CA GLN B 50 64.83 -34.41 -3.21
C GLN B 50 64.14 -33.18 -3.80
N LEU B 51 64.97 -32.27 -4.31
CA LEU B 51 64.43 -31.02 -4.86
C LEU B 51 63.75 -31.24 -6.21
N ASN B 52 64.26 -32.17 -7.01
CA ASN B 52 63.68 -32.41 -8.33
C ASN B 52 62.26 -32.94 -8.22
N PHE B 53 61.93 -33.67 -7.15
CA PHE B 53 60.64 -34.33 -7.07
C PHE B 53 59.50 -33.31 -7.01
N ILE B 54 59.63 -32.30 -6.16
CA ILE B 54 58.49 -31.51 -5.69
C ILE B 54 57.74 -30.89 -6.86
N GLU B 55 58.36 -29.92 -7.53
CA GLU B 55 57.71 -29.20 -8.63
C GLU B 55 56.32 -28.70 -8.23
N ASN B 56 56.25 -28.07 -7.08
CA ASN B 56 54.97 -27.50 -6.64
C ASN B 56 54.70 -26.22 -7.44
N PRO B 57 53.53 -26.09 -8.07
CA PRO B 57 53.28 -24.91 -8.89
C PRO B 57 53.12 -23.66 -8.04
N VAL B 58 53.54 -22.54 -8.61
CA VAL B 58 53.46 -21.24 -7.95
C VAL B 58 52.78 -20.27 -8.90
N SER B 59 51.98 -19.37 -8.35
CA SER B 59 51.30 -18.38 -9.18
C SER B 59 52.31 -17.53 -9.95
N GLN B 60 51.98 -17.23 -11.21
CA GLN B 60 52.87 -16.48 -12.07
C GLN B 60 52.06 -15.54 -12.96
N VAL B 61 52.73 -14.47 -13.40
CA VAL B 61 52.13 -13.47 -14.29
C VAL B 61 52.92 -13.46 -15.58
N GLU B 62 52.21 -13.47 -16.71
CA GLU B 62 52.80 -13.22 -18.01
C GLU B 62 52.31 -11.89 -18.53
N ILE B 63 53.25 -11.03 -18.92
CA ILE B 63 52.92 -9.74 -19.51
C ILE B 63 52.83 -9.92 -21.03
N LEU B 64 51.68 -9.56 -21.60
CA LEU B 64 51.48 -9.62 -23.04
C LEU B 64 51.56 -8.27 -23.72
N LYS B 65 51.03 -7.22 -23.07
CA LYS B 65 51.09 -5.87 -23.61
C LYS B 65 51.42 -4.92 -22.46
N ASN B 66 52.56 -4.24 -22.57
CA ASN B 66 52.98 -3.27 -21.57
C ASN B 66 53.58 -2.05 -22.24
N LYS B 67 52.83 -1.46 -23.16
CA LYS B 67 53.26 -0.21 -23.77
C LYS B 67 53.37 0.87 -22.69
N PRO B 68 54.39 1.72 -22.74
CA PRO B 68 54.55 2.72 -21.68
C PRO B 68 53.45 3.78 -21.74
N LEU B 69 53.16 4.35 -20.58
CA LEU B 69 52.19 5.43 -20.50
C LEU B 69 52.64 6.62 -21.34
N SER B 70 51.74 7.13 -22.17
CA SER B 70 52.09 8.27 -23.01
C SER B 70 52.36 9.48 -22.13
N VAL B 71 53.16 10.40 -22.66
CA VAL B 71 53.57 11.61 -21.94
C VAL B 71 53.35 12.80 -22.85
N GLY B 72 52.62 13.80 -22.34
CA GLY B 72 52.37 15.01 -23.09
C GLY B 72 51.21 14.86 -24.07
N ARG B 73 50.77 16.01 -24.58
CA ARG B 73 49.72 16.01 -25.58
C ARG B 73 50.11 15.17 -26.78
N GLN B 74 49.18 14.32 -27.23
CA GLN B 74 49.39 13.45 -28.38
C GLN B 74 48.55 13.96 -29.55
N LYS B 75 49.21 14.40 -30.62
CA LYS B 75 48.49 14.85 -31.80
C LYS B 75 47.71 13.71 -32.46
N ASN B 76 48.04 12.46 -32.13
CA ASN B 76 47.40 11.29 -32.74
C ASN B 76 46.68 10.50 -31.67
N SER B 77 45.39 10.26 -31.88
CA SER B 77 44.58 9.55 -30.89
C SER B 77 45.15 8.18 -30.56
N SER B 78 45.82 7.54 -31.52
CA SER B 78 46.24 6.16 -31.35
C SER B 78 47.47 6.02 -30.47
N ASP B 79 48.21 7.11 -30.23
CA ASP B 79 49.39 7.07 -29.37
C ASP B 79 49.08 7.34 -27.91
N ILE B 80 47.82 7.60 -27.56
CA ILE B 80 47.45 7.84 -26.17
C ILE B 80 47.51 6.52 -25.40
N VAL B 81 48.15 6.55 -24.24
CA VAL B 81 48.27 5.38 -23.36
C VAL B 81 48.10 5.88 -21.94
N GLN B 82 46.95 5.57 -21.32
CA GLN B 82 46.61 6.06 -20.00
C GLN B 82 46.61 4.99 -18.91
N ILE B 83 46.65 3.72 -19.28
CA ILE B 83 46.82 2.63 -18.32
C ILE B 83 47.92 1.72 -18.82
N ALA B 84 48.85 1.38 -17.93
CA ALA B 84 49.96 0.49 -18.25
C ALA B 84 50.08 -0.53 -17.11
N PRO B 85 50.21 -1.83 -17.41
CA PRO B 85 50.22 -2.50 -18.73
C PRO B 85 48.83 -2.57 -19.35
N GLN B 86 48.72 -3.20 -20.52
CA GLN B 86 47.44 -3.31 -21.22
C GLN B 86 46.94 -4.75 -21.34
N SER B 87 47.75 -5.75 -20.99
CA SER B 87 47.29 -7.13 -21.06
C SER B 87 48.19 -8.03 -20.22
N LEU B 88 47.58 -8.91 -19.42
CA LEU B 88 48.29 -9.84 -18.57
C LEU B 88 47.58 -11.19 -18.59
N ILE B 89 48.35 -12.24 -18.34
CA ILE B 89 47.83 -13.57 -18.01
C ILE B 89 48.24 -13.89 -16.58
N LEU B 90 47.28 -14.30 -15.76
CA LEU B 90 47.52 -14.59 -14.35
C LEU B 90 47.19 -16.07 -14.11
N LYS B 91 48.23 -16.86 -13.84
CA LYS B 91 48.08 -18.27 -13.53
C LYS B 91 48.12 -18.40 -12.01
N LEU B 92 46.95 -18.54 -11.40
CA LEU B 92 46.80 -18.44 -9.95
C LEU B 92 46.66 -19.82 -9.34
N ARG B 93 47.55 -20.16 -8.42
CA ARG B 93 47.35 -21.35 -7.61
C ARG B 93 46.29 -21.08 -6.56
N PRO B 94 45.30 -21.95 -6.39
CA PRO B 94 44.24 -21.68 -5.42
C PRO B 94 44.77 -21.58 -3.99
N GLY B 95 44.11 -20.74 -3.20
CA GLY B 95 44.55 -20.44 -1.85
C GLY B 95 45.57 -19.33 -1.77
N GLY B 96 46.28 -19.05 -2.85
CA GLY B 96 47.32 -18.05 -2.86
C GLY B 96 46.94 -16.85 -3.69
N ALA B 97 47.64 -15.73 -3.50
CA ALA B 97 47.30 -14.49 -4.16
C ALA B 97 48.51 -13.95 -4.90
N GLN B 98 48.23 -13.16 -5.93
CA GLN B 98 49.24 -12.41 -6.64
C GLN B 98 48.83 -10.94 -6.65
N THR B 99 49.81 -10.05 -6.64
CA THR B 99 49.58 -8.61 -6.58
C THR B 99 50.02 -7.99 -7.90
N LEU B 100 49.06 -7.50 -8.67
CA LEU B 100 49.35 -6.81 -9.93
C LEU B 100 49.60 -5.33 -9.66
N GLN B 101 50.63 -4.78 -10.30
CA GLN B 101 50.93 -3.36 -10.26
C GLN B 101 50.34 -2.70 -11.50
N VAL B 102 49.39 -1.80 -11.29
CA VAL B 102 48.71 -1.10 -12.37
C VAL B 102 49.04 0.38 -12.26
N HIS B 103 49.31 1.01 -13.40
CA HIS B 103 49.72 2.40 -13.47
C HIS B 103 48.76 3.16 -14.38
N VAL B 104 48.32 4.33 -13.93
CA VAL B 104 47.37 5.15 -14.68
C VAL B 104 47.89 6.58 -14.74
N ARG B 105 47.89 7.15 -15.94
CA ARG B 105 48.19 8.56 -16.17
C ARG B 105 47.18 9.10 -17.17
N GLN B 106 46.57 10.24 -16.85
CA GLN B 106 45.66 10.88 -17.78
C GLN B 106 46.44 11.67 -18.81
N THR B 107 45.96 11.63 -20.05
CA THR B 107 46.59 12.38 -21.13
C THR B 107 46.17 13.85 -21.06
N GLU B 108 47.04 14.73 -21.56
CA GLU B 108 46.78 16.16 -21.43
C GLU B 108 45.57 16.59 -22.25
N ASP B 109 45.24 15.87 -23.32
CA ASP B 109 44.13 16.25 -24.20
C ASP B 109 43.32 14.98 -24.51
N TYR B 110 42.29 14.74 -23.70
CA TYR B 110 41.40 13.62 -23.93
C TYR B 110 40.05 14.14 -24.42
N PRO B 111 39.48 13.56 -25.48
CA PRO B 111 38.18 14.03 -25.95
C PRO B 111 37.10 13.87 -24.87
N VAL B 112 36.08 14.72 -24.97
CA VAL B 112 35.02 14.79 -23.97
C VAL B 112 33.66 14.80 -24.68
N ASP B 113 32.76 13.92 -24.25
CA ASP B 113 31.37 13.91 -24.68
C ASP B 113 30.49 14.32 -23.51
N LEU B 114 29.54 15.22 -23.76
CA LEU B 114 28.62 15.67 -22.71
C LEU B 114 27.20 15.60 -23.24
N TYR B 115 26.35 14.86 -22.55
CA TYR B 115 24.93 14.77 -22.88
C TYR B 115 24.14 15.55 -21.85
N TYR B 116 23.41 16.58 -22.29
CA TYR B 116 22.59 17.40 -21.42
C TYR B 116 21.20 16.79 -21.36
N LEU B 117 20.86 16.17 -20.23
CA LEU B 117 19.59 15.48 -20.03
C LEU B 117 18.77 16.25 -19.00
N MET B 118 17.71 16.90 -19.45
CA MET B 118 17.05 17.93 -18.67
C MET B 118 15.59 17.56 -18.38
N ASP B 119 15.21 17.69 -17.11
CA ASP B 119 13.82 17.71 -16.71
C ASP B 119 13.10 18.86 -17.42
N LEU B 120 12.04 18.54 -18.18
CA LEU B 120 11.26 19.55 -18.87
C LEU B 120 9.84 19.66 -18.32
N SER B 121 9.63 19.34 -17.05
CA SER B 121 8.33 19.56 -16.45
C SER B 121 8.14 21.05 -16.16
N ALA B 122 6.97 21.41 -15.66
CA ALA B 122 6.52 22.80 -15.71
C ALA B 122 7.34 23.74 -14.85
N SER B 123 8.07 23.23 -13.85
CA SER B 123 8.90 24.08 -13.01
C SER B 123 10.27 24.37 -13.63
N MET B 124 10.52 23.91 -14.86
CA MET B 124 11.81 24.07 -15.52
C MET B 124 11.73 25.02 -16.70
N ASP B 125 10.67 25.82 -16.79
CA ASP B 125 10.56 26.75 -17.91
C ASP B 125 11.52 27.92 -17.75
N ASP B 126 11.65 28.43 -16.52
CA ASP B 126 12.66 29.46 -16.27
C ASP B 126 14.04 28.93 -16.58
N ASP B 127 14.32 27.67 -16.21
CA ASP B 127 15.60 27.06 -16.51
C ASP B 127 15.90 27.10 -18.00
N LEU B 128 14.89 26.85 -18.84
CA LEU B 128 15.10 26.92 -20.28
C LEU B 128 15.55 28.31 -20.70
N ASN B 129 14.94 29.36 -20.14
CA ASN B 129 15.24 30.71 -20.59
C ASN B 129 16.68 31.10 -20.28
N THR B 130 17.25 30.62 -19.17
CA THR B 130 18.57 31.06 -18.77
C THR B 130 19.69 30.26 -19.42
N ILE B 131 19.39 29.17 -20.12
CA ILE B 131 20.41 28.36 -20.78
C ILE B 131 20.34 28.51 -22.30
N LYS B 132 19.72 29.59 -22.80
CA LYS B 132 19.59 29.78 -24.25
C LYS B 132 20.95 29.76 -24.94
N GLU B 133 22.00 30.17 -24.24
CA GLU B 133 23.35 30.23 -24.81
C GLU B 133 24.34 29.38 -24.02
N LEU B 134 23.83 28.35 -23.33
CA LEU B 134 24.71 27.44 -22.60
C LEU B 134 25.63 26.69 -23.57
N GLY B 135 25.07 26.23 -24.69
CA GLY B 135 25.88 25.48 -25.65
C GLY B 135 27.18 26.19 -26.00
N SER B 136 27.09 27.46 -26.41
CA SER B 136 28.29 28.18 -26.81
C SER B 136 29.13 28.56 -25.61
N ARG B 137 28.50 28.99 -24.51
CA ARG B 137 29.26 29.28 -23.29
C ARG B 137 30.05 28.06 -22.84
N LEU B 138 29.39 26.91 -22.78
CA LEU B 138 30.04 25.71 -22.28
C LEU B 138 31.17 25.26 -23.20
N SER B 139 30.92 25.25 -24.52
CA SER B 139 31.95 24.80 -25.45
C SER B 139 33.13 25.76 -25.50
N LYS B 140 32.90 27.05 -25.24
CA LYS B 140 34.02 27.99 -25.17
C LYS B 140 34.94 27.64 -24.02
N GLU B 141 34.38 27.41 -22.84
CA GLU B 141 35.19 27.02 -21.69
C GLU B 141 35.86 25.67 -21.91
N MET B 142 35.10 24.68 -22.37
CA MET B 142 35.66 23.35 -22.58
C MET B 142 36.75 23.35 -23.65
N SER B 143 36.76 24.35 -24.54
CA SER B 143 37.83 24.43 -25.53
C SER B 143 39.18 24.71 -24.87
N LYS B 144 39.18 25.40 -23.72
CA LYS B 144 40.42 25.64 -23.01
C LYS B 144 41.00 24.36 -22.41
N LEU B 145 40.19 23.31 -22.29
CA LEU B 145 40.57 22.09 -21.57
C LEU B 145 40.72 20.86 -22.47
N THR B 146 39.98 20.81 -23.57
CA THR B 146 40.07 19.71 -24.52
C THR B 146 39.83 20.27 -25.92
N SER B 147 40.43 19.63 -26.91
CA SER B 147 40.26 20.04 -28.30
C SER B 147 39.15 19.26 -29.00
N ASN B 148 38.48 18.34 -28.31
CA ASN B 148 37.40 17.54 -28.88
C ASN B 148 36.25 17.49 -27.86
N PHE B 149 35.50 18.59 -27.78
CA PHE B 149 34.28 18.64 -26.98
C PHE B 149 33.08 18.53 -27.90
N ARG B 150 32.22 17.56 -27.63
CA ARG B 150 30.94 17.42 -28.30
C ARG B 150 29.85 17.38 -27.25
N LEU B 151 28.70 17.96 -27.56
CA LEU B 151 27.58 17.97 -26.61
C LEU B 151 26.29 17.64 -27.32
N GLY B 152 25.38 17.02 -26.56
CA GLY B 152 24.07 16.67 -27.06
C GLY B 152 23.01 17.05 -26.05
N PHE B 153 21.76 16.94 -26.47
CA PHE B 153 20.64 17.35 -25.64
C PHE B 153 19.55 16.29 -25.66
N GLY B 154 18.99 16.03 -24.47
CA GLY B 154 17.83 15.18 -24.34
C GLY B 154 16.95 15.70 -23.23
N SER B 155 15.68 15.30 -23.26
CA SER B 155 14.70 15.80 -22.32
C SER B 155 13.81 14.67 -21.84
N PHE B 156 13.29 14.83 -20.62
CA PHE B 156 12.40 13.84 -20.02
C PHE B 156 11.37 14.54 -19.16
N VAL B 157 10.24 13.86 -18.95
CA VAL B 157 9.27 14.29 -17.96
C VAL B 157 8.82 13.08 -17.15
N GLU B 158 8.00 12.22 -17.76
CA GLU B 158 7.30 11.21 -16.99
C GLU B 158 6.61 10.23 -17.94
N LYS B 159 6.43 8.99 -17.47
CA LYS B 159 5.66 8.02 -18.22
C LYS B 159 4.27 8.60 -18.48
N PRO B 160 3.85 8.75 -19.74
CA PRO B 160 2.57 9.44 -20.03
C PRO B 160 1.37 8.50 -19.87
N VAL B 161 1.15 8.02 -18.64
CA VAL B 161 0.04 7.11 -18.35
C VAL B 161 -0.57 7.48 -17.00
N SER B 162 -1.81 7.07 -16.83
CA SER B 162 -2.45 7.18 -15.52
C SER B 162 -1.73 6.27 -14.53
N PRO B 163 -1.55 6.70 -13.27
CA PRO B 163 -2.10 7.87 -12.59
C PRO B 163 -1.15 9.07 -12.53
N PHE B 164 -0.05 9.02 -13.29
CA PHE B 164 0.95 10.09 -13.22
C PHE B 164 0.57 11.31 -14.03
N VAL B 165 -0.31 11.16 -15.02
CA VAL B 165 -0.79 12.28 -15.81
C VAL B 165 -2.32 12.25 -15.80
N LYS B 166 -2.91 13.42 -16.06
CA LYS B 166 -4.35 13.49 -16.28
C LYS B 166 -4.70 12.81 -17.60
N THR B 167 -5.81 12.06 -17.61
CA THR B 167 -6.23 11.32 -18.80
C THR B 167 -7.45 11.93 -19.48
N THR B 168 -7.85 13.13 -19.11
CA THR B 168 -8.96 13.74 -19.83
C THR B 168 -8.46 14.26 -21.19
N PRO B 169 -9.33 14.29 -22.20
CA PRO B 169 -8.89 14.78 -23.52
C PRO B 169 -8.17 16.12 -23.45
N GLU B 170 -8.74 17.09 -22.74
CA GLU B 170 -8.12 18.41 -22.64
C GLU B 170 -6.73 18.32 -22.02
N GLU B 171 -6.62 17.58 -20.91
CA GLU B 171 -5.35 17.53 -20.19
C GLU B 171 -4.28 16.77 -20.96
N ILE B 172 -4.66 15.73 -21.70
CA ILE B 172 -3.68 15.00 -22.50
C ILE B 172 -3.10 15.92 -23.57
N ALA B 173 -3.97 16.65 -24.27
CA ALA B 173 -3.51 17.53 -25.33
C ALA B 173 -2.63 18.64 -24.80
N ASN B 174 -2.99 19.20 -23.63
CA ASN B 174 -2.25 20.31 -23.04
C ASN B 174 -2.30 20.14 -21.54
N PRO B 175 -1.31 19.46 -20.95
CA PRO B 175 -1.33 19.21 -19.50
C PRO B 175 -1.23 20.47 -18.65
N CYS B 176 -1.13 21.66 -19.26
CA CYS B 176 -1.13 22.93 -18.53
C CYS B 176 -2.33 23.79 -18.86
N SER B 177 -3.30 23.26 -19.61
CA SER B 177 -4.46 24.05 -20.01
C SER B 177 -5.21 24.62 -18.82
N SER B 178 -5.00 24.07 -17.63
CA SER B 178 -5.71 24.48 -16.43
C SER B 178 -5.19 25.75 -15.80
N ILE B 179 -4.00 26.22 -16.20
CA ILE B 179 -3.33 27.30 -15.47
C ILE B 179 -3.89 28.66 -15.84
N PRO B 180 -3.92 29.07 -17.13
CA PRO B 180 -3.48 28.39 -18.36
C PRO B 180 -2.02 28.65 -18.71
N TYR B 181 -1.46 27.78 -19.53
CA TYR B 181 -0.09 27.91 -20.01
C TYR B 181 0.10 26.91 -21.12
N PHE B 182 1.01 27.22 -22.05
CA PHE B 182 1.23 26.37 -23.21
C PHE B 182 2.28 25.31 -22.85
N CYS B 183 1.85 24.06 -22.82
CA CYS B 183 2.72 22.92 -22.58
C CYS B 183 2.44 21.86 -23.63
N LEU B 184 3.44 21.05 -23.92
CA LEU B 184 3.24 19.93 -24.81
C LEU B 184 2.77 18.71 -24.04
N PRO B 185 2.08 17.79 -24.69
CA PRO B 185 1.66 16.55 -24.01
C PRO B 185 2.82 15.89 -23.28
N THR B 186 2.53 15.28 -22.14
CA THR B 186 3.57 14.61 -21.37
C THR B 186 4.27 13.56 -22.22
N PHE B 187 5.56 13.36 -21.94
CA PHE B 187 6.37 12.42 -22.70
C PHE B 187 7.44 11.85 -21.77
N GLY B 188 7.87 10.62 -22.07
CA GLY B 188 8.85 9.93 -21.25
C GLY B 188 10.25 10.43 -21.45
N PHE B 189 10.83 10.18 -22.62
CA PHE B 189 12.19 10.64 -22.90
C PHE B 189 12.32 10.97 -24.39
N LYS B 190 12.66 12.22 -24.69
CA LYS B 190 12.96 12.66 -26.04
C LYS B 190 14.47 12.81 -26.17
N HIS B 191 15.08 12.01 -27.04
CA HIS B 191 16.44 12.23 -27.48
C HIS B 191 16.39 13.14 -28.70
N ILE B 192 16.93 14.35 -28.57
CA ILE B 192 16.68 15.41 -29.51
C ILE B 192 17.89 15.72 -30.38
N LEU B 193 19.10 15.66 -29.82
CA LEU B 193 20.28 16.00 -30.61
C LEU B 193 21.45 15.09 -30.27
N PRO B 194 21.89 14.22 -31.19
CA PRO B 194 23.15 13.50 -30.97
C PRO B 194 24.29 14.48 -30.73
N LEU B 195 25.31 13.98 -30.04
CA LEU B 195 26.49 14.79 -29.75
C LEU B 195 27.09 15.35 -31.03
N THR B 196 27.35 16.65 -31.05
CA THR B 196 27.99 17.31 -32.17
C THR B 196 28.95 18.37 -31.65
N ASN B 197 29.89 18.75 -32.52
CA ASN B 197 30.78 19.86 -32.21
C ASN B 197 30.04 21.19 -32.25
N ASP B 198 28.96 21.26 -33.02
CA ASP B 198 28.28 22.52 -33.31
C ASP B 198 27.49 22.98 -32.09
N ALA B 199 28.08 23.90 -31.31
CA ALA B 199 27.39 24.41 -30.13
C ALA B 199 26.20 25.28 -30.49
N GLU B 200 26.29 26.03 -31.59
CA GLU B 200 25.16 26.86 -32.01
C GLU B 200 23.93 26.01 -32.27
N ARG B 201 24.11 24.81 -32.83
CA ARG B 201 22.97 23.92 -33.03
C ARG B 201 22.34 23.54 -31.70
N PHE B 202 23.17 23.26 -30.70
CA PHE B 202 22.65 23.00 -29.35
C PHE B 202 21.87 24.20 -28.83
N ASN B 203 22.39 25.41 -29.03
CA ASN B 203 21.64 26.61 -28.64
C ASN B 203 20.29 26.68 -29.35
N GLU B 204 20.26 26.29 -30.62
CA GLU B 204 19.04 26.46 -31.41
C GLU B 204 17.92 25.55 -30.91
N ILE B 205 18.24 24.30 -30.58
CA ILE B 205 17.20 23.39 -30.15
C ILE B 205 16.72 23.76 -28.75
N VAL B 206 17.63 24.18 -27.87
CA VAL B 206 17.23 24.61 -26.54
C VAL B 206 16.19 25.73 -26.64
N LYS B 207 16.45 26.71 -27.50
CA LYS B 207 15.52 27.82 -27.68
C LYS B 207 14.14 27.34 -28.13
N ASN B 208 14.09 26.27 -28.92
CA ASN B 208 12.84 25.78 -29.48
C ASN B 208 12.13 24.79 -28.57
N GLN B 209 12.71 24.44 -27.42
CA GLN B 209 12.06 23.49 -26.52
C GLN B 209 10.91 24.16 -25.80
N LYS B 210 9.83 23.39 -25.59
CA LYS B 210 8.70 23.81 -24.80
C LYS B 210 8.47 22.80 -23.68
N ILE B 211 8.05 23.28 -22.52
CA ILE B 211 7.89 22.43 -21.35
C ILE B 211 6.68 21.52 -21.50
N SER B 212 6.59 20.51 -20.63
CA SER B 212 5.38 19.72 -20.47
C SER B 212 5.01 19.74 -18.98
N ALA B 213 4.13 18.86 -18.55
CA ALA B 213 3.73 18.83 -17.15
C ALA B 213 3.15 17.46 -16.82
N ASN B 214 2.93 17.25 -15.52
CA ASN B 214 2.30 16.03 -15.03
C ASN B 214 1.88 16.28 -13.58
N ILE B 215 1.35 15.25 -12.94
CA ILE B 215 0.67 15.40 -11.66
C ILE B 215 1.60 15.18 -10.48
N ASP B 216 2.32 14.05 -10.45
CA ASP B 216 3.04 13.65 -9.27
C ASP B 216 4.49 14.15 -9.30
N THR B 217 5.03 14.38 -8.10
CA THR B 217 6.31 15.08 -8.00
C THR B 217 7.46 14.28 -8.58
N PRO B 218 7.71 13.03 -8.18
CA PRO B 218 8.84 12.30 -8.75
C PRO B 218 8.64 12.10 -10.24
N GLU B 219 9.72 12.25 -11.00
CA GLU B 219 9.67 12.23 -12.45
C GLU B 219 10.36 10.96 -12.97
N GLY B 220 10.36 10.81 -14.29
CA GLY B 220 10.82 9.57 -14.90
C GLY B 220 12.22 9.64 -15.48
N GLY B 221 13.08 10.47 -14.88
CA GLY B 221 14.42 10.64 -15.41
C GLY B 221 15.20 9.34 -15.51
N PHE B 222 15.01 8.44 -14.54
CA PHE B 222 15.75 7.17 -14.58
C PHE B 222 15.52 6.44 -15.90
N ASP B 223 14.30 6.51 -16.44
CA ASP B 223 14.06 5.96 -17.77
C ASP B 223 14.99 6.60 -18.78
N ALA B 224 15.09 7.93 -18.75
CA ALA B 224 15.94 8.64 -19.69
C ALA B 224 17.42 8.36 -19.44
N ILE B 225 17.83 8.32 -18.17
CA ILE B 225 19.23 8.00 -17.86
C ILE B 225 19.60 6.66 -18.48
N MET B 226 18.77 5.64 -18.26
CA MET B 226 19.05 4.32 -18.81
C MET B 226 19.20 4.39 -20.33
N GLN B 227 18.29 5.09 -20.99
CA GLN B 227 18.32 5.16 -22.44
C GLN B 227 19.58 5.88 -22.94
N ALA B 228 19.93 7.00 -22.31
CA ALA B 228 21.11 7.74 -22.74
C ALA B 228 22.38 6.93 -22.56
N ALA B 229 22.40 6.03 -21.57
CA ALA B 229 23.60 5.26 -21.29
C ALA B 229 23.78 4.10 -22.27
N VAL B 230 22.70 3.53 -22.79
CA VAL B 230 22.78 2.28 -23.53
C VAL B 230 22.70 2.50 -25.03
N CYS B 231 22.07 3.59 -25.46
CA CYS B 231 21.89 3.87 -26.89
C CYS B 231 23.15 4.53 -27.44
N LYS B 232 24.22 3.73 -27.54
CA LYS B 232 25.51 4.27 -27.96
C LYS B 232 25.42 4.93 -29.34
N GLU B 233 24.86 4.21 -30.32
CA GLU B 233 24.85 4.73 -31.70
C GLU B 233 24.01 5.98 -31.81
N LYS B 234 22.77 5.94 -31.30
CA LYS B 234 21.86 7.06 -31.50
C LYS B 234 22.26 8.27 -30.66
N ILE B 235 22.73 8.04 -29.43
CA ILE B 235 23.26 9.14 -28.64
C ILE B 235 24.56 9.65 -29.25
N GLY B 236 25.36 8.75 -29.79
CA GLY B 236 26.61 9.13 -30.42
C GLY B 236 27.84 9.10 -29.53
N TRP B 237 27.80 8.38 -28.41
CA TRP B 237 29.03 8.19 -27.64
C TRP B 237 30.10 7.61 -28.55
N ARG B 238 31.29 8.20 -28.50
CA ARG B 238 32.44 7.69 -29.22
C ARG B 238 33.40 6.98 -28.26
N ASN B 239 34.08 5.97 -28.78
CA ASN B 239 35.10 5.32 -27.97
C ASN B 239 36.12 6.36 -27.48
N ASP B 240 36.90 5.97 -26.48
CA ASP B 240 38.11 6.68 -26.11
C ASP B 240 37.85 8.18 -25.88
N SER B 241 36.80 8.45 -25.10
CA SER B 241 36.52 9.80 -24.64
C SER B 241 35.72 9.72 -23.36
N LEU B 242 35.72 10.81 -22.60
CA LEU B 242 34.85 10.90 -21.45
C LEU B 242 33.39 10.94 -21.90
N HIS B 243 32.52 10.36 -21.08
CA HIS B 243 31.08 10.33 -21.34
C HIS B 243 30.38 10.96 -20.14
N LEU B 244 30.12 12.26 -20.22
CA LEU B 244 29.48 13.00 -19.15
C LEU B 244 27.98 13.10 -19.42
N LEU B 245 27.18 12.47 -18.57
CA LEU B 245 25.72 12.54 -18.65
C LEU B 245 25.25 13.48 -17.54
N VAL B 246 24.80 14.67 -17.93
CA VAL B 246 24.43 15.71 -16.97
C VAL B 246 22.91 15.63 -16.79
N PHE B 247 22.51 15.17 -15.61
CA PHE B 247 21.10 15.00 -15.25
C PHE B 247 20.64 16.26 -14.53
N VAL B 248 19.73 17.01 -15.13
CA VAL B 248 19.31 18.32 -14.66
C VAL B 248 17.84 18.24 -14.28
N SER B 249 17.55 18.40 -12.99
CA SER B 249 16.19 18.25 -12.49
C SER B 249 16.08 18.92 -11.13
N ASP B 250 14.83 19.27 -10.76
CA ASP B 250 14.52 19.84 -9.45
C ASP B 250 13.59 18.92 -8.66
N ALA B 251 13.61 17.62 -8.96
CA ALA B 251 12.69 16.67 -8.33
C ALA B 251 13.38 15.34 -8.14
N ASP B 252 12.82 14.53 -7.25
CA ASP B 252 13.30 13.17 -7.07
C ASP B 252 12.85 12.32 -8.25
N SER B 253 13.12 11.01 -8.18
CA SER B 253 12.99 10.14 -9.33
C SER B 253 12.22 8.87 -9.01
N HIS B 254 11.30 8.51 -9.91
CA HIS B 254 10.69 7.19 -9.85
C HIS B 254 11.73 6.12 -10.12
N PHE B 255 11.53 4.95 -9.53
CA PHE B 255 12.45 3.84 -9.74
C PHE B 255 11.67 2.52 -9.68
N GLY B 256 12.26 1.49 -10.28
CA GLY B 256 11.72 0.15 -10.27
C GLY B 256 10.22 0.06 -10.39
N MET B 257 9.58 -0.50 -9.35
CA MET B 257 8.19 -0.91 -9.42
C MET B 257 7.21 0.21 -9.08
N ASP B 258 7.66 1.46 -9.07
CA ASP B 258 6.70 2.57 -8.99
C ASP B 258 5.68 2.48 -10.12
N SER B 259 6.11 2.02 -11.29
CA SER B 259 5.23 1.92 -12.44
C SER B 259 4.07 0.97 -12.22
N LYS B 260 4.14 0.13 -11.18
CA LYS B 260 3.05 -0.81 -10.90
C LYS B 260 1.73 -0.09 -10.70
N LEU B 261 1.77 1.15 -10.19
CA LEU B 261 0.55 1.92 -10.02
C LEU B 261 -0.17 2.10 -11.36
N ALA B 262 0.57 2.18 -12.45
CA ALA B 262 0.00 2.40 -13.76
C ALA B 262 -0.24 1.10 -14.53
N GLY B 263 -0.14 -0.04 -13.87
CA GLY B 263 -0.32 -1.32 -14.55
C GLY B 263 0.88 -1.79 -15.33
N ILE B 264 2.04 -1.20 -15.11
CA ILE B 264 3.27 -1.53 -15.82
C ILE B 264 4.09 -2.44 -14.89
N VAL B 265 4.12 -3.73 -15.21
CA VAL B 265 4.70 -4.71 -14.30
C VAL B 265 5.66 -5.65 -15.02
N CYS B 266 6.34 -5.16 -16.05
CA CYS B 266 7.35 -5.94 -16.75
C CYS B 266 8.69 -5.24 -16.61
N PRO B 267 9.70 -5.88 -16.01
CA PRO B 267 10.93 -5.15 -15.65
C PRO B 267 11.63 -4.54 -16.86
N ASN B 268 12.26 -3.38 -16.61
CA ASN B 268 13.16 -2.77 -17.58
C ASN B 268 14.19 -3.79 -18.04
N ASP B 269 14.52 -3.75 -19.33
CA ASP B 269 15.39 -4.75 -19.94
C ASP B 269 16.78 -4.21 -20.27
N GLY B 270 17.08 -2.96 -19.92
CA GLY B 270 18.40 -2.43 -20.16
C GLY B 270 18.79 -2.27 -21.61
N LEU B 271 17.85 -2.43 -22.54
CA LEU B 271 18.11 -2.30 -23.96
C LEU B 271 17.70 -0.91 -24.46
N CYS B 272 18.25 -0.54 -25.61
CA CYS B 272 17.87 0.71 -26.25
C CYS B 272 16.51 0.54 -26.94
N HIS B 273 15.65 1.54 -26.76
CA HIS B 273 14.29 1.50 -27.32
C HIS B 273 13.89 2.89 -27.80
N LEU B 274 14.68 3.46 -28.71
CA LEU B 274 14.38 4.75 -29.33
C LEU B 274 13.70 4.50 -30.67
N ASP B 275 12.52 5.07 -30.85
CA ASP B 275 11.72 4.83 -32.04
C ASP B 275 12.12 5.80 -33.15
N SER B 276 11.29 5.89 -34.19
CA SER B 276 11.61 6.75 -35.33
C SER B 276 11.63 8.22 -34.93
N LYS B 277 10.72 8.64 -34.05
CA LYS B 277 10.75 10.00 -33.53
C LYS B 277 11.87 10.21 -32.50
N ASN B 278 12.78 9.24 -32.33
CA ASN B 278 13.82 9.28 -31.31
C ASN B 278 13.26 9.37 -29.90
N GLU B 279 12.02 8.94 -29.70
CA GLU B 279 11.41 8.90 -28.38
C GLU B 279 11.50 7.49 -27.81
N TYR B 280 11.56 7.42 -26.48
CA TYR B 280 11.61 6.13 -25.79
C TYR B 280 10.27 5.43 -25.93
N SER B 281 10.26 4.32 -26.66
CA SER B 281 9.01 3.67 -27.04
C SER B 281 8.45 2.74 -25.97
N MET B 282 9.30 2.25 -25.06
CA MET B 282 8.84 1.38 -23.99
C MET B 282 8.44 2.15 -22.74
N SER B 283 8.28 3.47 -22.84
CA SER B 283 7.95 4.28 -21.67
C SER B 283 6.71 3.75 -20.96
N THR B 284 5.69 3.36 -21.70
CA THR B 284 4.43 2.89 -21.14
C THR B 284 4.38 1.37 -21.01
N VAL B 285 5.48 0.67 -21.25
CA VAL B 285 5.50 -0.79 -21.33
C VAL B 285 6.34 -1.41 -20.21
N LEU B 286 7.44 -0.78 -19.84
CA LEU B 286 8.41 -1.38 -18.93
C LEU B 286 8.57 -0.54 -17.68
N GLU B 287 8.85 -1.23 -16.57
CA GLU B 287 9.07 -0.56 -15.29
C GLU B 287 10.23 0.43 -15.40
N TYR B 288 10.22 1.41 -14.50
CA TYR B 288 11.38 2.25 -14.32
C TYR B 288 12.60 1.38 -14.01
N PRO B 289 13.80 1.85 -14.31
CA PRO B 289 15.00 1.11 -13.91
C PRO B 289 15.15 1.08 -12.40
N THR B 290 15.88 0.09 -11.92
CA THR B 290 16.34 0.03 -10.54
C THR B 290 17.75 0.59 -10.46
N ILE B 291 18.17 0.94 -9.25
CA ILE B 291 19.54 1.42 -9.07
C ILE B 291 20.52 0.36 -9.54
N GLY B 292 20.31 -0.89 -9.14
CA GLY B 292 21.16 -1.97 -9.63
C GLY B 292 21.22 -2.03 -11.14
N GLN B 293 20.09 -1.81 -11.81
CA GLN B 293 20.07 -1.83 -13.27
C GLN B 293 20.83 -0.65 -13.85
N LEU B 294 20.72 0.53 -13.22
CA LEU B 294 21.41 1.71 -13.73
C LEU B 294 22.91 1.59 -13.50
N ILE B 295 23.32 1.02 -12.36
CA ILE B 295 24.75 0.82 -12.13
C ILE B 295 25.33 -0.09 -13.19
N ASP B 296 24.63 -1.17 -13.52
CA ASP B 296 25.13 -2.11 -14.51
C ASP B 296 25.44 -1.42 -15.83
N LYS B 297 24.49 -0.63 -16.33
CA LYS B 297 24.63 -0.05 -17.66
C LYS B 297 25.49 1.20 -17.67
N LEU B 298 25.50 1.98 -16.60
CA LEU B 298 26.41 3.13 -16.55
C LEU B 298 27.86 2.66 -16.57
N VAL B 299 28.19 1.62 -15.81
CA VAL B 299 29.55 1.08 -15.82
C VAL B 299 29.85 0.43 -17.16
N GLN B 300 28.96 -0.42 -17.63
CA GLN B 300 29.19 -1.13 -18.88
C GLN B 300 29.48 -0.17 -20.03
N ASN B 301 28.75 0.95 -20.09
CA ASN B 301 28.93 1.93 -21.14
C ASN B 301 29.88 3.05 -20.76
N ASN B 302 30.54 2.93 -19.61
CA ASN B 302 31.57 3.90 -19.22
C ASN B 302 31.02 5.32 -19.27
N VAL B 303 29.91 5.53 -18.58
CA VAL B 303 29.22 6.83 -18.52
C VAL B 303 29.39 7.40 -17.12
N LEU B 304 29.82 8.65 -17.04
CA LEU B 304 29.96 9.38 -15.78
C LEU B 304 28.73 10.24 -15.60
N LEU B 305 27.93 9.94 -14.59
CA LEU B 305 26.67 10.61 -14.34
C LEU B 305 26.86 11.78 -13.38
N ILE B 306 26.28 12.92 -13.71
CA ILE B 306 26.41 14.14 -12.91
C ILE B 306 25.00 14.59 -12.56
N PHE B 307 24.63 14.45 -11.29
CA PHE B 307 23.32 14.91 -10.83
C PHE B 307 23.42 16.40 -10.53
N ALA B 308 22.85 17.22 -11.41
CA ALA B 308 22.77 18.67 -11.22
C ALA B 308 21.35 18.97 -10.78
N VAL B 309 21.13 18.98 -9.45
CA VAL B 309 19.78 19.06 -8.90
C VAL B 309 19.74 20.14 -7.82
N THR B 310 18.51 20.54 -7.47
CA THR B 310 18.27 21.67 -6.58
C THR B 310 18.53 21.29 -5.13
N GLN B 311 18.57 22.33 -4.28
CA GLN B 311 18.92 22.16 -2.87
C GLN B 311 18.04 21.11 -2.20
N GLU B 312 16.74 21.11 -2.49
CA GLU B 312 15.83 20.20 -1.81
C GLU B 312 16.08 18.74 -2.17
N GLN B 313 16.78 18.48 -3.28
CA GLN B 313 17.02 17.13 -3.75
C GLN B 313 18.47 16.67 -3.62
N VAL B 314 19.37 17.56 -3.22
CA VAL B 314 20.80 17.25 -3.28
C VAL B 314 21.14 16.07 -2.37
N HIS B 315 20.61 16.06 -1.16
CA HIS B 315 20.97 14.99 -0.23
C HIS B 315 20.52 13.64 -0.76
N LEU B 316 19.32 13.56 -1.32
CA LEU B 316 18.83 12.31 -1.89
C LEU B 316 19.78 11.82 -2.98
N TYR B 317 20.13 12.70 -3.92
CA TYR B 317 20.93 12.26 -5.06
C TYR B 317 22.37 11.97 -4.67
N GLU B 318 22.88 12.63 -3.63
CA GLU B 318 24.18 12.24 -3.08
C GLU B 318 24.15 10.79 -2.61
N ASN B 319 23.07 10.38 -1.95
CA ASN B 319 22.95 8.99 -1.52
C ASN B 319 22.92 8.04 -2.72
N TYR B 320 22.22 8.43 -3.79
CA TYR B 320 22.26 7.65 -5.02
C TYR B 320 23.67 7.59 -5.57
N ALA B 321 24.36 8.74 -5.60
CA ALA B 321 25.70 8.78 -6.19
C ALA B 321 26.68 7.88 -5.43
N LYS B 322 26.46 7.71 -4.12
CA LYS B 322 27.34 6.82 -3.36
C LYS B 322 27.39 5.42 -3.97
N LEU B 323 26.27 4.96 -4.52
CA LEU B 323 26.17 3.60 -5.03
C LEU B 323 26.60 3.47 -6.48
N ILE B 324 26.82 4.58 -7.18
CA ILE B 324 27.01 4.59 -8.63
C ILE B 324 28.45 4.99 -8.92
N PRO B 325 29.26 4.11 -9.51
CA PRO B 325 30.67 4.45 -9.75
C PRO B 325 30.80 5.69 -10.64
N GLY B 326 31.61 6.64 -10.18
CA GLY B 326 31.89 7.84 -10.95
C GLY B 326 30.85 8.93 -10.84
N ALA B 327 29.70 8.66 -10.23
CA ALA B 327 28.64 9.65 -10.16
C ALA B 327 28.98 10.74 -9.15
N THR B 328 28.55 11.97 -9.45
CA THR B 328 28.72 13.09 -8.56
C THR B 328 27.45 13.93 -8.56
N VAL B 329 27.40 14.89 -7.63
CA VAL B 329 26.24 15.76 -7.46
C VAL B 329 26.69 17.20 -7.43
N GLY B 330 25.94 18.06 -8.09
CA GLY B 330 26.14 19.50 -7.99
C GLY B 330 24.84 20.19 -7.62
N LEU B 331 24.95 21.23 -6.81
CA LEU B 331 23.78 21.96 -6.33
C LEU B 331 23.35 22.97 -7.40
N LEU B 332 22.17 22.75 -7.97
CA LEU B 332 21.67 23.50 -9.10
C LEU B 332 20.71 24.59 -8.63
N GLN B 333 20.88 25.80 -9.17
CA GLN B 333 19.98 26.89 -8.84
C GLN B 333 18.58 26.62 -9.39
N LYS B 334 17.60 27.35 -8.85
CA LYS B 334 16.21 27.14 -9.25
C LYS B 334 15.98 27.49 -10.72
N ASP B 335 16.87 28.27 -11.34
CA ASP B 335 16.74 28.63 -12.74
C ASP B 335 17.88 28.10 -13.59
N SER B 336 18.66 27.14 -13.08
CA SER B 336 19.83 26.61 -13.77
C SER B 336 20.90 27.68 -14.02
N GLY B 337 20.82 28.81 -13.31
CA GLY B 337 21.72 29.91 -13.59
C GLY B 337 23.19 29.55 -13.49
N ASN B 338 23.52 28.53 -12.71
CA ASN B 338 24.90 28.16 -12.44
C ASN B 338 25.29 26.81 -13.03
N ILE B 339 24.52 26.30 -14.00
CA ILE B 339 24.78 24.95 -14.51
C ILE B 339 26.14 24.89 -15.19
N LEU B 340 26.58 25.99 -15.81
CA LEU B 340 27.89 25.99 -16.45
C LEU B 340 28.99 25.74 -15.43
N GLN B 341 28.95 26.45 -14.30
CA GLN B 341 29.96 26.27 -13.27
C GLN B 341 29.91 24.86 -12.68
N LEU B 342 28.71 24.31 -12.51
CA LEU B 342 28.61 22.94 -12.01
C LEU B 342 29.32 21.96 -12.93
N ILE B 343 29.18 22.14 -14.25
CA ILE B 343 29.79 21.22 -15.21
C ILE B 343 31.31 21.31 -15.12
N ILE B 344 31.85 22.53 -15.19
CA ILE B 344 33.30 22.70 -15.18
C ILE B 344 33.88 22.12 -13.89
N SER B 345 33.20 22.35 -12.76
CA SER B 345 33.71 21.83 -11.49
C SER B 345 33.77 20.30 -11.51
N ALA B 346 32.69 19.66 -11.96
CA ALA B 346 32.67 18.20 -12.03
C ALA B 346 33.77 17.70 -12.95
N TYR B 347 33.90 18.32 -14.14
CA TYR B 347 34.94 17.91 -15.07
C TYR B 347 36.32 18.10 -14.48
N GLU B 348 36.57 19.26 -13.86
CA GLU B 348 37.87 19.50 -13.24
C GLU B 348 38.15 18.48 -12.14
N GLU B 349 37.16 18.19 -11.31
CA GLU B 349 37.35 17.14 -10.30
C GLU B 349 37.68 15.82 -10.95
N LEU B 350 36.97 15.45 -12.02
CA LEU B 350 37.24 14.19 -12.70
C LEU B 350 38.66 14.15 -13.26
N ARG B 351 39.16 15.27 -13.77
CA ARG B 351 40.50 15.32 -14.33
C ARG B 351 41.60 15.34 -13.28
N SER B 352 41.24 15.53 -12.01
CA SER B 352 42.20 15.48 -10.91
C SER B 352 42.11 14.19 -10.13
N GLU B 353 41.39 13.19 -10.63
CA GLU B 353 41.19 11.93 -9.94
C GLU B 353 41.56 10.78 -10.87
N VAL B 354 41.86 9.64 -10.23
CA VAL B 354 42.04 8.36 -10.91
C VAL B 354 41.44 7.30 -9.99
N GLU B 355 40.41 6.61 -10.46
CA GLU B 355 39.75 5.58 -9.68
C GLU B 355 39.75 4.29 -10.49
N LEU B 356 40.14 3.19 -9.85
CA LEU B 356 40.22 1.91 -10.54
C LEU B 356 38.88 1.18 -10.52
N GLU B 357 38.72 0.31 -11.51
CA GLU B 357 37.52 -0.48 -11.71
C GLU B 357 37.97 -1.88 -12.10
N VAL B 358 37.20 -2.89 -11.70
CA VAL B 358 37.48 -4.28 -12.02
C VAL B 358 36.19 -4.89 -12.55
N LEU B 359 36.08 -5.01 -13.87
CA LEU B 359 34.89 -5.52 -14.53
C LEU B 359 35.09 -6.96 -14.97
N GLY B 360 33.99 -7.61 -15.32
CA GLY B 360 34.05 -8.91 -15.95
C GLY B 360 33.79 -10.08 -15.02
N ASP B 361 34.35 -11.24 -15.37
CA ASP B 361 34.12 -12.49 -14.64
C ASP B 361 34.88 -12.42 -13.32
N THR B 362 34.26 -11.77 -12.33
CA THR B 362 34.88 -11.52 -11.04
C THR B 362 34.19 -12.19 -9.87
N GLU B 363 32.92 -12.60 -10.01
CA GLU B 363 32.22 -13.22 -8.89
C GLU B 363 32.99 -14.44 -8.40
N GLY B 364 33.23 -14.48 -7.09
CA GLY B 364 33.96 -15.56 -6.46
C GLY B 364 35.41 -15.27 -6.17
N LEU B 365 35.95 -14.18 -6.69
CA LEU B 365 37.33 -13.78 -6.42
C LEU B 365 37.39 -12.89 -5.19
N ASN B 366 38.55 -12.89 -4.55
CA ASN B 366 38.89 -11.89 -3.54
C ASN B 366 39.81 -10.86 -4.19
N LEU B 367 39.53 -9.59 -3.94
CA LEU B 367 40.28 -8.48 -4.51
C LEU B 367 40.63 -7.50 -3.42
N SER B 368 41.92 -7.19 -3.29
CA SER B 368 42.41 -6.16 -2.38
C SER B 368 43.04 -5.06 -3.22
N PHE B 369 42.85 -3.81 -2.80
CA PHE B 369 43.37 -2.66 -3.52
C PHE B 369 44.21 -1.80 -2.59
N THR B 370 45.39 -1.42 -3.05
CA THR B 370 46.21 -0.41 -2.40
C THR B 370 46.60 0.62 -3.46
N ALA B 371 46.36 1.88 -3.15
CA ALA B 371 46.65 2.97 -4.08
C ALA B 371 47.93 3.68 -3.67
N ILE B 372 48.77 3.98 -4.66
CA ILE B 372 50.07 4.61 -4.43
C ILE B 372 50.06 5.92 -5.20
N CYS B 373 49.60 6.98 -4.54
CA CYS B 373 49.57 8.31 -5.13
C CYS B 373 50.87 9.05 -4.85
N ASN B 374 51.13 10.08 -5.65
CA ASN B 374 52.36 10.87 -5.56
C ASN B 374 53.58 9.97 -5.77
N ASN B 375 53.46 9.03 -6.70
CA ASN B 375 54.55 8.15 -7.11
C ASN B 375 54.99 7.22 -5.97
N GLY B 376 55.58 7.77 -4.91
CA GLY B 376 56.12 6.92 -3.87
C GLY B 376 55.69 7.23 -2.45
N THR B 377 55.39 8.50 -2.15
CA THR B 377 55.25 8.92 -0.77
C THR B 377 54.02 8.31 -0.11
N LEU B 378 52.90 8.24 -0.82
CA LEU B 378 51.61 7.95 -0.20
C LEU B 378 51.12 6.55 -0.53
N PHE B 379 50.81 5.78 0.51
CA PHE B 379 50.22 4.45 0.40
C PHE B 379 48.87 4.47 1.10
N GLN B 380 47.81 4.17 0.36
CA GLN B 380 46.46 4.14 0.90
C GLN B 380 45.77 2.86 0.49
N HIS B 381 44.88 2.39 1.37
CA HIS B 381 44.19 1.11 1.16
C HIS B 381 42.83 1.35 0.50
N GLN B 382 42.90 1.99 -0.67
CA GLN B 382 41.73 2.32 -1.48
C GLN B 382 42.07 1.97 -2.93
N LYS B 383 41.16 2.36 -3.84
CA LYS B 383 41.38 2.18 -5.27
C LYS B 383 41.31 3.52 -6.00
N LYS B 384 41.71 4.60 -5.33
CA LYS B 384 41.52 5.94 -5.88
C LYS B 384 42.64 6.85 -5.41
N CYS B 385 43.11 7.70 -6.32
CA CYS B 385 44.04 8.78 -6.00
C CYS B 385 43.40 10.10 -6.39
N SER B 386 43.48 11.07 -5.49
CA SER B 386 42.82 12.36 -5.66
C SER B 386 43.85 13.49 -5.65
N HIS B 387 43.37 14.68 -6.00
CA HIS B 387 44.20 15.89 -5.95
C HIS B 387 45.49 15.73 -6.75
N MET B 388 45.38 15.17 -7.95
CA MET B 388 46.53 14.99 -8.82
C MET B 388 46.42 15.89 -10.04
N LYS B 389 47.56 16.38 -10.49
CA LYS B 389 47.61 17.20 -11.70
C LYS B 389 47.63 16.31 -12.93
N VAL B 390 46.95 16.75 -13.99
CA VAL B 390 46.94 15.98 -15.23
C VAL B 390 48.37 15.79 -15.71
N GLY B 391 48.74 14.54 -15.93
CA GLY B 391 50.12 14.15 -16.14
C GLY B 391 50.73 13.40 -14.98
N ASP B 392 50.19 13.58 -13.78
CA ASP B 392 50.62 12.78 -12.64
C ASP B 392 50.18 11.33 -12.84
N THR B 393 50.95 10.42 -12.26
CA THR B 393 50.72 9.00 -12.38
C THR B 393 50.20 8.45 -11.06
N ALA B 394 49.16 7.63 -11.12
CA ALA B 394 48.64 6.93 -9.97
C ALA B 394 48.84 5.43 -10.18
N SER B 395 49.44 4.77 -9.20
CA SER B 395 49.71 3.34 -9.26
C SER B 395 48.85 2.61 -8.24
N PHE B 396 48.54 1.35 -8.53
CA PHE B 396 47.68 0.56 -7.67
C PHE B 396 48.23 -0.86 -7.56
N SER B 397 48.19 -1.40 -6.35
CA SER B 397 48.49 -2.81 -6.10
C SER B 397 47.16 -3.55 -6.03
N VAL B 398 46.86 -4.32 -7.06
CA VAL B 398 45.63 -5.11 -7.15
C VAL B 398 46.00 -6.55 -6.83
N THR B 399 45.57 -7.03 -5.67
CA THR B 399 45.84 -8.40 -5.25
C THR B 399 44.62 -9.26 -5.60
N VAL B 400 44.88 -10.40 -6.22
CA VAL B 400 43.84 -11.29 -6.72
C VAL B 400 44.06 -12.66 -6.09
N ASN B 401 42.99 -13.24 -5.56
CA ASN B 401 43.01 -14.58 -5.01
C ASN B 401 41.81 -15.36 -5.52
N ILE B 402 42.04 -16.63 -5.87
CA ILE B 402 40.99 -17.57 -6.23
C ILE B 402 40.88 -18.59 -5.10
N PRO B 403 39.75 -18.67 -4.40
CA PRO B 403 39.72 -19.51 -3.18
C PRO B 403 39.80 -20.99 -3.47
N HIS B 404 39.26 -21.47 -4.59
CA HIS B 404 39.18 -22.88 -4.89
C HIS B 404 39.75 -23.16 -6.28
N CYS B 405 39.65 -24.41 -6.69
CA CYS B 405 40.02 -24.76 -8.05
C CYS B 405 38.86 -24.45 -8.99
N GLU B 406 39.19 -24.27 -10.27
CA GLU B 406 38.20 -24.03 -11.30
C GLU B 406 38.71 -24.55 -12.64
N ARG B 407 37.77 -24.86 -13.52
CA ARG B 407 38.12 -25.31 -14.86
C ARG B 407 38.25 -24.14 -15.83
N ARG B 408 37.21 -23.33 -15.96
CA ARG B 408 37.24 -22.22 -16.89
C ARG B 408 38.22 -21.14 -16.41
N SER B 409 38.78 -20.42 -17.37
CA SER B 409 39.51 -19.20 -17.07
C SER B 409 38.51 -18.07 -16.85
N ARG B 410 39.02 -16.90 -16.48
CA ARG B 410 38.19 -15.73 -16.23
C ARG B 410 38.72 -14.57 -17.05
N HIS B 411 37.82 -13.87 -17.74
CA HIS B 411 38.16 -12.67 -18.50
C HIS B 411 37.78 -11.46 -17.68
N ILE B 412 38.79 -10.67 -17.31
CA ILE B 412 38.62 -9.54 -16.40
C ILE B 412 39.20 -8.29 -17.05
N ILE B 413 38.62 -7.15 -16.71
CA ILE B 413 39.09 -5.85 -17.19
C ILE B 413 39.36 -4.96 -15.99
N ILE B 414 40.56 -4.39 -15.93
CA ILE B 414 40.92 -3.39 -14.94
C ILE B 414 41.15 -2.10 -15.70
N LYS B 415 40.37 -1.06 -15.39
CA LYS B 415 40.49 0.20 -16.10
C LYS B 415 40.15 1.34 -15.17
N PRO B 416 40.53 2.57 -15.52
CA PRO B 416 40.07 3.73 -14.77
C PRO B 416 38.62 4.06 -15.12
N VAL B 417 37.89 4.57 -14.12
CA VAL B 417 36.52 4.98 -14.36
C VAL B 417 36.52 6.16 -15.32
N GLY B 418 35.62 6.13 -16.30
CA GLY B 418 35.48 7.20 -17.25
C GLY B 418 36.34 7.07 -18.49
N LEU B 419 37.51 6.45 -18.38
CA LEU B 419 38.46 6.37 -19.48
C LEU B 419 38.34 5.03 -20.21
N GLY B 420 38.67 5.04 -21.50
CA GLY B 420 38.53 3.85 -22.31
C GLY B 420 39.68 2.89 -22.21
N ASP B 421 40.88 3.39 -21.91
CA ASP B 421 42.04 2.52 -21.73
C ASP B 421 41.73 1.42 -20.71
N ALA B 422 41.98 0.18 -21.09
CA ALA B 422 41.61 -0.95 -20.25
C ALA B 422 42.75 -1.97 -20.19
N LEU B 423 42.92 -2.57 -19.03
CA LEU B 423 43.88 -3.64 -18.82
C LEU B 423 43.14 -4.96 -18.90
N GLU B 424 43.43 -5.76 -19.92
CA GLU B 424 42.81 -7.06 -20.06
C GLU B 424 43.57 -8.08 -19.22
N LEU B 425 42.83 -8.84 -18.41
CA LEU B 425 43.42 -9.79 -17.48
C LEU B 425 42.73 -11.13 -17.65
N LEU B 426 43.52 -12.17 -17.91
CA LEU B 426 43.02 -13.54 -17.95
C LEU B 426 43.53 -14.27 -16.71
N VAL B 427 42.61 -14.85 -15.95
CA VAL B 427 42.95 -15.60 -14.75
C VAL B 427 42.68 -17.07 -15.05
N SER B 428 43.75 -17.86 -15.09
CA SER B 428 43.66 -19.30 -15.38
C SER B 428 44.22 -20.07 -14.19
N PRO B 429 43.38 -20.59 -13.30
CA PRO B 429 43.91 -21.28 -12.12
C PRO B 429 44.64 -22.57 -12.50
N GLU B 430 45.65 -22.90 -11.69
CA GLU B 430 46.45 -24.10 -11.87
C GLU B 430 46.27 -24.99 -10.65
N CYS B 431 45.70 -26.18 -10.87
CA CYS B 431 45.45 -27.13 -9.80
C CYS B 431 46.12 -28.47 -10.01
N ASN B 432 46.78 -28.67 -11.15
CA ASN B 432 47.41 -29.93 -11.44
C ASN B 432 48.91 -29.83 -11.19
N CYS B 433 49.56 -30.98 -11.24
CA CYS B 433 51.00 -31.07 -11.09
C CYS B 433 51.59 -31.60 -12.38
N ASP B 434 52.77 -31.10 -12.75
CA ASP B 434 53.39 -31.53 -14.00
C ASP B 434 53.43 -33.05 -14.11
N CYS B 435 53.58 -33.74 -12.98
CA CYS B 435 53.69 -35.19 -12.97
C CYS B 435 52.35 -35.89 -13.23
N GLN B 436 51.24 -35.16 -13.22
CA GLN B 436 49.93 -35.77 -13.42
C GLN B 436 49.66 -36.12 -14.88
N LYS B 437 50.45 -35.61 -15.82
CA LYS B 437 50.27 -35.90 -17.23
C LYS B 437 51.18 -37.03 -17.74
N GLU B 438 51.90 -37.69 -16.85
CA GLU B 438 52.69 -38.88 -17.19
C GLU B 438 52.18 -40.05 -16.36
N VAL B 439 51.01 -40.57 -16.76
CA VAL B 439 50.29 -41.52 -15.92
C VAL B 439 51.06 -42.82 -15.78
N GLU B 440 51.63 -43.34 -16.86
CA GLU B 440 52.24 -44.67 -16.88
C GLU B 440 51.23 -45.73 -16.42
N VAL B 441 50.23 -45.94 -17.27
CA VAL B 441 49.15 -46.87 -16.92
C VAL B 441 49.67 -48.31 -16.95
N ASN B 442 48.94 -49.18 -16.24
CA ASN B 442 49.32 -50.58 -16.10
C ASN B 442 50.80 -50.72 -15.76
N SER B 443 51.27 -49.86 -14.86
CA SER B 443 52.68 -49.79 -14.54
C SER B 443 53.15 -51.04 -13.81
N SER B 444 54.42 -51.41 -14.05
CA SER B 444 55.03 -52.53 -13.35
C SER B 444 55.17 -52.24 -11.86
N LYS B 445 55.29 -50.97 -11.49
CA LYS B 445 55.50 -50.63 -10.08
C LYS B 445 54.30 -51.03 -9.22
N CYS B 446 53.09 -50.88 -9.74
CA CYS B 446 51.88 -51.11 -8.96
C CYS B 446 51.36 -52.54 -9.16
N HIS B 447 52.19 -53.50 -8.74
CA HIS B 447 51.82 -54.92 -8.68
C HIS B 447 51.36 -55.44 -10.04
N HIS B 448 52.33 -55.52 -10.95
CA HIS B 448 52.13 -56.11 -12.27
C HIS B 448 50.89 -55.57 -12.97
N GLY B 449 50.69 -54.26 -12.89
CA GLY B 449 49.64 -53.62 -13.67
C GLY B 449 48.28 -53.55 -13.02
N ASN B 450 48.21 -53.54 -11.70
CA ASN B 450 46.96 -53.34 -10.99
C ASN B 450 46.69 -51.87 -10.67
N GLY B 451 47.53 -50.97 -11.16
CA GLY B 451 47.32 -49.55 -10.96
C GLY B 451 48.28 -48.76 -11.83
N SER B 452 48.01 -47.46 -11.92
CA SER B 452 48.86 -46.54 -12.66
C SER B 452 49.72 -45.76 -11.68
N PHE B 453 50.97 -45.52 -12.06
CA PHE B 453 51.95 -44.85 -11.20
C PHE B 453 52.08 -43.40 -11.68
N GLN B 454 51.50 -42.48 -10.91
CA GLN B 454 51.29 -41.12 -11.40
C GLN B 454 52.40 -40.15 -10.96
N CYS B 455 52.46 -39.85 -9.66
CA CYS B 455 53.37 -38.86 -9.12
C CYS B 455 54.17 -39.44 -7.96
N GLY B 456 54.77 -40.62 -8.19
CA GLY B 456 55.39 -41.34 -7.10
C GLY B 456 54.42 -42.10 -6.23
N VAL B 457 53.18 -42.29 -6.70
CA VAL B 457 52.13 -42.98 -5.96
C VAL B 457 51.39 -43.88 -6.94
N CYS B 458 50.73 -44.90 -6.40
CA CYS B 458 49.92 -45.81 -7.19
C CYS B 458 48.46 -45.38 -7.14
N ALA B 459 47.87 -45.16 -8.31
CA ALA B 459 46.44 -44.98 -8.47
C ALA B 459 45.87 -46.31 -8.95
N CYS B 460 45.03 -46.94 -8.13
CA CYS B 460 44.70 -48.34 -8.35
C CYS B 460 43.62 -48.52 -9.41
N HIS B 461 43.67 -49.68 -10.07
CA HIS B 461 42.60 -50.10 -10.95
C HIS B 461 41.40 -50.53 -10.14
N PRO B 462 40.20 -50.50 -10.73
CA PRO B 462 39.02 -50.98 -10.00
C PRO B 462 39.16 -52.44 -9.62
N GLY B 463 38.87 -52.73 -8.35
CA GLY B 463 38.98 -54.08 -7.84
C GLY B 463 40.27 -54.40 -7.11
N HIS B 464 41.12 -53.40 -6.86
CA HIS B 464 42.39 -53.61 -6.18
C HIS B 464 42.63 -52.47 -5.21
N MET B 465 42.99 -52.80 -3.97
CA MET B 465 43.21 -51.82 -2.92
C MET B 465 44.60 -52.01 -2.33
N GLY B 466 45.15 -50.92 -1.80
CA GLY B 466 46.45 -50.95 -1.17
C GLY B 466 47.36 -49.86 -1.71
N PRO B 467 48.48 -49.63 -1.02
CA PRO B 467 49.44 -48.61 -1.51
C PRO B 467 50.05 -48.95 -2.85
N ARG B 468 50.15 -50.24 -3.19
CA ARG B 468 50.59 -50.66 -4.52
C ARG B 468 49.54 -51.57 -5.18
N CYS B 469 48.30 -51.52 -4.69
CA CYS B 469 47.19 -52.22 -5.32
C CYS B 469 47.41 -53.74 -5.32
N GLU B 470 47.71 -54.26 -4.13
CA GLU B 470 48.15 -55.64 -3.96
C GLU B 470 47.11 -56.52 -3.27
N SER B 471 45.90 -56.00 -3.03
CA SER B 471 44.80 -56.77 -2.46
C SER B 471 43.61 -56.68 -3.39
N GLY B 472 43.01 -57.84 -3.70
CA GLY B 472 41.95 -57.92 -4.69
C GLY B 472 40.58 -58.02 -4.04
N HIS B 473 39.70 -57.11 -4.45
CA HIS B 473 38.31 -57.12 -4.01
C HIS B 473 37.37 -57.00 -5.20
N ASP C 1 -29.71 32.34 -11.45
CA ASP C 1 -30.04 31.20 -10.55
C ASP C 1 -31.37 30.56 -10.91
N ILE C 2 -31.50 29.26 -10.64
CA ILE C 2 -32.75 28.56 -10.86
C ILE C 2 -33.73 28.99 -9.77
N GLN C 3 -34.92 29.44 -10.19
CA GLN C 3 -36.00 29.73 -9.25
C GLN C 3 -36.89 28.50 -9.13
N MET C 4 -37.07 28.04 -7.89
CA MET C 4 -37.99 26.95 -7.59
C MET C 4 -39.25 27.53 -6.96
N THR C 5 -40.41 27.01 -7.35
CA THR C 5 -41.68 27.54 -6.89
C THR C 5 -42.64 26.40 -6.62
N GLN C 6 -43.12 26.31 -5.39
CA GLN C 6 -44.20 25.40 -5.01
C GLN C 6 -45.47 26.24 -4.95
N THR C 7 -46.33 26.09 -5.96
CA THR C 7 -47.45 27.01 -6.14
C THR C 7 -48.35 27.06 -4.92
N THR C 8 -48.55 25.92 -4.26
CA THR C 8 -49.41 25.84 -3.09
C THR C 8 -48.56 25.88 -1.83
N SER C 9 -48.72 26.94 -1.04
CA SER C 9 -47.93 27.11 0.17
C SER C 9 -48.42 26.24 1.32
N SER C 10 -49.67 25.78 1.26
CA SER C 10 -50.27 25.02 2.35
C SER C 10 -51.40 24.18 1.78
N LEU C 11 -51.62 23.02 2.41
CA LEU C 11 -52.74 22.17 2.03
C LEU C 11 -53.16 21.36 3.24
N SER C 12 -54.41 20.90 3.20
CA SER C 12 -55.00 20.12 4.27
C SER C 12 -55.25 18.69 3.79
N ALA C 13 -55.26 17.75 4.73
CA ALA C 13 -55.42 16.34 4.39
C ALA C 13 -55.78 15.57 5.65
N SER C 14 -56.56 14.52 5.47
CA SER C 14 -56.93 13.61 6.56
C SER C 14 -56.05 12.36 6.51
N LEU C 15 -55.98 11.68 7.64
CA LEU C 15 -55.17 10.46 7.74
C LEU C 15 -55.53 9.50 6.62
N GLY C 16 -54.51 8.85 6.05
CA GLY C 16 -54.69 7.91 4.98
C GLY C 16 -54.80 8.51 3.59
N ASP C 17 -55.02 9.81 3.49
CA ASP C 17 -55.17 10.45 2.18
C ASP C 17 -53.85 10.45 1.43
N ARG C 18 -53.95 10.60 0.11
CA ARG C 18 -52.81 10.75 -0.77
C ARG C 18 -52.58 12.22 -1.03
N VAL C 19 -51.39 12.72 -0.67
CA VAL C 19 -51.02 14.11 -0.84
C VAL C 19 -49.97 14.18 -1.94
N ILE C 20 -50.21 15.05 -2.93
CA ILE C 20 -49.28 15.27 -4.03
C ILE C 20 -48.82 16.71 -3.96
N ILE C 21 -47.54 16.92 -3.68
CA ILE C 21 -46.95 18.25 -3.60
C ILE C 21 -46.17 18.51 -4.87
N SER C 22 -46.39 19.68 -5.47
CA SER C 22 -45.83 20.03 -6.76
C SER C 22 -44.68 21.02 -6.61
N CYS C 23 -43.81 21.03 -7.62
CA CYS C 23 -42.62 21.88 -7.62
C CYS C 23 -42.22 22.10 -9.07
N ARG C 24 -41.82 23.34 -9.39
CA ARG C 24 -41.47 23.70 -10.76
C ARG C 24 -40.19 24.53 -10.75
N ALA C 25 -39.35 24.30 -11.75
CA ALA C 25 -38.08 25.00 -11.89
C ALA C 25 -38.10 25.89 -13.12
N SER C 26 -37.41 27.03 -13.02
CA SER C 26 -37.36 27.96 -14.14
C SER C 26 -36.66 27.35 -15.35
N GLN C 27 -35.67 26.51 -15.13
CA GLN C 27 -34.93 25.87 -16.21
C GLN C 27 -34.92 24.36 -16.00
N ASP C 28 -34.48 23.64 -17.02
CA ASP C 28 -34.34 22.19 -16.92
C ASP C 28 -33.23 21.86 -15.94
N ILE C 29 -33.54 21.04 -14.93
CA ILE C 29 -32.58 20.69 -13.89
C ILE C 29 -32.20 19.20 -13.97
N SER C 30 -32.38 18.58 -15.14
CA SER C 30 -31.90 17.23 -15.42
C SER C 30 -32.09 16.29 -14.23
N ASN C 31 -33.32 16.24 -13.74
CA ASN C 31 -33.74 15.26 -12.73
C ASN C 31 -32.91 15.34 -11.45
N TYR C 32 -32.32 16.49 -11.18
CA TYR C 32 -31.57 16.69 -9.93
C TYR C 32 -32.41 17.53 -8.98
N LEU C 33 -33.45 16.88 -8.43
CA LEU C 33 -34.34 17.51 -7.48
C LEU C 33 -34.53 16.61 -6.27
N SER C 34 -34.44 17.20 -5.09
CA SER C 34 -34.58 16.50 -3.82
C SER C 34 -35.77 17.06 -3.05
N TRP C 35 -36.29 16.24 -2.14
CA TRP C 35 -37.40 16.64 -1.27
C TRP C 35 -36.99 16.51 0.18
N TYR C 36 -37.32 17.54 0.97
CA TYR C 36 -37.02 17.57 2.40
C TYR C 36 -38.31 17.80 3.19
N GLN C 37 -38.40 17.17 4.35
CA GLN C 37 -39.49 17.37 5.29
C GLN C 37 -38.94 18.14 6.49
N GLN C 38 -39.63 19.22 6.86
CA GLN C 38 -39.32 19.96 8.07
C GLN C 38 -40.51 19.88 9.03
N LYS C 39 -40.25 19.47 10.25
CA LYS C 39 -41.29 19.29 11.25
C LYS C 39 -41.46 20.56 12.08
N PRO C 40 -42.58 20.68 12.79
CA PRO C 40 -42.82 21.91 13.57
C PRO C 40 -41.64 22.36 14.40
N ASP C 41 -40.81 21.44 14.90
CA ASP C 41 -39.71 21.78 15.80
C ASP C 41 -38.42 22.12 15.07
N GLY C 42 -38.46 22.26 13.74
CA GLY C 42 -37.29 22.62 12.97
C GLY C 42 -36.50 21.44 12.44
N THR C 43 -36.79 20.23 12.87
CA THR C 43 -36.10 19.06 12.35
C THR C 43 -36.24 18.98 10.84
N VAL C 44 -35.14 18.67 10.16
CA VAL C 44 -35.12 18.55 8.70
C VAL C 44 -34.61 17.16 8.33
N LYS C 45 -35.33 16.49 7.44
CA LYS C 45 -34.94 15.19 6.91
C LYS C 45 -34.92 15.24 5.39
N LEU C 46 -34.03 14.46 4.80
CA LEU C 46 -34.07 14.18 3.36
C LEU C 46 -35.00 13.01 3.10
N LEU C 47 -35.92 13.18 2.14
CA LEU C 47 -36.85 12.13 1.75
C LEU C 47 -36.47 11.53 0.41
N ILE C 48 -36.35 12.35 -0.62
CA ILE C 48 -36.20 11.91 -1.99
C ILE C 48 -35.05 12.69 -2.61
N PHE C 49 -34.21 12.00 -3.39
CA PHE C 49 -33.16 12.63 -4.15
C PHE C 49 -33.17 12.08 -5.57
N TYR C 50 -32.53 12.82 -6.47
CA TYR C 50 -32.53 12.51 -7.89
C TYR C 50 -33.95 12.15 -8.37
N THR C 51 -34.91 12.98 -7.96
CA THR C 51 -36.29 12.92 -8.44
C THR C 51 -37.10 11.77 -7.83
N SER C 52 -36.52 10.56 -7.75
CA SER C 52 -37.31 9.40 -7.37
C SER C 52 -36.58 8.42 -6.48
N LYS C 53 -35.43 8.78 -5.90
CA LYS C 53 -34.63 7.85 -5.12
C LYS C 53 -34.92 8.03 -3.64
N LEU C 54 -35.30 6.94 -2.98
CA LEU C 54 -35.69 6.95 -1.59
C LEU C 54 -34.44 6.92 -0.71
N HIS C 55 -34.27 7.92 0.14
CA HIS C 55 -33.13 7.94 1.05
C HIS C 55 -33.28 6.84 2.10
N SER C 56 -32.15 6.25 2.47
CA SER C 56 -32.16 5.18 3.46
C SER C 56 -32.76 5.67 4.77
N GLY C 57 -33.62 4.85 5.36
CA GLY C 57 -34.20 5.12 6.65
C GLY C 57 -35.58 5.75 6.61
N VAL C 58 -36.07 6.14 5.44
CA VAL C 58 -37.34 6.86 5.35
C VAL C 58 -38.39 5.91 4.76
N PRO C 59 -39.65 6.03 5.16
CA PRO C 59 -40.63 5.00 4.80
C PRO C 59 -41.02 5.03 3.34
N SER C 60 -41.47 3.85 2.86
CA SER C 60 -41.83 3.66 1.46
C SER C 60 -43.02 4.50 1.03
N ARG C 61 -43.78 5.07 1.96
CA ARG C 61 -44.92 5.90 1.58
C ARG C 61 -44.49 7.08 0.72
N PHE C 62 -43.30 7.62 0.99
CA PHE C 62 -42.80 8.74 0.22
C PHE C 62 -42.24 8.26 -1.12
N SER C 63 -42.56 9.00 -2.17
CA SER C 63 -42.09 8.70 -3.51
C SER C 63 -42.08 10.00 -4.30
N GLY C 64 -41.25 10.03 -5.33
CA GLY C 64 -41.04 11.25 -6.10
C GLY C 64 -41.04 10.94 -7.58
N SER C 65 -41.47 11.93 -8.36
CA SER C 65 -41.61 11.75 -9.80
C SER C 65 -41.37 13.08 -10.48
N GLY C 66 -41.08 13.01 -11.79
CA GLY C 66 -40.92 14.21 -12.58
C GLY C 66 -39.76 14.15 -13.56
N SER C 67 -39.61 15.20 -14.35
CA SER C 67 -38.50 15.34 -15.29
C SER C 67 -38.54 16.76 -15.83
N GLY C 68 -37.43 17.16 -16.46
CA GLY C 68 -37.33 18.48 -17.05
C GLY C 68 -37.51 19.59 -16.04
N THR C 69 -38.70 20.19 -16.00
CA THR C 69 -38.96 21.35 -15.15
C THR C 69 -40.00 21.09 -14.06
N ASP C 70 -40.85 20.07 -14.19
CA ASP C 70 -41.94 19.83 -13.27
C ASP C 70 -41.70 18.55 -12.49
N TYR C 71 -41.89 18.63 -11.17
CA TYR C 71 -41.64 17.50 -10.28
C TYR C 71 -42.68 17.52 -9.16
N SER C 72 -42.90 16.36 -8.55
CA SER C 72 -43.90 16.25 -7.51
C SER C 72 -43.51 15.16 -6.52
N LEU C 73 -43.63 15.47 -5.23
CA LEU C 73 -43.56 14.48 -4.16
C LEU C 73 -44.95 13.91 -3.94
N THR C 74 -45.00 12.67 -3.46
CA THR C 74 -46.27 11.99 -3.23
C THR C 74 -46.22 11.25 -1.91
N ILE C 75 -47.13 11.58 -1.01
CA ILE C 75 -47.35 10.84 0.23
C ILE C 75 -48.62 10.01 0.02
N SER C 76 -48.47 8.68 0.07
CA SER C 76 -49.60 7.79 0.11
C SER C 76 -49.83 7.35 1.55
N ASN C 77 -51.10 7.24 1.93
CA ASN C 77 -51.46 6.89 3.30
C ASN C 77 -50.80 7.84 4.29
N LEU C 78 -51.31 9.05 4.30
CA LEU C 78 -50.77 10.10 5.16
C LEU C 78 -50.80 9.64 6.63
N ASP C 79 -49.64 9.68 7.27
CA ASP C 79 -49.52 9.35 8.68
C ASP C 79 -49.52 10.62 9.52
N GLN C 80 -49.95 10.49 10.77
CA GLN C 80 -49.99 11.64 11.68
C GLN C 80 -48.66 12.37 11.68
N GLU C 81 -47.55 11.65 11.70
CA GLU C 81 -46.23 12.28 11.76
C GLU C 81 -45.80 12.85 10.42
N ASP C 82 -46.65 12.80 9.40
CA ASP C 82 -46.37 13.46 8.12
C ASP C 82 -46.81 14.91 8.09
N ILE C 83 -47.56 15.36 9.09
CA ILE C 83 -47.93 16.77 9.17
C ILE C 83 -46.66 17.57 9.37
N ALA C 84 -46.25 18.29 8.33
CA ALA C 84 -44.93 18.91 8.27
C ALA C 84 -44.93 19.87 7.09
N THR C 85 -43.76 20.44 6.80
CA THR C 85 -43.57 21.31 5.66
C THR C 85 -42.55 20.66 4.73
N TYR C 86 -42.83 20.68 3.43
CA TYR C 86 -42.05 19.95 2.45
C TYR C 86 -41.45 20.92 1.44
N PHE C 87 -40.14 20.85 1.28
CA PHE C 87 -39.40 21.71 0.37
C PHE C 87 -38.77 20.88 -0.74
N CYS C 88 -38.73 21.45 -1.94
CA CYS C 88 -37.96 20.89 -3.04
C CYS C 88 -36.67 21.69 -3.22
N GLN C 89 -35.67 21.04 -3.83
CA GLN C 89 -34.34 21.64 -3.94
C GLN C 89 -33.63 21.09 -5.16
N GLN C 90 -33.34 21.96 -6.11
CA GLN C 90 -32.55 21.56 -7.27
C GLN C 90 -31.08 21.49 -6.90
N GLY C 91 -30.41 20.44 -7.36
CA GLY C 91 -28.99 20.27 -7.14
C GLY C 91 -28.23 20.20 -8.44
N ASN C 92 -28.87 20.62 -9.53
CA ASN C 92 -28.25 20.52 -10.84
C ASN C 92 -27.17 21.58 -11.05
N THR C 93 -27.33 22.76 -10.47
CA THR C 93 -26.39 23.84 -10.69
C THR C 93 -26.29 24.69 -9.43
N PHE C 94 -25.13 25.31 -9.25
CA PHE C 94 -24.92 26.20 -8.12
C PHE C 94 -25.39 27.61 -8.46
N PRO C 95 -25.97 28.35 -7.51
CA PRO C 95 -26.22 27.90 -6.14
C PRO C 95 -27.44 27.00 -6.03
N TYR C 96 -27.41 26.05 -5.10
CA TYR C 96 -28.61 25.26 -4.80
C TYR C 96 -29.74 26.20 -4.36
N THR C 97 -30.94 25.95 -4.88
CA THR C 97 -32.09 26.79 -4.58
C THR C 97 -33.26 25.90 -4.17
N PHE C 98 -34.07 26.41 -3.24
CA PHE C 98 -35.21 25.70 -2.70
C PHE C 98 -36.51 26.32 -3.21
N GLY C 99 -37.58 25.53 -3.12
CA GLY C 99 -38.92 26.07 -3.26
C GLY C 99 -39.38 26.66 -1.95
N GLY C 100 -40.46 27.45 -2.03
CA GLY C 100 -40.94 28.15 -0.86
C GLY C 100 -41.47 27.26 0.24
N GLY C 101 -41.76 26.00 -0.08
CA GLY C 101 -42.29 25.07 0.89
C GLY C 101 -43.80 24.89 0.76
N THR C 102 -44.29 23.77 1.26
CA THR C 102 -45.71 23.45 1.27
C THR C 102 -46.04 22.81 2.61
N LYS C 103 -46.83 23.52 3.42
CA LYS C 103 -47.23 23.01 4.73
C LYS C 103 -48.38 22.02 4.57
N VAL C 104 -48.36 20.98 5.38
CA VAL C 104 -49.40 19.95 5.39
C VAL C 104 -50.03 19.94 6.77
N GLU C 105 -51.33 20.21 6.84
CA GLU C 105 -52.07 20.26 8.09
C GLU C 105 -53.22 19.27 8.05
N MET C 106 -53.55 18.72 9.23
CA MET C 106 -54.63 17.76 9.33
C MET C 106 -55.97 18.44 9.06
N ARG C 107 -56.85 17.74 8.35
CA ARG C 107 -58.22 18.22 8.19
C ARG C 107 -59.02 17.96 9.45
N ARG C 108 -59.96 18.86 9.71
CA ARG C 108 -60.76 18.82 10.93
C ARG C 108 -62.13 19.41 10.64
N ALA C 109 -63.11 19.01 11.43
CA ALA C 109 -64.40 19.66 11.39
C ALA C 109 -64.25 21.10 11.87
N ASP C 110 -64.95 22.01 11.21
CA ASP C 110 -64.88 23.42 11.59
C ASP C 110 -65.23 23.58 13.08
N ALA C 111 -64.56 24.51 13.73
CA ALA C 111 -64.74 24.73 15.16
C ALA C 111 -64.74 26.23 15.44
N ALA C 112 -65.55 26.62 16.41
CA ALA C 112 -65.61 28.03 16.78
C ALA C 112 -64.58 28.32 17.88
N PRO C 113 -63.91 29.48 17.83
CA PRO C 113 -62.94 29.79 18.89
C PRO C 113 -63.62 30.19 20.19
N THR C 114 -63.08 29.69 21.29
CA THR C 114 -63.41 30.21 22.61
C THR C 114 -62.60 31.50 22.82
N VAL C 115 -63.30 32.59 23.12
CA VAL C 115 -62.68 33.91 23.20
C VAL C 115 -62.76 34.40 24.64
N SER C 116 -61.63 34.90 25.15
CA SER C 116 -61.54 35.43 26.49
C SER C 116 -60.77 36.74 26.46
N ILE C 117 -61.32 37.78 27.08
CA ILE C 117 -60.69 39.08 27.17
C ILE C 117 -60.25 39.30 28.61
N PHE C 118 -59.16 40.06 28.78
CA PHE C 118 -58.60 40.28 30.10
C PHE C 118 -58.18 41.74 30.27
N PRO C 119 -58.58 42.39 31.35
CA PRO C 119 -58.14 43.76 31.60
C PRO C 119 -56.70 43.78 32.05
N PRO C 120 -56.03 44.93 31.99
CA PRO C 120 -54.65 45.00 32.49
C PRO C 120 -54.60 44.70 33.98
N SER C 121 -53.54 44.01 34.39
CA SER C 121 -53.39 43.65 35.79
C SER C 121 -53.02 44.87 36.62
N SER C 122 -53.32 44.78 37.93
CA SER C 122 -52.91 45.83 38.84
C SER C 122 -51.39 45.96 38.86
N GLU C 123 -50.68 44.84 38.78
CA GLU C 123 -49.22 44.88 38.75
C GLU C 123 -48.72 45.76 37.61
N GLN C 124 -49.21 45.51 36.40
CA GLN C 124 -48.73 46.26 35.24
C GLN C 124 -49.03 47.75 35.39
N LEU C 125 -50.24 48.10 35.85
CA LEU C 125 -50.63 49.50 35.92
C LEU C 125 -49.71 50.29 36.84
N THR C 126 -49.09 49.65 37.83
CA THR C 126 -48.19 50.37 38.71
C THR C 126 -46.98 50.92 37.98
N SER C 127 -46.62 50.33 36.84
CA SER C 127 -45.48 50.77 36.05
C SER C 127 -45.89 51.73 34.94
N GLY C 128 -47.15 52.16 34.92
CA GLY C 128 -47.69 52.78 33.72
C GLY C 128 -47.79 51.71 32.65
N GLY C 129 -48.52 51.98 31.58
CA GLY C 129 -48.71 50.96 30.57
C GLY C 129 -49.76 49.96 30.98
N ALA C 130 -50.64 49.60 30.04
CA ALA C 130 -51.77 48.73 30.32
C ALA C 130 -52.00 47.84 29.09
N SER C 131 -52.00 46.53 29.30
CA SER C 131 -52.19 45.57 28.22
C SER C 131 -53.55 44.88 28.39
N VAL C 132 -54.35 44.92 27.33
CA VAL C 132 -55.59 44.16 27.25
C VAL C 132 -55.31 42.96 26.36
N VAL C 133 -55.51 41.76 26.89
CA VAL C 133 -55.19 40.53 26.19
C VAL C 133 -56.48 39.81 25.83
N CYS C 134 -56.54 39.29 24.60
CA CYS C 134 -57.67 38.50 24.14
C CYS C 134 -57.16 37.16 23.61
N PHE C 135 -57.73 36.07 24.12
CA PHE C 135 -57.36 34.72 23.71
C PHE C 135 -58.50 34.14 22.90
N LEU C 136 -58.20 33.72 21.66
CA LEU C 136 -59.13 32.98 20.82
C LEU C 136 -58.55 31.60 20.62
N ASN C 137 -59.18 30.59 21.21
CA ASN C 137 -58.56 29.27 21.33
C ASN C 137 -59.39 28.19 20.65
N ASN C 138 -58.68 27.19 20.13
CA ASN C 138 -59.25 25.95 19.63
C ASN C 138 -60.32 26.22 18.56
N PHE C 139 -59.83 26.71 17.43
CA PHE C 139 -60.67 26.97 16.27
C PHE C 139 -60.07 26.34 15.03
N TYR C 140 -60.95 26.01 14.07
CA TYR C 140 -60.57 25.45 12.79
C TYR C 140 -61.57 25.99 11.78
N PRO C 141 -61.11 26.41 10.58
CA PRO C 141 -59.74 26.39 10.05
C PRO C 141 -58.83 27.42 10.71
N LYS C 142 -57.66 27.67 10.11
CA LYS C 142 -56.68 28.54 10.74
C LYS C 142 -56.98 30.01 10.51
N ASP C 143 -57.56 30.37 9.36
CA ASP C 143 -57.76 31.78 9.03
C ASP C 143 -58.68 32.43 10.06
N ILE C 144 -58.27 33.60 10.54
CA ILE C 144 -59.03 34.32 11.55
C ILE C 144 -58.53 35.75 11.61
N ASN C 145 -59.43 36.68 11.84
CA ASN C 145 -59.11 38.10 11.96
C ASN C 145 -59.66 38.61 13.29
N VAL C 146 -58.91 39.52 13.91
CA VAL C 146 -59.30 40.13 15.19
C VAL C 146 -59.31 41.65 15.01
N LYS C 147 -60.36 42.28 15.52
CA LYS C 147 -60.48 43.74 15.54
C LYS C 147 -60.61 44.20 16.97
N TRP C 148 -59.70 45.05 17.41
CA TRP C 148 -59.75 45.67 18.74
C TRP C 148 -60.59 46.93 18.65
N LYS C 149 -61.76 46.93 19.28
CA LYS C 149 -62.62 48.10 19.36
C LYS C 149 -62.53 48.66 20.77
N ILE C 150 -62.29 49.97 20.89
CA ILE C 150 -62.24 50.62 22.19
C ILE C 150 -63.64 51.16 22.52
N ASP C 151 -63.96 52.34 22.02
CA ASP C 151 -65.28 52.94 22.21
C ASP C 151 -65.95 53.07 20.84
N GLY C 152 -66.26 51.93 20.24
CA GLY C 152 -66.87 51.91 18.92
C GLY C 152 -65.91 52.17 17.78
N SER C 153 -64.62 52.25 18.06
CA SER C 153 -63.61 52.55 17.06
C SER C 153 -62.48 51.54 17.16
N GLU C 154 -61.97 51.11 16.00
CA GLU C 154 -60.86 50.17 15.98
C GLU C 154 -59.57 50.91 16.29
N ARG C 155 -58.82 50.43 17.29
CA ARG C 155 -57.53 51.03 17.59
C ARG C 155 -56.53 50.75 16.47
N GLN C 156 -56.36 49.48 16.12
CA GLN C 156 -55.55 49.08 14.96
C GLN C 156 -54.20 49.79 14.96
N ASN C 157 -53.53 49.79 16.10
CA ASN C 157 -52.28 50.55 16.20
C ASN C 157 -51.25 49.89 17.12
N GLY C 158 -51.62 49.62 18.37
CA GLY C 158 -50.67 49.07 19.33
C GLY C 158 -50.99 47.63 19.70
N VAL C 159 -51.22 46.80 18.69
CA VAL C 159 -51.67 45.44 18.87
C VAL C 159 -50.57 44.49 18.42
N LEU C 160 -50.38 43.41 19.17
CA LEU C 160 -49.44 42.36 18.81
C LEU C 160 -50.15 41.01 18.85
N ASN C 161 -49.86 40.17 17.86
CA ASN C 161 -50.55 38.90 17.69
C ASN C 161 -49.55 37.76 17.67
N SER C 162 -49.99 36.61 18.16
CA SER C 162 -49.20 35.38 18.16
C SER C 162 -50.13 34.21 17.89
N TRP C 163 -49.64 33.27 17.07
CA TRP C 163 -50.41 32.10 16.69
C TRP C 163 -49.68 30.84 17.15
N THR C 164 -50.43 29.78 17.40
CA THR C 164 -49.87 28.50 17.75
C THR C 164 -49.75 27.61 16.52
N ASP C 165 -48.89 26.60 16.63
CA ASP C 165 -48.91 25.51 15.69
C ASP C 165 -50.20 24.72 15.87
N GLN C 166 -50.56 23.96 14.85
CA GLN C 166 -51.72 23.08 14.94
C GLN C 166 -51.50 22.07 16.08
N ASP C 167 -52.52 21.89 16.91
CA ASP C 167 -52.39 21.03 18.07
C ASP C 167 -52.38 19.57 17.63
N SER C 168 -51.57 18.75 18.32
CA SER C 168 -51.38 17.37 17.92
C SER C 168 -52.60 16.51 18.23
N LYS C 169 -53.17 16.67 19.43
CA LYS C 169 -54.30 15.84 19.83
C LYS C 169 -55.53 16.15 18.98
N ASP C 170 -55.88 17.42 18.86
CA ASP C 170 -56.95 17.88 17.99
C ASP C 170 -56.36 18.92 17.05
N SER C 171 -56.91 19.01 15.84
CA SER C 171 -56.29 19.80 14.79
C SER C 171 -56.70 21.27 14.82
N THR C 172 -56.94 21.83 16.00
CA THR C 172 -57.32 23.23 16.10
C THR C 172 -56.09 24.13 16.23
N TYR C 173 -56.31 25.42 16.05
CA TYR C 173 -55.30 26.44 16.24
C TYR C 173 -55.73 27.37 17.38
N SER C 174 -54.80 28.19 17.84
CA SER C 174 -55.09 29.16 18.89
C SER C 174 -54.39 30.47 18.56
N PHE C 175 -54.86 31.54 19.21
CA PHE C 175 -54.55 32.90 18.80
C PHE C 175 -54.52 33.78 20.04
N SER C 176 -53.45 34.55 20.20
CA SER C 176 -53.32 35.51 21.27
C SER C 176 -53.14 36.91 20.69
N SER C 177 -53.97 37.85 21.16
CA SER C 177 -53.88 39.24 20.73
C SER C 177 -53.74 40.11 21.97
N THR C 178 -52.81 41.06 21.93
CA THR C 178 -52.53 41.94 23.06
C THR C 178 -52.51 43.38 22.59
N LEU C 179 -53.39 44.19 23.15
CA LEU C 179 -53.43 45.62 22.92
C LEU C 179 -52.79 46.33 24.10
N THR C 180 -51.74 47.10 23.83
CA THR C 180 -50.97 47.78 24.88
C THR C 180 -51.15 49.28 24.75
N LEU C 181 -51.47 49.93 25.86
CA LEU C 181 -51.64 51.36 25.92
C LEU C 181 -50.80 51.91 27.06
N THR C 182 -50.77 53.23 27.18
CA THR C 182 -50.30 53.87 28.40
C THR C 182 -51.42 53.86 29.42
N LYS C 183 -51.04 53.87 30.71
CA LYS C 183 -52.06 53.91 31.74
C LYS C 183 -52.92 55.17 31.62
N ASP C 184 -52.33 56.25 31.09
CA ASP C 184 -53.11 57.47 30.86
C ASP C 184 -54.18 57.23 29.80
N GLU C 185 -53.79 56.71 28.64
CA GLU C 185 -54.76 56.45 27.57
C GLU C 185 -55.77 55.40 28.01
N TYR C 186 -55.32 54.35 28.69
CA TYR C 186 -56.25 53.33 29.16
C TYR C 186 -57.34 53.92 30.04
N GLU C 187 -56.97 54.83 30.95
CA GLU C 187 -57.92 55.39 31.90
C GLU C 187 -58.77 56.50 31.32
N ARG C 188 -58.62 56.83 30.03
CA ARG C 188 -59.47 57.83 29.41
C ARG C 188 -60.72 57.25 28.75
N HIS C 189 -60.66 55.98 28.35
CA HIS C 189 -61.78 55.31 27.71
C HIS C 189 -62.37 54.28 28.67
N ASN C 190 -63.56 53.81 28.34
CA ASN C 190 -64.32 52.95 29.24
C ASN C 190 -64.51 51.53 28.72
N SER C 191 -64.98 51.37 27.49
CA SER C 191 -65.23 50.04 26.95
C SER C 191 -64.00 49.53 26.20
N TYR C 192 -63.78 48.22 26.28
CA TYR C 192 -62.66 47.56 25.61
C TYR C 192 -63.17 46.26 25.03
N THR C 193 -63.20 46.18 23.70
CA THR C 193 -63.89 45.11 22.99
C THR C 193 -62.91 44.33 22.12
N CYS C 194 -63.09 43.01 22.11
CA CYS C 194 -62.29 42.10 21.29
C CYS C 194 -63.23 41.39 20.33
N GLU C 195 -63.11 41.70 19.04
CA GLU C 195 -64.00 41.18 18.01
C GLU C 195 -63.24 40.19 17.13
N ALA C 196 -63.84 39.01 16.93
CA ALA C 196 -63.25 37.94 16.14
C ALA C 196 -64.22 37.53 15.04
N THR C 197 -63.72 37.52 13.80
CA THR C 197 -64.50 37.05 12.65
C THR C 197 -63.92 35.72 12.18
N HIS C 198 -64.79 34.71 12.07
CA HIS C 198 -64.37 33.38 11.69
C HIS C 198 -65.32 32.82 10.63
N LYS C 199 -64.82 31.85 9.85
CA LYS C 199 -65.62 31.26 8.80
C LYS C 199 -66.88 30.58 9.34
N THR C 200 -66.81 30.04 10.56
CA THR C 200 -67.92 29.24 11.06
C THR C 200 -69.18 30.06 11.30
N SER C 201 -69.04 31.34 11.66
CA SER C 201 -70.19 32.19 11.95
C SER C 201 -70.06 33.51 11.20
N THR C 202 -71.12 33.83 10.43
CA THR C 202 -71.14 35.10 9.70
C THR C 202 -71.10 36.29 10.65
N SER C 203 -71.67 36.16 11.84
CA SER C 203 -71.70 37.24 12.80
C SER C 203 -70.45 37.21 13.67
N PRO C 204 -69.69 38.31 13.76
CA PRO C 204 -68.45 38.27 14.55
C PRO C 204 -68.72 37.94 16.01
N ILE C 205 -67.85 37.11 16.58
CA ILE C 205 -67.92 36.79 18.01
C ILE C 205 -67.25 37.92 18.78
N VAL C 206 -67.97 38.47 19.76
CA VAL C 206 -67.58 39.70 20.44
C VAL C 206 -67.43 39.40 21.93
N LYS C 207 -66.33 39.86 22.52
CA LYS C 207 -66.11 39.81 23.95
C LYS C 207 -65.52 41.15 24.37
N SER C 208 -66.04 41.73 25.44
CA SER C 208 -65.65 43.07 25.85
C SER C 208 -65.84 43.23 27.35
N PHE C 209 -65.47 44.40 27.85
CA PHE C 209 -65.67 44.76 29.25
C PHE C 209 -65.59 46.27 29.37
N ASN C 210 -66.21 46.78 30.43
CA ASN C 210 -66.18 48.21 30.75
C ASN C 210 -65.29 48.42 31.96
N ARG C 211 -64.34 49.36 31.83
CA ARG C 211 -63.37 49.59 32.89
C ARG C 211 -64.05 50.08 34.17
N ASN C 212 -64.90 51.10 34.04
CA ASN C 212 -65.65 51.59 35.20
C ASN C 212 -66.47 50.47 35.82
N GLU C 213 -67.35 49.86 35.04
CA GLU C 213 -68.27 48.87 35.57
C GLU C 213 -67.51 47.68 36.14
N CYS C 214 -68.25 46.80 36.82
CA CYS C 214 -67.65 45.63 37.45
C CYS C 214 -68.69 44.54 37.69
N GLN D 1 -26.63 6.05 11.63
CA GLN D 1 -26.26 6.70 12.92
C GLN D 1 -25.38 7.92 12.66
N VAL D 2 -25.69 8.61 11.56
CA VAL D 2 -25.06 9.88 11.25
C VAL D 2 -25.72 10.98 12.08
N GLN D 3 -24.91 11.80 12.73
CA GLN D 3 -25.43 12.87 13.58
C GLN D 3 -24.56 14.11 13.42
N LEU D 4 -25.21 15.26 13.26
CA LEU D 4 -24.56 16.55 13.22
C LEU D 4 -25.07 17.39 14.39
N GLN D 5 -24.17 17.72 15.32
CA GLN D 5 -24.52 18.49 16.50
C GLN D 5 -23.98 19.91 16.34
N GLN D 6 -24.88 20.89 16.38
CA GLN D 6 -24.53 22.28 16.18
C GLN D 6 -24.53 23.03 17.51
N SER D 7 -23.71 24.07 17.59
CA SER D 7 -23.57 24.84 18.81
C SER D 7 -24.88 25.59 19.12
N GLY D 8 -24.96 26.10 20.34
CA GLY D 8 -26.18 26.69 20.83
C GLY D 8 -26.48 28.04 20.22
N ALA D 9 -27.62 28.60 20.64
CA ALA D 9 -28.07 29.88 20.13
C ALA D 9 -27.01 30.96 20.37
N GLU D 10 -26.89 31.86 19.40
CA GLU D 10 -25.91 32.93 19.43
C GLU D 10 -26.62 34.28 19.46
N LEU D 11 -26.11 35.18 20.31
CA LEU D 11 -26.58 36.55 20.39
C LEU D 11 -25.41 37.48 20.10
N ALA D 12 -25.63 38.46 19.22
CA ALA D 12 -24.57 39.38 18.84
C ALA D 12 -25.16 40.75 18.50
N GLU D 13 -24.42 41.80 18.84
CA GLU D 13 -24.84 43.15 18.53
C GLU D 13 -24.66 43.43 17.04
N PRO D 14 -25.32 44.46 16.52
CA PRO D 14 -25.15 44.80 15.10
C PRO D 14 -23.70 45.15 14.79
N GLY D 15 -23.21 44.65 13.65
CA GLY D 15 -21.85 44.88 13.23
C GLY D 15 -20.83 43.93 13.80
N ALA D 16 -21.21 43.07 14.75
CA ALA D 16 -20.28 42.14 15.36
C ALA D 16 -20.16 40.90 14.48
N SER D 17 -19.53 39.85 15.01
CA SER D 17 -19.41 38.57 14.32
C SER D 17 -19.72 37.44 15.29
N VAL D 18 -20.16 36.32 14.73
CA VAL D 18 -20.43 35.11 15.48
C VAL D 18 -19.79 33.94 14.74
N LYS D 19 -19.60 32.85 15.47
CA LYS D 19 -18.98 31.65 14.91
C LYS D 19 -19.64 30.44 15.54
N MET D 20 -20.19 29.57 14.71
CA MET D 20 -20.96 28.41 15.15
C MET D 20 -20.29 27.14 14.66
N SER D 21 -20.51 26.05 15.41
CA SER D 21 -19.86 24.78 15.14
C SER D 21 -20.88 23.74 14.69
N CYS D 22 -20.36 22.69 14.07
CA CYS D 22 -21.19 21.58 13.57
C CYS D 22 -20.30 20.34 13.62
N LYS D 23 -20.49 19.51 14.65
CA LYS D 23 -19.66 18.35 14.86
C LYS D 23 -20.31 17.11 14.26
N ALA D 24 -19.57 16.41 13.42
CA ALA D 24 -20.08 15.25 12.72
C ALA D 24 -19.67 13.96 13.43
N SER D 25 -20.56 12.97 13.37
CA SER D 25 -20.29 11.65 13.92
C SER D 25 -21.06 10.63 13.08
N GLY D 26 -20.55 9.40 13.05
CA GLY D 26 -21.20 8.33 12.32
C GLY D 26 -20.75 8.16 10.90
N TYR D 27 -19.86 9.01 10.40
CA TYR D 27 -19.25 8.84 9.09
C TYR D 27 -17.90 9.52 9.10
N THR D 28 -17.12 9.27 8.06
CA THR D 28 -15.79 9.87 7.95
C THR D 28 -15.94 11.31 7.48
N PHE D 29 -15.72 12.25 8.41
CA PHE D 29 -16.00 13.66 8.17
C PHE D 29 -15.21 14.21 6.99
N SER D 30 -14.00 13.71 6.76
CA SER D 30 -13.13 14.31 5.76
C SER D 30 -13.60 14.01 4.33
N SER D 31 -14.30 12.90 4.14
CA SER D 31 -14.60 12.41 2.80
C SER D 31 -15.88 13.00 2.20
N PHE D 32 -16.55 13.91 2.91
CA PHE D 32 -17.82 14.44 2.45
C PHE D 32 -17.88 15.94 2.69
N TRP D 33 -18.50 16.65 1.74
CA TRP D 33 -18.67 18.09 1.87
C TRP D 33 -19.72 18.40 2.92
N MET D 34 -19.55 19.55 3.57
CA MET D 34 -20.54 20.08 4.50
C MET D 34 -21.19 21.31 3.89
N HIS D 35 -22.51 21.31 3.84
CA HIS D 35 -23.28 22.44 3.32
C HIS D 35 -23.87 23.25 4.46
N TRP D 36 -24.26 24.48 4.15
CA TRP D 36 -24.85 25.39 5.12
C TRP D 36 -26.09 26.03 4.53
N VAL D 37 -27.15 26.09 5.33
CA VAL D 37 -28.44 26.59 4.90
C VAL D 37 -28.94 27.61 5.91
N LYS D 38 -29.49 28.72 5.40
CA LYS D 38 -30.04 29.78 6.22
C LYS D 38 -31.56 29.77 6.10
N GLN D 39 -32.25 29.94 7.23
CA GLN D 39 -33.70 30.01 7.26
C GLN D 39 -34.13 31.10 8.23
N ARG D 40 -34.81 32.12 7.71
CA ARG D 40 -35.33 33.17 8.56
C ARG D 40 -36.66 32.77 9.18
N PRO D 41 -37.02 33.34 10.33
CA PRO D 41 -38.28 32.98 10.98
C PRO D 41 -39.45 33.07 10.01
N GLY D 42 -40.24 32.00 9.95
CA GLY D 42 -41.39 31.95 9.08
C GLY D 42 -41.09 31.92 7.59
N GLN D 43 -39.82 32.01 7.20
CA GLN D 43 -39.42 32.04 5.80
C GLN D 43 -38.97 30.64 5.37
N GLY D 44 -38.41 30.55 4.17
CA GLY D 44 -37.97 29.30 3.60
C GLY D 44 -36.48 29.06 3.77
N LEU D 45 -35.97 28.13 2.98
CA LEU D 45 -34.57 27.70 3.08
C LEU D 45 -33.72 28.40 2.05
N GLU D 46 -32.59 28.95 2.49
CA GLU D 46 -31.65 29.66 1.63
C GLU D 46 -30.29 28.97 1.71
N TRP D 47 -29.66 28.80 0.56
CA TRP D 47 -28.42 28.03 0.47
C TRP D 47 -27.22 28.95 0.55
N ILE D 48 -26.36 28.72 1.54
CA ILE D 48 -25.16 29.54 1.71
C ILE D 48 -24.02 29.04 0.83
N GLY D 49 -23.70 27.75 0.95
CA GLY D 49 -22.58 27.18 0.24
C GLY D 49 -22.08 25.94 0.97
N TYR D 50 -20.92 25.47 0.54
CA TYR D 50 -20.35 24.24 1.07
C TYR D 50 -18.86 24.39 1.25
N ILE D 51 -18.27 23.48 2.02
CA ILE D 51 -16.83 23.38 2.21
C ILE D 51 -16.40 21.94 1.97
N ASN D 52 -15.23 21.78 1.36
CA ASN D 52 -14.56 20.48 1.28
C ASN D 52 -13.66 20.37 2.52
N PRO D 53 -14.05 19.60 3.54
CA PRO D 53 -13.32 19.67 4.82
C PRO D 53 -11.86 19.26 4.72
N ASN D 54 -11.50 18.38 3.79
CA ASN D 54 -10.12 17.91 3.74
C ASN D 54 -9.19 18.91 3.07
N SER D 55 -9.72 19.76 2.19
CA SER D 55 -8.90 20.73 1.47
C SER D 55 -9.19 22.17 1.85
N GLY D 56 -10.23 22.44 2.63
CA GLY D 56 -10.59 23.79 2.97
C GLY D 56 -11.23 24.60 1.87
N TYR D 57 -11.32 24.05 0.66
CA TYR D 57 -11.94 24.75 -0.45
C TYR D 57 -13.43 24.97 -0.20
N THR D 58 -13.94 26.12 -0.64
CA THR D 58 -15.33 26.48 -0.43
C THR D 58 -15.91 27.07 -1.70
N GLU D 59 -17.25 27.02 -1.79
CA GLU D 59 -18.02 27.76 -2.78
C GLU D 59 -19.26 28.31 -2.09
N CYS D 60 -19.60 29.56 -2.40
CA CYS D 60 -20.70 30.25 -1.75
C CYS D 60 -21.72 30.73 -2.78
N ASN D 61 -22.96 30.87 -2.31
CA ASN D 61 -23.94 31.67 -3.04
C ASN D 61 -23.45 33.11 -3.10
N GLU D 62 -23.73 33.78 -4.21
CA GLU D 62 -23.24 35.15 -4.39
C GLU D 62 -23.69 36.05 -3.24
N ILE D 63 -24.86 35.78 -2.66
CA ILE D 63 -25.34 36.62 -1.56
C ILE D 63 -24.30 36.66 -0.44
N PHE D 64 -23.88 35.50 0.04
CA PHE D 64 -23.12 35.38 1.26
C PHE D 64 -21.61 35.38 1.03
N ARG D 65 -21.14 35.94 -0.09
CA ARG D 65 -19.72 35.94 -0.39
C ARG D 65 -18.92 36.62 0.71
N ASP D 66 -19.21 37.89 0.97
CA ASP D 66 -18.51 38.62 2.02
C ASP D 66 -19.01 38.30 3.42
N LYS D 67 -20.23 37.78 3.54
CA LYS D 67 -20.85 37.65 4.86
C LYS D 67 -20.33 36.44 5.63
N ALA D 68 -20.15 35.30 4.96
CA ALA D 68 -19.85 34.05 5.65
C ALA D 68 -18.53 33.46 5.17
N THR D 69 -17.79 32.87 6.11
CA THR D 69 -16.58 32.12 5.81
C THR D 69 -16.68 30.77 6.52
N MET D 70 -16.48 29.69 5.76
CA MET D 70 -16.59 28.34 6.28
C MET D 70 -15.20 27.77 6.51
N THR D 71 -15.05 27.03 7.62
CA THR D 71 -13.80 26.36 7.94
C THR D 71 -14.13 24.98 8.49
N ALA D 72 -13.09 24.19 8.75
CA ALA D 72 -13.29 22.81 9.20
C ALA D 72 -12.05 22.34 9.94
N ASP D 73 -12.26 21.73 11.10
CA ASP D 73 -11.22 21.09 11.88
C ASP D 73 -11.39 19.58 11.73
N THR D 74 -10.49 18.95 10.97
CA THR D 74 -10.63 17.53 10.69
C THR D 74 -10.30 16.67 11.90
N SER D 75 -9.45 17.16 12.81
CA SER D 75 -9.11 16.37 13.98
C SER D 75 -10.30 16.20 14.90
N SER D 76 -11.20 17.18 14.95
CA SER D 76 -12.39 17.12 15.80
C SER D 76 -13.68 16.91 15.00
N SER D 77 -13.57 16.59 13.71
CA SER D 77 -14.73 16.35 12.85
C SER D 77 -15.75 17.48 12.99
N THR D 78 -15.27 18.72 12.97
CA THR D 78 -16.11 19.89 13.19
C THR D 78 -15.97 20.86 12.03
N ALA D 79 -17.11 21.33 11.53
CA ALA D 79 -17.16 22.41 10.56
C ALA D 79 -17.68 23.67 11.25
N TYR D 80 -17.06 24.80 10.94
CA TYR D 80 -17.44 26.07 11.52
C TYR D 80 -17.93 27.02 10.42
N MET D 81 -18.84 27.91 10.80
CA MET D 81 -19.19 29.04 9.96
C MET D 81 -19.17 30.31 10.79
N GLN D 82 -18.65 31.38 10.19
CA GLN D 82 -18.56 32.69 10.83
C GLN D 82 -19.37 33.69 10.02
N LEU D 83 -20.29 34.38 10.68
CA LEU D 83 -21.02 35.49 10.09
C LEU D 83 -20.39 36.79 10.59
N SER D 84 -20.14 37.72 9.68
CA SER D 84 -19.44 38.95 10.00
C SER D 84 -20.18 40.16 9.43
N GLY D 85 -20.12 41.26 10.16
CA GLY D 85 -20.87 42.45 9.79
C GLY D 85 -22.35 42.22 9.95
N LEU D 86 -22.75 41.81 11.16
CA LEU D 86 -24.10 41.32 11.37
C LEU D 86 -25.13 42.43 11.30
N THR D 87 -26.25 42.13 10.66
CA THR D 87 -27.42 42.99 10.58
C THR D 87 -28.62 42.23 11.14
N SER D 88 -29.76 42.91 11.22
CA SER D 88 -30.99 42.22 11.60
C SER D 88 -31.39 41.18 10.57
N GLU D 89 -31.01 41.40 9.31
CA GLU D 89 -31.32 40.47 8.24
C GLU D 89 -30.52 39.17 8.34
N ASP D 90 -29.49 39.13 9.19
CA ASP D 90 -28.76 37.90 9.45
C ASP D 90 -29.39 37.06 10.56
N SER D 91 -30.29 37.65 11.35
CA SER D 91 -30.99 36.88 12.37
C SER D 91 -31.78 35.76 11.72
N ALA D 92 -31.44 34.52 12.08
CA ALA D 92 -32.06 33.36 11.47
C ALA D 92 -31.56 32.07 12.12
N VAL D 93 -32.05 30.93 11.65
CA VAL D 93 -31.51 29.63 12.02
C VAL D 93 -30.58 29.20 10.91
N TYR D 94 -29.38 28.73 11.27
CA TYR D 94 -28.38 28.31 10.31
C TYR D 94 -28.14 26.82 10.49
N TYR D 95 -28.34 26.05 9.43
CA TYR D 95 -28.20 24.61 9.43
C TYR D 95 -26.90 24.19 8.74
N CYS D 96 -26.30 23.13 9.24
CA CYS D 96 -25.26 22.40 8.51
C CYS D 96 -25.84 21.09 8.01
N ALA D 97 -25.43 20.68 6.81
CA ALA D 97 -25.96 19.47 6.20
C ALA D 97 -24.87 18.78 5.41
N SER D 98 -24.65 17.49 5.69
CA SER D 98 -23.67 16.73 4.95
C SER D 98 -24.15 16.48 3.53
N PHE D 99 -23.20 16.34 2.62
CA PHE D 99 -23.48 16.19 1.19
C PHE D 99 -23.67 14.73 0.86
N LEU D 100 -24.84 14.37 0.34
CA LEU D 100 -25.07 13.01 -0.11
C LEU D 100 -24.32 12.70 -1.39
N GLY D 101 -24.11 13.71 -2.22
CA GLY D 101 -23.95 13.49 -3.64
C GLY D 101 -25.30 13.60 -4.32
N ARG D 102 -25.28 13.49 -5.65
CA ARG D 102 -26.50 13.58 -6.44
C ARG D 102 -27.25 14.89 -6.15
N GLY D 103 -26.50 15.95 -5.90
CA GLY D 103 -27.11 17.25 -5.65
C GLY D 103 -28.04 17.29 -4.46
N ALA D 104 -27.76 16.49 -3.42
CA ALA D 104 -28.66 16.39 -2.28
C ALA D 104 -27.85 16.38 -0.99
N MET D 105 -28.50 16.78 0.09
CA MET D 105 -27.89 16.86 1.42
C MET D 105 -28.63 15.90 2.34
N ASP D 106 -27.93 14.87 2.81
CA ASP D 106 -28.60 13.70 3.37
C ASP D 106 -28.81 13.76 4.88
N TYR D 107 -28.04 14.55 5.61
CA TYR D 107 -28.21 14.62 7.06
C TYR D 107 -28.03 16.07 7.52
N TRP D 108 -28.93 16.52 8.39
CA TRP D 108 -29.02 17.90 8.80
C TRP D 108 -28.79 18.02 10.30
N GLY D 109 -28.07 19.06 10.70
CA GLY D 109 -28.00 19.43 12.09
C GLY D 109 -29.30 20.04 12.56
N GLN D 110 -29.39 20.27 13.86
CA GLN D 110 -30.62 20.81 14.45
C GLN D 110 -30.77 22.30 14.19
N GLY D 111 -29.74 22.97 13.71
CA GLY D 111 -29.81 24.41 13.49
C GLY D 111 -29.27 25.20 14.67
N THR D 112 -28.68 26.34 14.36
CA THR D 112 -28.17 27.28 15.35
C THR D 112 -28.82 28.63 15.10
N SER D 113 -29.68 29.06 16.01
CA SER D 113 -30.31 30.36 15.86
C SER D 113 -29.32 31.46 16.15
N VAL D 114 -29.37 32.52 15.34
CA VAL D 114 -28.55 33.72 15.53
C VAL D 114 -29.51 34.90 15.61
N THR D 115 -29.41 35.65 16.70
CA THR D 115 -30.24 36.85 16.89
C THR D 115 -29.32 38.05 16.98
N VAL D 116 -29.65 39.11 16.24
CA VAL D 116 -28.83 40.32 16.20
C VAL D 116 -29.70 41.47 16.70
N SER D 117 -29.40 41.94 17.92
CA SER D 117 -30.09 43.08 18.49
C SER D 117 -29.14 43.79 19.43
N SER D 118 -29.50 45.03 19.80
CA SER D 118 -28.74 45.81 20.76
C SER D 118 -29.22 45.61 22.19
N ALA D 119 -30.31 44.86 22.39
CA ALA D 119 -30.85 44.66 23.72
C ALA D 119 -29.82 44.02 24.64
N LYS D 120 -29.98 44.27 25.94
CA LYS D 120 -29.22 43.60 26.98
C LYS D 120 -30.17 42.72 27.80
N THR D 121 -29.59 41.77 28.51
CA THR D 121 -30.40 40.81 29.27
C THR D 121 -31.35 41.56 30.20
N THR D 122 -32.64 41.21 30.11
CA THR D 122 -33.68 41.88 30.88
C THR D 122 -34.64 40.85 31.44
N ALA D 123 -34.98 41.00 32.72
CA ALA D 123 -35.90 40.06 33.37
C ALA D 123 -37.34 40.32 32.94
N PRO D 124 -38.15 39.28 32.80
CA PRO D 124 -39.55 39.48 32.42
C PRO D 124 -40.37 40.05 33.56
N SER D 125 -41.42 40.79 33.18
CA SER D 125 -42.49 41.17 34.09
C SER D 125 -43.64 40.20 33.88
N VAL D 126 -44.00 39.46 34.92
CA VAL D 126 -45.05 38.45 34.85
C VAL D 126 -46.32 39.04 35.41
N TYR D 127 -47.35 39.14 34.57
CA TYR D 127 -48.61 39.77 34.93
C TYR D 127 -49.73 38.75 34.95
N PRO D 128 -50.50 38.65 36.03
CA PRO D 128 -51.63 37.71 36.04
C PRO D 128 -52.77 38.22 35.19
N LEU D 129 -53.51 37.28 34.60
CA LEU D 129 -54.67 37.60 33.78
C LEU D 129 -55.88 36.87 34.35
N ALA D 130 -56.74 37.62 35.05
CA ALA D 130 -58.00 37.12 35.56
C ALA D 130 -59.15 37.71 34.75
N PRO D 131 -60.29 37.01 34.67
CA PRO D 131 -61.45 37.57 33.98
C PRO D 131 -61.99 38.79 34.70
N VAL D 132 -62.85 39.52 34.00
CA VAL D 132 -63.48 40.71 34.55
C VAL D 132 -64.57 40.28 35.53
N CYS D 133 -64.71 41.06 36.60
CA CYS D 133 -65.71 40.80 37.63
C CYS D 133 -67.11 40.70 37.06
N GLY D 138 -71.48 29.82 32.15
CA GLY D 138 -70.12 29.86 32.62
C GLY D 138 -69.65 28.53 33.19
N SER D 139 -69.53 27.52 32.32
CA SER D 139 -69.15 26.18 32.75
C SER D 139 -67.65 25.99 32.82
N SER D 140 -66.88 26.75 32.04
CA SER D 140 -65.43 26.70 32.08
C SER D 140 -64.87 28.11 32.14
N VAL D 141 -63.68 28.24 32.72
CA VAL D 141 -63.04 29.53 32.91
C VAL D 141 -61.64 29.45 32.33
N THR D 142 -61.19 30.55 31.72
CA THR D 142 -59.89 30.64 31.08
C THR D 142 -59.09 31.73 31.77
N LEU D 143 -57.95 31.35 32.36
CA LEU D 143 -57.02 32.26 32.98
C LEU D 143 -55.81 32.42 32.07
N GLY D 144 -54.95 33.39 32.41
CA GLY D 144 -53.82 33.70 31.55
C GLY D 144 -52.65 34.28 32.31
N CYS D 145 -51.53 34.40 31.59
CA CYS D 145 -50.29 34.92 32.14
C CYS D 145 -49.57 35.69 31.05
N LEU D 146 -49.20 36.94 31.34
CA LEU D 146 -48.54 37.82 30.37
C LEU D 146 -47.10 38.01 30.81
N VAL D 147 -46.17 37.63 29.96
CA VAL D 147 -44.73 37.68 30.25
C VAL D 147 -44.14 38.72 29.30
N LYS D 148 -43.93 39.93 29.80
CA LYS D 148 -43.71 41.10 28.96
C LYS D 148 -42.33 41.70 29.21
N GLY D 149 -41.60 41.95 28.13
CA GLY D 149 -40.39 42.75 28.19
C GLY D 149 -39.15 42.05 28.69
N TYR D 150 -38.87 40.84 28.21
CA TYR D 150 -37.67 40.12 28.60
C TYR D 150 -36.74 39.96 27.41
N PHE D 151 -35.49 39.65 27.73
CA PHE D 151 -34.48 39.41 26.72
C PHE D 151 -33.28 38.72 27.38
N PRO D 152 -32.67 37.72 26.74
CA PRO D 152 -33.08 37.15 25.45
C PRO D 152 -34.07 36.02 25.62
N GLU D 153 -34.54 35.45 24.52
CA GLU D 153 -35.19 34.16 24.58
C GLU D 153 -34.19 33.15 25.16
N PRO D 154 -34.68 32.05 25.76
CA PRO D 154 -36.07 31.70 25.96
C PRO D 154 -36.57 31.94 27.38
N VAL D 155 -37.86 31.70 27.58
CA VAL D 155 -38.47 31.63 28.90
C VAL D 155 -39.20 30.31 28.98
N THR D 156 -39.37 29.81 30.19
CA THR D 156 -40.13 28.59 30.43
C THR D 156 -41.33 28.94 31.31
N LEU D 157 -42.51 28.50 30.89
CA LEU D 157 -43.76 28.81 31.58
C LEU D 157 -44.47 27.51 31.90
N THR D 158 -45.02 27.43 33.10
CA THR D 158 -45.78 26.26 33.53
C THR D 158 -46.92 26.72 34.43
N TRP D 159 -48.00 25.95 34.43
CA TRP D 159 -49.15 26.21 35.28
C TRP D 159 -49.17 25.17 36.40
N ASN D 160 -49.21 25.64 37.64
CA ASN D 160 -49.12 24.78 38.82
C ASN D 160 -47.95 23.80 38.67
N SER D 161 -46.79 24.37 38.31
CA SER D 161 -45.53 23.62 38.23
C SER D 161 -45.59 22.49 37.20
N GLY D 162 -46.44 22.65 36.18
CA GLY D 162 -46.61 21.63 35.16
C GLY D 162 -47.70 20.63 35.45
N SER D 163 -48.40 20.75 36.57
CA SER D 163 -49.49 19.83 36.87
C SER D 163 -50.65 19.98 35.88
N LEU D 164 -50.79 21.17 35.28
CA LEU D 164 -51.81 21.43 34.27
C LEU D 164 -51.10 21.60 32.93
N SER D 165 -51.32 20.66 32.01
CA SER D 165 -50.75 20.74 30.67
C SER D 165 -51.82 20.74 29.59
N ALA D 166 -52.78 19.83 29.66
CA ALA D 166 -53.90 19.86 28.73
C ALA D 166 -54.74 21.10 28.99
N GLY D 167 -55.28 21.67 27.92
CA GLY D 167 -55.99 22.94 28.02
C GLY D 167 -55.10 24.13 28.25
N VAL D 168 -53.79 23.99 28.03
CA VAL D 168 -52.83 25.07 28.15
C VAL D 168 -52.38 25.45 26.76
N HIS D 169 -52.42 26.74 26.45
CA HIS D 169 -51.94 27.28 25.18
C HIS D 169 -50.90 28.35 25.49
N THR D 170 -49.63 28.00 25.34
CA THR D 170 -48.53 28.95 25.47
C THR D 170 -48.14 29.44 24.08
N PHE D 171 -48.02 30.74 23.92
CA PHE D 171 -47.86 31.28 22.59
C PHE D 171 -46.41 31.67 22.32
N PRO D 172 -45.96 31.51 21.07
CA PRO D 172 -44.58 31.90 20.73
C PRO D 172 -44.37 33.39 20.96
N ALA D 173 -43.16 33.73 21.42
CA ALA D 173 -42.87 35.12 21.77
C ALA D 173 -42.85 35.99 20.52
N VAL D 174 -43.06 37.29 20.74
CA VAL D 174 -43.05 38.30 19.70
C VAL D 174 -42.12 39.41 20.12
N LEU D 175 -41.58 40.12 19.13
CA LEU D 175 -40.71 41.27 19.41
C LEU D 175 -41.55 42.51 19.68
N GLN D 176 -41.32 43.15 20.82
CA GLN D 176 -42.09 44.30 21.27
C GLN D 176 -41.12 45.36 21.75
N SER D 177 -40.84 46.35 20.91
CA SER D 177 -39.91 47.43 21.23
C SER D 177 -38.52 46.88 21.56
N SER D 178 -38.06 45.96 20.72
CA SER D 178 -36.75 45.32 20.83
C SER D 178 -36.65 44.34 21.99
N LEU D 179 -37.76 44.08 22.69
CA LEU D 179 -37.81 43.07 23.73
C LEU D 179 -38.91 42.06 23.41
N TYR D 180 -38.85 40.92 24.07
CA TYR D 180 -39.77 39.83 23.80
C TYR D 180 -40.97 39.89 24.74
N THR D 181 -42.13 39.49 24.22
CA THR D 181 -43.35 39.36 24.99
C THR D 181 -44.00 38.04 24.64
N LEU D 182 -44.62 37.42 25.65
CA LEU D 182 -45.17 36.08 25.55
C LEU D 182 -46.37 35.99 26.47
N SER D 183 -47.32 35.13 26.10
CA SER D 183 -48.52 34.95 26.91
C SER D 183 -48.90 33.48 26.91
N SER D 184 -49.74 33.11 27.86
CA SER D 184 -50.18 31.72 28.00
C SER D 184 -51.53 31.68 28.67
N SER D 185 -52.45 30.90 28.09
CA SER D 185 -53.77 30.68 28.65
C SER D 185 -53.87 29.27 29.21
N VAL D 186 -54.62 29.14 30.29
CA VAL D 186 -54.97 27.85 30.87
C VAL D 186 -56.47 27.82 31.09
N THR D 187 -57.10 26.69 30.78
CA THR D 187 -58.55 26.52 30.88
C THR D 187 -58.85 25.41 31.86
N VAL D 188 -59.77 25.67 32.79
CA VAL D 188 -60.21 24.70 33.79
C VAL D 188 -61.73 24.79 33.91
N VAL D 189 -62.30 23.86 34.67
CA VAL D 189 -63.74 23.88 34.93
C VAL D 189 -64.08 25.07 35.81
N ALA D 190 -65.20 25.71 35.53
CA ALA D 190 -65.59 26.89 36.29
C ALA D 190 -65.72 26.60 37.78
N SER D 191 -66.14 25.39 38.13
CA SER D 191 -66.31 25.00 39.53
C SER D 191 -64.99 24.72 40.24
N THR D 192 -63.85 24.81 39.56
CA THR D 192 -62.56 24.51 40.14
C THR D 192 -61.67 25.72 40.31
N TRP D 193 -62.16 26.92 39.98
CA TRP D 193 -61.44 28.16 40.21
C TRP D 193 -62.51 29.22 40.46
N PRO D 194 -62.32 30.12 41.45
CA PRO D 194 -61.17 30.25 42.33
C PRO D 194 -61.12 29.27 43.50
N SER D 195 -62.03 28.30 43.52
CA SER D 195 -62.08 27.36 44.64
C SER D 195 -60.73 26.72 44.89
N GLN D 196 -60.00 26.40 43.83
CA GLN D 196 -58.63 25.90 43.91
C GLN D 196 -57.70 26.92 43.24
N SER D 197 -56.45 26.93 43.68
CA SER D 197 -55.51 27.98 43.30
C SER D 197 -54.74 27.58 42.04
N ILE D 198 -54.64 28.52 41.11
CA ILE D 198 -53.94 28.31 39.85
C ILE D 198 -52.81 29.34 39.76
N THR D 199 -51.60 28.85 39.51
CA THR D 199 -50.39 29.67 39.56
C THR D 199 -49.62 29.54 38.26
N CYS D 200 -49.05 30.67 37.83
CA CYS D 200 -48.23 30.74 36.62
C CYS D 200 -46.77 30.79 37.02
N ASN D 201 -46.01 29.76 36.67
CA ASN D 201 -44.60 29.66 37.02
C ASN D 201 -43.76 30.04 35.80
N VAL D 202 -43.04 31.15 35.91
CA VAL D 202 -42.24 31.69 34.81
C VAL D 202 -40.79 31.74 35.26
N ALA D 203 -39.90 31.19 34.41
CA ALA D 203 -38.47 31.18 34.67
C ALA D 203 -37.74 31.76 33.48
N HIS D 204 -36.93 32.79 33.72
CA HIS D 204 -36.06 33.35 32.70
C HIS D 204 -34.62 33.05 33.10
N PRO D 205 -34.00 32.01 32.55
CA PRO D 205 -32.69 31.59 33.09
C PRO D 205 -31.60 32.63 32.92
N ALA D 206 -31.64 33.42 31.84
CA ALA D 206 -30.60 34.40 31.59
C ALA D 206 -30.54 35.49 32.65
N SER D 207 -31.50 35.54 33.57
CA SER D 207 -31.51 36.55 34.63
C SER D 207 -31.72 35.94 36.00
N SER D 208 -31.67 34.61 36.13
CA SER D 208 -31.93 33.93 37.40
C SER D 208 -33.32 34.27 37.93
N THR D 209 -34.26 34.48 37.02
CA THR D 209 -35.61 34.90 37.38
C THR D 209 -36.49 33.67 37.57
N LYS D 210 -37.28 33.68 38.64
CA LYS D 210 -38.27 32.63 38.88
C LYS D 210 -39.45 33.27 39.60
N VAL D 211 -40.49 33.61 38.83
CA VAL D 211 -41.68 34.25 39.35
C VAL D 211 -42.80 33.22 39.43
N ASP D 212 -43.58 33.28 40.51
CA ASP D 212 -44.78 32.48 40.66
C ASP D 212 -45.93 33.45 40.87
N LYS D 213 -46.82 33.54 39.89
CA LYS D 213 -47.96 34.45 39.94
C LYS D 213 -49.24 33.64 40.11
N LYS D 214 -49.89 33.81 41.27
CA LYS D 214 -51.22 33.28 41.48
C LYS D 214 -52.25 34.25 40.92
N ILE D 215 -53.43 33.73 40.58
CA ILE D 215 -54.53 34.52 40.03
C ILE D 215 -55.68 34.41 41.02
N GLU D 216 -56.14 35.56 41.55
CA GLU D 216 -57.13 35.54 42.62
C GLU D 216 -58.52 35.95 42.16
N PRO D 217 -58.70 37.15 41.57
CA PRO D 217 -60.09 37.52 41.25
C PRO D 217 -60.48 37.19 39.82
#